data_6XUS
# 
_entry.id   6XUS 
# 
_audit_conform.dict_name       mmcif_pdbx.dic 
_audit_conform.dict_version    5.383 
_audit_conform.dict_location   http://mmcif.pdb.org/dictionaries/ascii/mmcif_pdbx.dic 
# 
loop_
_database_2.database_id 
_database_2.database_code 
_database_2.pdbx_database_accession 
_database_2.pdbx_DOI 
PDB   6XUS         pdb_00006xus 10.2210/pdb6xus/pdb 
WWPDB D_1292105554 ?            ?                   
# 
loop_
_pdbx_audit_revision_history.ordinal 
_pdbx_audit_revision_history.data_content_type 
_pdbx_audit_revision_history.major_revision 
_pdbx_audit_revision_history.minor_revision 
_pdbx_audit_revision_history.revision_date 
1 'Structure model' 1 0 2021-02-03 
2 'Structure model' 1 1 2021-08-18 
3 'Structure model' 1 2 2024-01-24 
# 
_pdbx_audit_revision_details.ordinal             1 
_pdbx_audit_revision_details.revision_ordinal    1 
_pdbx_audit_revision_details.data_content_type   'Structure model' 
_pdbx_audit_revision_details.provider            repository 
_pdbx_audit_revision_details.type                'Initial release' 
_pdbx_audit_revision_details.description         ? 
_pdbx_audit_revision_details.details             ? 
# 
loop_
_pdbx_audit_revision_group.ordinal 
_pdbx_audit_revision_group.revision_ordinal 
_pdbx_audit_revision_group.data_content_type 
_pdbx_audit_revision_group.group 
1 2 'Structure model' 'Database references'    
2 3 'Structure model' 'Data collection'        
3 3 'Structure model' 'Refinement description' 
# 
loop_
_pdbx_audit_revision_category.ordinal 
_pdbx_audit_revision_category.revision_ordinal 
_pdbx_audit_revision_category.data_content_type 
_pdbx_audit_revision_category.category 
1 2 'Structure model' citation                      
2 2 'Structure model' citation_author               
3 2 'Structure model' database_2                    
4 3 'Structure model' chem_comp_atom                
5 3 'Structure model' chem_comp_bond                
6 3 'Structure model' pdbx_initial_refinement_model 
# 
loop_
_pdbx_audit_revision_item.ordinal 
_pdbx_audit_revision_item.revision_ordinal 
_pdbx_audit_revision_item.data_content_type 
_pdbx_audit_revision_item.item 
1  2 'Structure model' '_citation.country'                   
2  2 'Structure model' '_citation.journal_abbrev'            
3  2 'Structure model' '_citation.journal_id_ASTM'           
4  2 'Structure model' '_citation.journal_id_CSD'            
5  2 'Structure model' '_citation.journal_id_ISSN'           
6  2 'Structure model' '_citation.journal_volume'            
7  2 'Structure model' '_citation.page_first'                
8  2 'Structure model' '_citation.page_last'                 
9  2 'Structure model' '_citation.pdbx_database_id_DOI'      
10 2 'Structure model' '_citation.pdbx_database_id_PubMed'   
11 2 'Structure model' '_citation.title'                     
12 2 'Structure model' '_citation.year'                      
13 2 'Structure model' '_database_2.pdbx_DOI'                
14 2 'Structure model' '_database_2.pdbx_database_accession' 
# 
_pdbx_database_status.status_code                     REL 
_pdbx_database_status.status_code_sf                  REL 
_pdbx_database_status.status_code_mr                  ? 
_pdbx_database_status.entry_id                        6XUS 
_pdbx_database_status.recvd_initial_deposition_date   2020-01-21 
_pdbx_database_status.SG_entry                        N 
_pdbx_database_status.deposit_site                    PDBE 
_pdbx_database_status.process_site                    PDBE 
_pdbx_database_status.status_code_cs                  ? 
_pdbx_database_status.status_code_nmr_data            ? 
_pdbx_database_status.methods_development_category    ? 
_pdbx_database_status.pdb_format_compatible           Y 
# 
loop_
_audit_author.name 
_audit_author.pdbx_ordinal 
_audit_author.identifier_ORCID 
'Ennifar, E.' 1 ? 
'Micura, R.'  2 ? 
'Gasser, C.'  3 ? 
'Brillet, K.' 4 ? 
# 
_citation.abstract                  ? 
_citation.abstract_id_CAS           ? 
_citation.book_id_ISBN              ? 
_citation.book_publisher            ? 
_citation.book_publisher_city       ? 
_citation.book_title                ? 
_citation.coordinate_linkage        ? 
_citation.country                   GE 
_citation.database_id_Medline       ? 
_citation.details                   ? 
_citation.id                        primary 
_citation.journal_abbrev            Angew.Chem.Int.Ed.Engl. 
_citation.journal_id_ASTM           ACIEAY 
_citation.journal_id_CSD            0179 
_citation.journal_id_ISSN           1521-3773 
_citation.journal_full              ? 
_citation.journal_issue             ? 
_citation.journal_volume            59 
_citation.language                  ? 
_citation.page_first                6881 
_citation.page_last                 6886 
_citation.title                     
'Thioguanosine Conversion Enables mRNA-Lifetime Evaluation by RNA Sequencing Using Double Metabolic Labeling (TUC-seq DUAL).' 
_citation.year                      2020 
_citation.database_id_CSD           ? 
_citation.pdbx_database_id_DOI      10.1002/anie.201916272 
_citation.pdbx_database_id_PubMed   31999864 
_citation.unpublished_flag          ? 
# 
loop_
_citation_author.citation_id 
_citation_author.name 
_citation_author.ordinal 
_citation_author.identifier_ORCID 
primary 'Gasser, C.'      1  ?                   
primary 'Delazer, I.'     2  ?                   
primary 'Neuner, E.'      3  ?                   
primary 'Pascher, K.'     4  ?                   
primary 'Brillet, K.'     5  ?                   
primary 'Klotz, S.'       6  ?                   
primary 'Trixl, L.'       7  ?                   
primary 'Himmelstoss, M.' 8  ?                   
primary 'Ennifar, E.'     9  ?                   
primary 'Rieder, D.'      10 0000-0003-1754-690X 
primary 'Lusser, A.'      11 0000-0002-2226-9081 
primary 'Micura, R.'      12 0000-0003-2661-6105 
# 
loop_
_entity.id 
_entity.type 
_entity.src_method 
_entity.pdbx_description 
_entity.formula_weight 
_entity.pdbx_number_of_molecules 
_entity.pdbx_ec 
_entity.pdbx_mutation 
_entity.pdbx_fragment 
_entity.details 
1 polymer     syn 'RNA dodecamer with a 6-hydrazino-2-aminopurine modified base' 3881.390 1   ? ? ? ? 
2 non-polymer syn 'SODIUM ION'                                                   22.990   2   ? ? ? ? 
3 non-polymer syn 'MAGNESIUM ION'                                                24.305   1   ? ? ? ? 
4 water       nat water                                                          18.015   105 ? ? ? ? 
# 
_entity_poly.entity_id                      1 
_entity_poly.type                           polyribonucleotide 
_entity_poly.nstd_linkage                   no 
_entity_poly.nstd_monomer                   yes 
_entity_poly.pdbx_seq_one_letter_code       'CGCGA(O2Z)UUAGCG' 
_entity_poly.pdbx_seq_one_letter_code_can   CGCGAAUUAGCG 
_entity_poly.pdbx_strand_id                 A 
_entity_poly.pdbx_target_identifier         ? 
# 
loop_
_pdbx_entity_nonpoly.entity_id 
_pdbx_entity_nonpoly.name 
_pdbx_entity_nonpoly.comp_id 
2 'SODIUM ION'    NA  
3 'MAGNESIUM ION' MG  
4 water           HOH 
# 
loop_
_entity_poly_seq.entity_id 
_entity_poly_seq.num 
_entity_poly_seq.mon_id 
_entity_poly_seq.hetero 
1 1  C   n 
1 2  G   n 
1 3  C   n 
1 4  G   n 
1 5  A   n 
1 6  O2Z n 
1 7  U   n 
1 8  U   n 
1 9  A   n 
1 10 G   n 
1 11 C   n 
1 12 G   n 
# 
_pdbx_entity_src_syn.entity_id              1 
_pdbx_entity_src_syn.pdbx_src_id            1 
_pdbx_entity_src_syn.pdbx_alt_source_flag   sample 
_pdbx_entity_src_syn.pdbx_beg_seq_num       ? 
_pdbx_entity_src_syn.pdbx_end_seq_num       ? 
_pdbx_entity_src_syn.organism_scientific    'synthetic construct' 
_pdbx_entity_src_syn.organism_common_name   ? 
_pdbx_entity_src_syn.ncbi_taxonomy_id       32630 
_pdbx_entity_src_syn.details                ? 
# 
loop_
_chem_comp.id 
_chem_comp.type 
_chem_comp.mon_nstd_flag 
_chem_comp.name 
_chem_comp.pdbx_synonyms 
_chem_comp.formula 
_chem_comp.formula_weight 
A   'RNA linking' y "ADENOSINE-5'-MONOPHOSPHATE" ? 'C10 H14 N5 O7 P' 347.221 
C   'RNA linking' y "CYTIDINE-5'-MONOPHOSPHATE" ? 'C9 H14 N3 O8 P'  323.197 
G   'RNA linking' y "GUANOSINE-5'-MONOPHOSPHATE" ? 'C10 H14 N5 O8 P' 363.221 
HOH non-polymer   . WATER ? 'H2 O'            18.015  
MG  non-polymer   . 'MAGNESIUM ION' ? 'Mg 2'            24.305  
NA  non-polymer   . 'SODIUM ION' ? 'Na 1'            22.990  
O2Z 'RNA linking' n 
'[(2~{R},3~{S},4~{R},5~{R})-5-(2-azanyl-6-diazanyl-purin-9-yl)-3,4-bis(oxidanyl)oxolan-2-yl]methoxyphosphinic acid' ? 
'C10 H16 N7 O7 P' 377.251 
U   'RNA linking' y "URIDINE-5'-MONOPHOSPHATE" ? 'C9 H13 N2 O9 P'  324.181 
# 
loop_
_pdbx_poly_seq_scheme.asym_id 
_pdbx_poly_seq_scheme.entity_id 
_pdbx_poly_seq_scheme.seq_id 
_pdbx_poly_seq_scheme.mon_id 
_pdbx_poly_seq_scheme.ndb_seq_num 
_pdbx_poly_seq_scheme.pdb_seq_num 
_pdbx_poly_seq_scheme.auth_seq_num 
_pdbx_poly_seq_scheme.pdb_mon_id 
_pdbx_poly_seq_scheme.auth_mon_id 
_pdbx_poly_seq_scheme.pdb_strand_id 
_pdbx_poly_seq_scheme.pdb_ins_code 
_pdbx_poly_seq_scheme.hetero 
A 1 1  C   1  1001 1001 C   C   A . n 
A 1 2  G   2  1002 1002 G   G   A . n 
A 1 3  C   3  1003 1003 C   C   A . n 
A 1 4  G   4  1004 1004 G   G   A . n 
A 1 5  A   5  1005 1005 A   A   A . n 
A 1 6  O2Z 6  1006 1006 O2Z 6HA A . n 
A 1 7  U   7  1007 1007 U   U   A . n 
A 1 8  U   8  1008 1008 U   U   A . n 
A 1 9  A   9  1009 1009 A   A   A . n 
A 1 10 G   10 1010 1010 G   G   A . n 
A 1 11 C   11 1011 1011 C   C   A . n 
A 1 12 G   12 1012 1012 G   G   A . n 
# 
loop_
_pdbx_nonpoly_scheme.asym_id 
_pdbx_nonpoly_scheme.entity_id 
_pdbx_nonpoly_scheme.mon_id 
_pdbx_nonpoly_scheme.ndb_seq_num 
_pdbx_nonpoly_scheme.pdb_seq_num 
_pdbx_nonpoly_scheme.auth_seq_num 
_pdbx_nonpoly_scheme.pdb_mon_id 
_pdbx_nonpoly_scheme.auth_mon_id 
_pdbx_nonpoly_scheme.pdb_strand_id 
_pdbx_nonpoly_scheme.pdb_ins_code 
B 2 NA  1   1101 6   NA  NA1 A . 
C 3 MG  1   1102 77  MG  MG2 A . 
D 2 NA  1   1103 104 NA  NA1 A . 
E 4 HOH 1   1201 73  HOH HOH A . 
E 4 HOH 2   1202 109 HOH HOH A . 
E 4 HOH 3   1203 92  HOH HOH A . 
E 4 HOH 4   1204 97  HOH HOH A . 
E 4 HOH 5   1205 96  HOH HOH A . 
E 4 HOH 6   1206 31  HOH HOH A . 
E 4 HOH 7   1207 46  HOH HOH A . 
E 4 HOH 8   1208 41  HOH HOH A . 
E 4 HOH 9   1209 110 HOH HOH A . 
E 4 HOH 10  1210 64  HOH HOH A . 
E 4 HOH 11  1211 88  HOH HOH A . 
E 4 HOH 12  1212 30  HOH HOH A . 
E 4 HOH 13  1213 36  HOH HOH A . 
E 4 HOH 14  1214 102 HOH HOH A . 
E 4 HOH 15  1215 11  HOH HOH A . 
E 4 HOH 16  1216 9   HOH HOH A . 
E 4 HOH 17  1217 42  HOH HOH A . 
E 4 HOH 18  1218 105 HOH HOH A . 
E 4 HOH 19  1219 4   HOH HOH A . 
E 4 HOH 20  1220 26  HOH HOH A . 
E 4 HOH 21  1221 28  HOH HOH A . 
E 4 HOH 22  1222 40  HOH HOH A . 
E 4 HOH 23  1223 2   HOH HOH A . 
E 4 HOH 24  1224 3   HOH HOH A . 
E 4 HOH 25  1225 25  HOH HOH A . 
E 4 HOH 26  1226 82  HOH HOH A . 
E 4 HOH 27  1227 29  HOH HOH A . 
E 4 HOH 28  1228 65  HOH HOH A . 
E 4 HOH 29  1229 19  HOH HOH A . 
E 4 HOH 30  1230 17  HOH HOH A . 
E 4 HOH 31  1231 24  HOH HOH A . 
E 4 HOH 32  1232 50  HOH HOH A . 
E 4 HOH 33  1233 34  HOH HOH A . 
E 4 HOH 34  1234 22  HOH HOH A . 
E 4 HOH 35  1235 7   HOH HOH A . 
E 4 HOH 36  1236 98  HOH HOH A . 
E 4 HOH 37  1237 76  HOH HOH A . 
E 4 HOH 38  1238 89  HOH HOH A . 
E 4 HOH 39  1239 35  HOH HOH A . 
E 4 HOH 40  1240 5   HOH HOH A . 
E 4 HOH 41  1241 1   HOH HOH A . 
E 4 HOH 42  1242 16  HOH HOH A . 
E 4 HOH 43  1243 56  HOH HOH A . 
E 4 HOH 44  1244 38  HOH HOH A . 
E 4 HOH 45  1245 58  HOH HOH A . 
E 4 HOH 46  1246 21  HOH HOH A . 
E 4 HOH 47  1247 18  HOH HOH A . 
E 4 HOH 48  1248 55  HOH HOH A . 
E 4 HOH 49  1249 51  HOH HOH A . 
E 4 HOH 50  1250 112 HOH HOH A . 
E 4 HOH 51  1251 39  HOH HOH A . 
E 4 HOH 52  1252 66  HOH HOH A . 
E 4 HOH 53  1253 10  HOH HOH A . 
E 4 HOH 54  1254 70  HOH HOH A . 
E 4 HOH 55  1255 100 HOH HOH A . 
E 4 HOH 56  1256 48  HOH HOH A . 
E 4 HOH 57  1257 14  HOH HOH A . 
E 4 HOH 58  1258 84  HOH HOH A . 
E 4 HOH 59  1259 13  HOH HOH A . 
E 4 HOH 60  1260 8   HOH HOH A . 
E 4 HOH 61  1261 43  HOH HOH A . 
E 4 HOH 62  1262 57  HOH HOH A . 
E 4 HOH 63  1263 62  HOH HOH A . 
E 4 HOH 64  1264 72  HOH HOH A . 
E 4 HOH 65  1265 15  HOH HOH A . 
E 4 HOH 66  1266 12  HOH HOH A . 
E 4 HOH 67  1267 47  HOH HOH A . 
E 4 HOH 68  1268 86  HOH HOH A . 
E 4 HOH 69  1269 27  HOH HOH A . 
E 4 HOH 70  1270 52  HOH HOH A . 
E 4 HOH 71  1271 95  HOH HOH A . 
E 4 HOH 72  1272 61  HOH HOH A . 
E 4 HOH 73  1273 33  HOH HOH A . 
E 4 HOH 74  1274 20  HOH HOH A . 
E 4 HOH 75  1275 108 HOH HOH A . 
E 4 HOH 76  1276 32  HOH HOH A . 
E 4 HOH 77  1277 94  HOH HOH A . 
E 4 HOH 78  1278 63  HOH HOH A . 
E 4 HOH 79  1279 37  HOH HOH A . 
E 4 HOH 80  1280 23  HOH HOH A . 
E 4 HOH 81  1281 67  HOH HOH A . 
E 4 HOH 82  1282 71  HOH HOH A . 
E 4 HOH 83  1283 45  HOH HOH A . 
E 4 HOH 84  1284 68  HOH HOH A . 
E 4 HOH 85  1285 54  HOH HOH A . 
E 4 HOH 86  1286 60  HOH HOH A . 
E 4 HOH 87  1287 78  HOH HOH A . 
E 4 HOH 88  1288 93  HOH HOH A . 
E 4 HOH 89  1289 114 HOH HOH A . 
E 4 HOH 90  1290 81  HOH HOH A . 
E 4 HOH 91  1291 79  HOH HOH A . 
E 4 HOH 92  1292 69  HOH HOH A . 
E 4 HOH 93  1293 99  HOH HOH A . 
E 4 HOH 94  1294 91  HOH HOH A . 
E 4 HOH 95  1295 53  HOH HOH A . 
E 4 HOH 96  1296 44  HOH HOH A . 
E 4 HOH 97  1297 106 HOH HOH A . 
E 4 HOH 98  1298 107 HOH HOH A . 
E 4 HOH 99  1299 101 HOH HOH A . 
E 4 HOH 100 1300 90  HOH HOH A . 
E 4 HOH 101 1301 113 HOH HOH A . 
E 4 HOH 102 1302 103 HOH HOH A . 
E 4 HOH 103 1303 59  HOH HOH A . 
E 4 HOH 104 1304 85  HOH HOH A . 
E 4 HOH 105 1305 111 HOH HOH A . 
# 
loop_
_software.citation_id 
_software.classification 
_software.compiler_name 
_software.compiler_version 
_software.contact_author 
_software.contact_author_email 
_software.date 
_software.description 
_software.dependencies 
_software.hardware 
_software.language 
_software.location 
_software.mods 
_software.name 
_software.os 
_software.os_version 
_software.type 
_software.version 
_software.pdbx_ordinal 
? refinement       ? ? ? ? ? ? ? ? ? ? ? PHENIX ? ? ? 1.15.2_3472 1 
? refinement       ? ? ? ? ? ? ? ? ? ? ? PHENIX ? ? ? 1.15.2_3472 2 
? 'data reduction' ? ? ? ? ? ? ? ? ? ? ? XDS    ? ? ? .           3 
? 'data scaling'   ? ? ? ? ? ? ? ? ? ? ? XSCALE ? ? ? .           4 
? phasing          ? ? ? ? ? ? ? ? ? ? ? MOLREP ? ? ? .           5 
# 
_cell.angle_alpha                  90.000 
_cell.angle_alpha_esd              ? 
_cell.angle_beta                   129.426 
_cell.angle_beta_esd               ? 
_cell.angle_gamma                  90.000 
_cell.angle_gamma_esd              ? 
_cell.entry_id                     6XUS 
_cell.details                      ? 
_cell.formula_units_Z              ? 
_cell.length_a                     41.120 
_cell.length_a_esd                 ? 
_cell.length_b                     35.140 
_cell.length_b_esd                 ? 
_cell.length_c                     31.870 
_cell.length_c_esd                 ? 
_cell.volume                       35571.713 
_cell.volume_esd                   ? 
_cell.Z_PDB                        4 
_cell.reciprocal_angle_alpha       ? 
_cell.reciprocal_angle_beta        ? 
_cell.reciprocal_angle_gamma       ? 
_cell.reciprocal_angle_alpha_esd   ? 
_cell.reciprocal_angle_beta_esd    ? 
_cell.reciprocal_angle_gamma_esd   ? 
_cell.reciprocal_length_a          ? 
_cell.reciprocal_length_b          ? 
_cell.reciprocal_length_c          ? 
_cell.reciprocal_length_a_esd      ? 
_cell.reciprocal_length_b_esd      ? 
_cell.reciprocal_length_c_esd      ? 
_cell.pdbx_unique_axis             ? 
# 
_symmetry.entry_id                         6XUS 
_symmetry.cell_setting                     ? 
_symmetry.Int_Tables_number                5 
_symmetry.space_group_name_Hall            'C 2y' 
_symmetry.space_group_name_H-M             'C 1 2 1' 
_symmetry.pdbx_full_space_group_name_H-M   ? 
# 
_exptl.absorpt_coefficient_mu     ? 
_exptl.absorpt_correction_T_max   ? 
_exptl.absorpt_correction_T_min   ? 
_exptl.absorpt_correction_type    ? 
_exptl.absorpt_process_details    ? 
_exptl.entry_id                   6XUS 
_exptl.crystals_number            1 
_exptl.details                    ? 
_exptl.method                     'X-RAY DIFFRACTION' 
_exptl.method_details             ? 
# 
_exptl_crystal.colour                      ? 
_exptl_crystal.density_diffrn              ? 
_exptl_crystal.density_Matthews            2.29 
_exptl_crystal.density_method              ? 
_exptl_crystal.density_percent_sol         46.32 
_exptl_crystal.description                 ? 
_exptl_crystal.F_000                       ? 
_exptl_crystal.id                          1 
_exptl_crystal.preparation                 ? 
_exptl_crystal.size_max                    ? 
_exptl_crystal.size_mid                    ? 
_exptl_crystal.size_min                    ? 
_exptl_crystal.size_rad                    ? 
_exptl_crystal.colour_lustre               ? 
_exptl_crystal.colour_modifier             ? 
_exptl_crystal.colour_primary              ? 
_exptl_crystal.density_meas                ? 
_exptl_crystal.density_meas_esd            ? 
_exptl_crystal.density_meas_gt             ? 
_exptl_crystal.density_meas_lt             ? 
_exptl_crystal.density_meas_temp           ? 
_exptl_crystal.density_meas_temp_esd       ? 
_exptl_crystal.density_meas_temp_gt        ? 
_exptl_crystal.density_meas_temp_lt        ? 
_exptl_crystal.pdbx_crystal_image_url      ? 
_exptl_crystal.pdbx_crystal_image_format   ? 
_exptl_crystal.pdbx_mosaicity              ? 
_exptl_crystal.pdbx_mosaicity_esd          ? 
# 
_exptl_crystal_grow.apparatus       ? 
_exptl_crystal_grow.atmosphere      ? 
_exptl_crystal_grow.crystal_id      1 
_exptl_crystal_grow.details         ? 
_exptl_crystal_grow.method          'VAPOR DIFFUSION, SITTING DROP' 
_exptl_crystal_grow.method_ref      ? 
_exptl_crystal_grow.pH              7.0 
_exptl_crystal_grow.pressure        ? 
_exptl_crystal_grow.pressure_esd    ? 
_exptl_crystal_grow.seeding         ? 
_exptl_crystal_grow.seeding_ref     ? 
_exptl_crystal_grow.temp            293 
_exptl_crystal_grow.temp_details    ? 
_exptl_crystal_grow.temp_esd        ? 
_exptl_crystal_grow.time            ? 
_exptl_crystal_grow.pdbx_details    'MPD, Na Cacodylate, spermine, NaCl, MgCl2' 
_exptl_crystal_grow.pdbx_pH_range   ? 
# 
_diffrn.ambient_environment              ? 
_diffrn.ambient_temp                     100 
_diffrn.ambient_temp_details             ? 
_diffrn.ambient_temp_esd                 ? 
_diffrn.crystal_id                       1 
_diffrn.crystal_support                  ? 
_diffrn.crystal_treatment                ? 
_diffrn.details                          ? 
_diffrn.id                               1 
_diffrn.ambient_pressure                 ? 
_diffrn.ambient_pressure_esd             ? 
_diffrn.ambient_pressure_gt              ? 
_diffrn.ambient_pressure_lt              ? 
_diffrn.ambient_temp_gt                  ? 
_diffrn.ambient_temp_lt                  ? 
_diffrn.pdbx_serial_crystal_experiment   N 
# 
_diffrn_detector.details                      ? 
_diffrn_detector.detector                     PIXEL 
_diffrn_detector.diffrn_id                    1 
_diffrn_detector.type                         'DECTRIS PILATUS 6M' 
_diffrn_detector.area_resol_mean              ? 
_diffrn_detector.dtime                        ? 
_diffrn_detector.pdbx_frames_total            ? 
_diffrn_detector.pdbx_collection_time_total   ? 
_diffrn_detector.pdbx_collection_date         2019-07-01 
_diffrn_detector.pdbx_frequency               ? 
# 
_diffrn_radiation.collimation                      ? 
_diffrn_radiation.diffrn_id                        1 
_diffrn_radiation.filter_edge                      ? 
_diffrn_radiation.inhomogeneity                    ? 
_diffrn_radiation.monochromator                    ? 
_diffrn_radiation.polarisn_norm                    ? 
_diffrn_radiation.polarisn_ratio                   ? 
_diffrn_radiation.probe                            ? 
_diffrn_radiation.type                             ? 
_diffrn_radiation.xray_symbol                      ? 
_diffrn_radiation.wavelength_id                    1 
_diffrn_radiation.pdbx_monochromatic_or_laue_m_l   M 
_diffrn_radiation.pdbx_wavelength_list             ? 
_diffrn_radiation.pdbx_wavelength                  ? 
_diffrn_radiation.pdbx_diffrn_protocol             'SINGLE WAVELENGTH' 
_diffrn_radiation.pdbx_analyzer                    ? 
_diffrn_radiation.pdbx_scattering_type             x-ray 
# 
_diffrn_radiation_wavelength.id           1 
_diffrn_radiation_wavelength.wavelength   1.000 
_diffrn_radiation_wavelength.wt           1.0 
# 
_diffrn_source.current                     ? 
_diffrn_source.details                     ? 
_diffrn_source.diffrn_id                   1 
_diffrn_source.power                       ? 
_diffrn_source.size                        ? 
_diffrn_source.source                      SYNCHROTRON 
_diffrn_source.target                      ? 
_diffrn_source.type                        'SLS BEAMLINE X10SA' 
_diffrn_source.voltage                     ? 
_diffrn_source.take-off_angle              ? 
_diffrn_source.pdbx_wavelength_list        1.000 
_diffrn_source.pdbx_wavelength             ? 
_diffrn_source.pdbx_synchrotron_beamline   X10SA 
_diffrn_source.pdbx_synchrotron_site       SLS 
# 
_reflns.B_iso_Wilson_estimate            13.68 
_reflns.entry_id                         6XUS 
_reflns.data_reduction_details           ? 
_reflns.data_reduction_method            ? 
_reflns.d_resolution_high                1.04 
_reflns.d_resolution_low                 50 
_reflns.details                          ? 
_reflns.limit_h_max                      ? 
_reflns.limit_h_min                      ? 
_reflns.limit_k_max                      ? 
_reflns.limit_k_min                      ? 
_reflns.limit_l_max                      ? 
_reflns.limit_l_min                      ? 
_reflns.number_all                       ? 
_reflns.number_obs                       106381 
_reflns.observed_criterion               ? 
_reflns.observed_criterion_F_max         ? 
_reflns.observed_criterion_F_min         ? 
_reflns.observed_criterion_I_max         ? 
_reflns.observed_criterion_I_min         ? 
_reflns.observed_criterion_sigma_F       ? 
_reflns.observed_criterion_sigma_I       ? 
_reflns.percent_possible_obs             99.1 
_reflns.R_free_details                   ? 
_reflns.Rmerge_F_all                     ? 
_reflns.Rmerge_F_obs                     ? 
_reflns.Friedel_coverage                 ? 
_reflns.number_gt                        ? 
_reflns.threshold_expression             ? 
_reflns.pdbx_redundancy                  6.3 
_reflns.pdbx_Rmerge_I_obs                ? 
_reflns.pdbx_Rmerge_I_all                ? 
_reflns.pdbx_Rsym_value                  ? 
_reflns.pdbx_netI_over_av_sigmaI         ? 
_reflns.pdbx_netI_over_sigmaI            13.32 
_reflns.pdbx_res_netI_over_av_sigmaI_2   ? 
_reflns.pdbx_res_netI_over_sigmaI_2      ? 
_reflns.pdbx_chi_squared                 ? 
_reflns.pdbx_scaling_rejects             ? 
_reflns.pdbx_d_res_high_opt              ? 
_reflns.pdbx_d_res_low_opt               ? 
_reflns.pdbx_d_res_opt_method            ? 
_reflns.phase_calculation_details        ? 
_reflns.pdbx_Rrim_I_all                  0.05 
_reflns.pdbx_Rpim_I_all                  ? 
_reflns.pdbx_d_opt                       ? 
_reflns.pdbx_number_measured_all         ? 
_reflns.pdbx_diffrn_id                   1 
_reflns.pdbx_ordinal                     1 
_reflns.pdbx_CC_half                     1.0 
_reflns.pdbx_CC_star                     ? 
_reflns.pdbx_R_split                     ? 
# 
_reflns_shell.d_res_high                  1.04 
_reflns_shell.d_res_low                   1.07 
_reflns_shell.meanI_over_sigI_all         ? 
_reflns_shell.meanI_over_sigI_obs         0.29 
_reflns_shell.number_measured_all         ? 
_reflns_shell.number_measured_obs         ? 
_reflns_shell.number_possible             ? 
_reflns_shell.number_unique_all           ? 
_reflns_shell.number_unique_obs           1200 
_reflns_shell.percent_possible_all        98.6 
_reflns_shell.percent_possible_obs        ? 
_reflns_shell.Rmerge_F_all                ? 
_reflns_shell.Rmerge_F_obs                ? 
_reflns_shell.Rmerge_I_all                ? 
_reflns_shell.Rmerge_I_obs                ? 
_reflns_shell.meanI_over_sigI_gt          ? 
_reflns_shell.meanI_over_uI_all           ? 
_reflns_shell.meanI_over_uI_gt            ? 
_reflns_shell.number_measured_gt          ? 
_reflns_shell.number_unique_gt            ? 
_reflns_shell.percent_possible_gt         ? 
_reflns_shell.Rmerge_F_gt                 ? 
_reflns_shell.Rmerge_I_gt                 ? 
_reflns_shell.pdbx_redundancy             ? 
_reflns_shell.pdbx_Rsym_value             ? 
_reflns_shell.pdbx_chi_squared            ? 
_reflns_shell.pdbx_netI_over_sigmaI_all   ? 
_reflns_shell.pdbx_netI_over_sigmaI_obs   ? 
_reflns_shell.pdbx_Rrim_I_all             261.0 
_reflns_shell.pdbx_Rpim_I_all             ? 
_reflns_shell.pdbx_rejects                ? 
_reflns_shell.pdbx_ordinal                1 
_reflns_shell.pdbx_diffrn_id              1 
_reflns_shell.pdbx_CC_half                0.148 
_reflns_shell.pdbx_CC_star                ? 
_reflns_shell.pdbx_R_split                ? 
# 
_refine.aniso_B[1][1]                            ? 
_refine.aniso_B[1][2]                            ? 
_refine.aniso_B[1][3]                            ? 
_refine.aniso_B[2][2]                            ? 
_refine.aniso_B[2][3]                            ? 
_refine.aniso_B[3][3]                            ? 
_refine.B_iso_max                                ? 
_refine.B_iso_mean                               19.24 
_refine.B_iso_min                                ? 
_refine.correlation_coeff_Fo_to_Fc               ? 
_refine.correlation_coeff_Fo_to_Fc_free          ? 
_refine.details                                  ? 
_refine.diff_density_max                         ? 
_refine.diff_density_max_esd                     ? 
_refine.diff_density_min                         ? 
_refine.diff_density_min_esd                     ? 
_refine.diff_density_rms                         ? 
_refine.diff_density_rms_esd                     ? 
_refine.entry_id                                 6XUS 
_refine.pdbx_refine_id                           'X-RAY DIFFRACTION' 
_refine.ls_abs_structure_details                 ? 
_refine.ls_abs_structure_Flack                   ? 
_refine.ls_abs_structure_Flack_esd               ? 
_refine.ls_abs_structure_Rogers                  ? 
_refine.ls_abs_structure_Rogers_esd              ? 
_refine.ls_d_res_high                            1.10 
_refine.ls_d_res_low                             24.62 
_refine.ls_extinction_coef                       ? 
_refine.ls_extinction_coef_esd                   ? 
_refine.ls_extinction_expression                 ? 
_refine.ls_extinction_method                     ? 
_refine.ls_goodness_of_fit_all                   ? 
_refine.ls_goodness_of_fit_all_esd               ? 
_refine.ls_goodness_of_fit_obs                   ? 
_refine.ls_goodness_of_fit_obs_esd               ? 
_refine.ls_hydrogen_treatment                    ? 
_refine.ls_matrix_type                           ? 
_refine.ls_number_constraints                    ? 
_refine.ls_number_parameters                     ? 
_refine.ls_number_reflns_all                     ? 
_refine.ls_number_reflns_obs                     14312 
_refine.ls_number_reflns_R_free                  716 
_refine.ls_number_reflns_R_work                  13596 
_refine.ls_number_restraints                     ? 
_refine.ls_percent_reflns_obs                    99.86 
_refine.ls_percent_reflns_R_free                 5.00 
_refine.ls_R_factor_all                          ? 
_refine.ls_R_factor_obs                          0.1542 
_refine.ls_R_factor_R_free                       0.1737 
_refine.ls_R_factor_R_free_error                 ? 
_refine.ls_R_factor_R_free_error_details         ? 
_refine.ls_R_factor_R_work                       0.1531 
_refine.ls_R_Fsqd_factor_obs                     ? 
_refine.ls_R_I_factor_obs                        ? 
_refine.ls_redundancy_reflns_all                 ? 
_refine.ls_redundancy_reflns_obs                 ? 
_refine.ls_restrained_S_all                      ? 
_refine.ls_restrained_S_obs                      ? 
_refine.ls_shift_over_esd_max                    ? 
_refine.ls_shift_over_esd_mean                   ? 
_refine.ls_structure_factor_coef                 ? 
_refine.ls_weighting_details                     ? 
_refine.ls_weighting_scheme                      ? 
_refine.ls_wR_factor_all                         ? 
_refine.ls_wR_factor_obs                         ? 
_refine.ls_wR_factor_R_free                      ? 
_refine.ls_wR_factor_R_work                      ? 
_refine.occupancy_max                            ? 
_refine.occupancy_min                            ? 
_refine.solvent_model_details                    'FLAT BULK SOLVENT MODEL' 
_refine.solvent_model_param_bsol                 ? 
_refine.solvent_model_param_ksol                 ? 
_refine.pdbx_R_complete                          ? 
_refine.ls_R_factor_gt                           ? 
_refine.ls_goodness_of_fit_gt                    ? 
_refine.ls_goodness_of_fit_ref                   ? 
_refine.ls_shift_over_su_max                     ? 
_refine.ls_shift_over_su_max_lt                  ? 
_refine.ls_shift_over_su_mean                    ? 
_refine.ls_shift_over_su_mean_lt                 ? 
_refine.pdbx_ls_sigma_I                          ? 
_refine.pdbx_ls_sigma_F                          1.36 
_refine.pdbx_ls_sigma_Fsqd                       ? 
_refine.pdbx_data_cutoff_high_absF               ? 
_refine.pdbx_data_cutoff_high_rms_absF           ? 
_refine.pdbx_data_cutoff_low_absF                ? 
_refine.pdbx_isotropic_thermal_model             ? 
_refine.pdbx_ls_cross_valid_method               'FREE R-VALUE' 
_refine.pdbx_method_to_determine_struct          'MOLECULAR REPLACEMENT' 
_refine.pdbx_starting_model                      2Q1R 
_refine.pdbx_stereochemistry_target_values       'GeoStd + Monomer Library + CDL v1.2' 
_refine.pdbx_R_Free_selection_details            ? 
_refine.pdbx_stereochem_target_val_spec_case     ? 
_refine.pdbx_overall_ESU_R                       ? 
_refine.pdbx_overall_ESU_R_Free                  ? 
_refine.pdbx_solvent_vdw_probe_radii             0.6000 
_refine.pdbx_solvent_ion_probe_radii             ? 
_refine.pdbx_solvent_shrinkage_radii             0.5000 
_refine.pdbx_real_space_R                        ? 
_refine.pdbx_density_correlation                 ? 
_refine.pdbx_pd_number_of_powder_patterns        ? 
_refine.pdbx_pd_number_of_points                 ? 
_refine.pdbx_pd_meas_number_of_points            ? 
_refine.pdbx_pd_proc_ls_prof_R_factor            ? 
_refine.pdbx_pd_proc_ls_prof_wR_factor           ? 
_refine.pdbx_pd_Marquardt_correlation_coeff      ? 
_refine.pdbx_pd_Fsqrd_R_factor                   ? 
_refine.pdbx_pd_ls_matrix_band_width             ? 
_refine.pdbx_overall_phase_error                 23.5847 
_refine.pdbx_overall_SU_R_free_Cruickshank_DPI   ? 
_refine.pdbx_overall_SU_R_free_Blow_DPI          ? 
_refine.pdbx_overall_SU_R_Blow_DPI               ? 
_refine.pdbx_TLS_residual_ADP_flag               ? 
_refine.pdbx_diffrn_id                           1 
_refine.overall_SU_B                             ? 
_refine.overall_SU_ML                            0.1782 
_refine.overall_SU_R_Cruickshank_DPI             ? 
_refine.overall_SU_R_free                        ? 
_refine.overall_FOM_free_R_set                   ? 
_refine.overall_FOM_work_R_set                   ? 
_refine.pdbx_average_fsc_overall                 ? 
_refine.pdbx_average_fsc_work                    ? 
_refine.pdbx_average_fsc_free                    ? 
# 
_refine_hist.pdbx_refine_id                   'X-RAY DIFFRACTION' 
_refine_hist.cycle_id                         LAST 
_refine_hist.details                          ? 
_refine_hist.d_res_high                       1.10 
_refine_hist.d_res_low                        24.62 
_refine_hist.number_atoms_solvent             105 
_refine_hist.number_atoms_total               365 
_refine_hist.number_reflns_all                ? 
_refine_hist.number_reflns_obs                ? 
_refine_hist.number_reflns_R_free             ? 
_refine_hist.number_reflns_R_work             ? 
_refine_hist.R_factor_all                     ? 
_refine_hist.R_factor_obs                     ? 
_refine_hist.R_factor_R_free                  ? 
_refine_hist.R_factor_R_work                  ? 
_refine_hist.pdbx_number_residues_total       ? 
_refine_hist.pdbx_B_iso_mean_ligand           ? 
_refine_hist.pdbx_B_iso_mean_solvent          ? 
_refine_hist.pdbx_number_atoms_protein        0 
_refine_hist.pdbx_number_atoms_nucleic_acid   257 
_refine_hist.pdbx_number_atoms_ligand         3 
_refine_hist.pdbx_number_atoms_lipid          ? 
_refine_hist.pdbx_number_atoms_carb           ? 
_refine_hist.pdbx_pseudo_atom_details         ? 
# 
loop_
_refine_ls_restr.pdbx_refine_id 
_refine_ls_restr.criterion 
_refine_ls_restr.dev_ideal 
_refine_ls_restr.dev_ideal_target 
_refine_ls_restr.number 
_refine_ls_restr.rejects 
_refine_ls_restr.type 
_refine_ls_restr.weight 
_refine_ls_restr.pdbx_restraint_function 
'X-RAY DIFFRACTION' ? 0.0080 ? 306 ? f_bond_d           ? ? 
'X-RAY DIFFRACTION' ? 1.8083 ? 476 ? f_angle_d          ? ? 
'X-RAY DIFFRACTION' ? 0.0340 ? 62  ? f_chiral_restr     ? ? 
'X-RAY DIFFRACTION' ? 0.0336 ? 14  ? f_plane_restr      ? ? 
'X-RAY DIFFRACTION' ? 6.4941 ? 142 ? f_dihedral_angle_d ? ? 
# 
loop_
_refine_ls_shell.pdbx_refine_id 
_refine_ls_shell.d_res_high 
_refine_ls_shell.d_res_low 
_refine_ls_shell.number_reflns_all 
_refine_ls_shell.number_reflns_obs 
_refine_ls_shell.number_reflns_R_free 
_refine_ls_shell.number_reflns_R_work 
_refine_ls_shell.percent_reflns_obs 
_refine_ls_shell.percent_reflns_R_free 
_refine_ls_shell.R_factor_all 
_refine_ls_shell.R_factor_obs 
_refine_ls_shell.R_factor_R_free 
_refine_ls_shell.R_factor_R_free_error 
_refine_ls_shell.R_factor_R_work 
_refine_ls_shell.redundancy_reflns_all 
_refine_ls_shell.redundancy_reflns_obs 
_refine_ls_shell.wR_factor_all 
_refine_ls_shell.wR_factor_obs 
_refine_ls_shell.wR_factor_R_free 
_refine_ls_shell.wR_factor_R_work 
_refine_ls_shell.pdbx_R_complete 
_refine_ls_shell.pdbx_total_number_of_bins_used 
_refine_ls_shell.pdbx_phase_error 
_refine_ls_shell.pdbx_fsc_work 
_refine_ls_shell.pdbx_fsc_free 
'X-RAY DIFFRACTION' 1.10 1.19  . . 143 2700 99.72  . . . 0.3578 . 0.3270 . . . . . . . . . . . 
'X-RAY DIFFRACTION' 1.19 1.30  . . 142 2695 99.96  . . . 0.2378 . 0.1968 . . . . . . . . . . . 
'X-RAY DIFFRACTION' 1.30 1.49  . . 143 2718 100.00 . . . 0.1878 . 0.1590 . . . . . . . . . . . 
'X-RAY DIFFRACTION' 1.49 1.88  . . 142 2721 99.76  . . . 0.1752 . 0.1455 . . . . . . . . . . . 
'X-RAY DIFFRACTION' 1.88 24.62 . . 146 2762 99.86  . . . 0.1535 . 0.1385 . . . . . . . . . . . 
# 
_struct.entry_id                     6XUS 
_struct.title                        'RNA dodecamer with a 6-hydrazino-2-aminopurine modified base' 
_struct.pdbx_model_details           ? 
_struct.pdbx_formula_weight          ? 
_struct.pdbx_formula_weight_method   ? 
_struct.pdbx_model_type_details      ? 
_struct.pdbx_CASP_flag               N 
# 
_struct_keywords.entry_id        6XUS 
_struct_keywords.text            '6-hydrazino-2-aminopurine modified base, RNA' 
_struct_keywords.pdbx_keywords   RNA 
# 
loop_
_struct_asym.id 
_struct_asym.pdbx_blank_PDB_chainid_flag 
_struct_asym.pdbx_modified 
_struct_asym.entity_id 
_struct_asym.details 
A N N 1 ? 
B N N 2 ? 
C N N 3 ? 
D N N 2 ? 
E N N 4 ? 
# 
_struct_ref.id                         1 
_struct_ref.db_name                    PDB 
_struct_ref.db_code                    6XUS 
_struct_ref.pdbx_db_accession          6XUS 
_struct_ref.pdbx_db_isoform            ? 
_struct_ref.entity_id                  1 
_struct_ref.pdbx_seq_one_letter_code   ? 
_struct_ref.pdbx_align_begin           1 
# 
_struct_ref_seq.align_id                      1 
_struct_ref_seq.ref_id                        1 
_struct_ref_seq.pdbx_PDB_id_code              6XUS 
_struct_ref_seq.pdbx_strand_id                A 
_struct_ref_seq.seq_align_beg                 1 
_struct_ref_seq.pdbx_seq_align_beg_ins_code   ? 
_struct_ref_seq.seq_align_end                 12 
_struct_ref_seq.pdbx_seq_align_end_ins_code   ? 
_struct_ref_seq.pdbx_db_accession             6XUS 
_struct_ref_seq.db_align_beg                  1001 
_struct_ref_seq.pdbx_db_align_beg_ins_code    ? 
_struct_ref_seq.db_align_end                  1012 
_struct_ref_seq.pdbx_db_align_end_ins_code    ? 
_struct_ref_seq.pdbx_auth_seq_align_beg       1001 
_struct_ref_seq.pdbx_auth_seq_align_end       1012 
# 
_pdbx_struct_assembly.id                   1 
_pdbx_struct_assembly.details              author_and_software_defined_assembly 
_pdbx_struct_assembly.method_details       PISA 
_pdbx_struct_assembly.oligomeric_details   dimeric 
_pdbx_struct_assembly.oligomeric_count     2 
# 
loop_
_pdbx_struct_assembly_prop.biol_id 
_pdbx_struct_assembly_prop.type 
_pdbx_struct_assembly_prop.value 
_pdbx_struct_assembly_prop.details 
1 'ABSA (A^2)' 1830 ? 
1 MORE         -42  ? 
1 'SSA (A^2)'  4540 ? 
# 
_pdbx_struct_assembly_gen.assembly_id       1 
_pdbx_struct_assembly_gen.oper_expression   1,2 
_pdbx_struct_assembly_gen.asym_id_list      A,B,C,D,E 
# 
_pdbx_struct_assembly_auth_evidence.id                     1 
_pdbx_struct_assembly_auth_evidence.assembly_id            1 
_pdbx_struct_assembly_auth_evidence.experimental_support   none 
_pdbx_struct_assembly_auth_evidence.details                'the duplex was checked by UV melting' 
# 
loop_
_pdbx_struct_oper_list.id 
_pdbx_struct_oper_list.type 
_pdbx_struct_oper_list.name 
_pdbx_struct_oper_list.symmetry_operation 
_pdbx_struct_oper_list.matrix[1][1] 
_pdbx_struct_oper_list.matrix[1][2] 
_pdbx_struct_oper_list.matrix[1][3] 
_pdbx_struct_oper_list.vector[1] 
_pdbx_struct_oper_list.matrix[2][1] 
_pdbx_struct_oper_list.matrix[2][2] 
_pdbx_struct_oper_list.matrix[2][3] 
_pdbx_struct_oper_list.vector[2] 
_pdbx_struct_oper_list.matrix[3][1] 
_pdbx_struct_oper_list.matrix[3][2] 
_pdbx_struct_oper_list.matrix[3][3] 
_pdbx_struct_oper_list.vector[3] 
1 'identity operation'         1_555 x,y,z       1.0000000000 0.0000000000  0.0000000000 0.0000000000 0.0000000000  1.0000000000  0.0000000000  0.0000000000  0.0000000000 0.0000000000  1.0000000000  0.0000000000  
2 'crystal symmetry operation' 2_656 -x+1,y,-z+1 0.2516750284 -0.7483998412 0.6136426956 0.6424213785 -0.7483998412 -0.5525177785 -0.3669084111 -1.5756170207 0.6136426956 -0.3669084111 -0.6991572499 -3.2320018465 
# 
loop_
_struct_conn.id 
_struct_conn.conn_type_id 
_struct_conn.pdbx_leaving_atom_flag 
_struct_conn.pdbx_PDB_id 
_struct_conn.ptnr1_label_asym_id 
_struct_conn.ptnr1_label_comp_id 
_struct_conn.ptnr1_label_seq_id 
_struct_conn.ptnr1_label_atom_id 
_struct_conn.pdbx_ptnr1_label_alt_id 
_struct_conn.pdbx_ptnr1_PDB_ins_code 
_struct_conn.pdbx_ptnr1_standard_comp_id 
_struct_conn.ptnr1_symmetry 
_struct_conn.ptnr2_label_asym_id 
_struct_conn.ptnr2_label_comp_id 
_struct_conn.ptnr2_label_seq_id 
_struct_conn.ptnr2_label_atom_id 
_struct_conn.pdbx_ptnr2_label_alt_id 
_struct_conn.pdbx_ptnr2_PDB_ins_code 
_struct_conn.ptnr1_auth_asym_id 
_struct_conn.ptnr1_auth_comp_id 
_struct_conn.ptnr1_auth_seq_id 
_struct_conn.ptnr2_auth_asym_id 
_struct_conn.ptnr2_auth_comp_id 
_struct_conn.ptnr2_auth_seq_id 
_struct_conn.ptnr2_symmetry 
_struct_conn.pdbx_ptnr3_label_atom_id 
_struct_conn.pdbx_ptnr3_label_seq_id 
_struct_conn.pdbx_ptnr3_label_comp_id 
_struct_conn.pdbx_ptnr3_label_asym_id 
_struct_conn.pdbx_ptnr3_label_alt_id 
_struct_conn.pdbx_ptnr3_PDB_ins_code 
_struct_conn.details 
_struct_conn.pdbx_dist_value 
_struct_conn.pdbx_value_order 
_struct_conn.pdbx_role 
covale1  covale both ? A A   5  "O3'" ? ? ? 1_555 A O2Z 6  P  ? ? A A   1005 A O2Z 1006 1_555 ? ? ? ? ? ? ?            1.616 ? ? 
covale2  covale one  ? A O2Z 6  "O3'" ? ? ? 1_555 A U   7  P  ? ? A O2Z 1006 A U   1007 1_555 ? ? ? ? ? ? ?            1.603 ? ? 
metalc1  metalc ?    ? A U   8  OP1   ? ? ? 1_555 D NA  .  NA ? ? A U   1008 A NA  1103 1_555 ? ? ? ? ? ? ?            2.388 ? ? 
metalc2  metalc ?    ? B NA  .  NA    ? ? ? 1_555 E HOH .  O  ? ? A NA  1101 A HOH 1213 2_656 ? ? ? ? ? ? ?            2.309 ? ? 
metalc3  metalc ?    ? B NA  .  NA    ? ? ? 1_555 E HOH .  O  ? ? A NA  1101 A HOH 1247 2_656 ? ? ? ? ? ? ?            2.545 ? ? 
metalc4  metalc ?    ? B NA  .  NA    ? ? ? 1_555 E HOH .  O  ? ? A NA  1101 A HOH 1253 1_555 ? ? ? ? ? ? ?            2.323 ? ? 
metalc5  metalc ?    ? B NA  .  NA    ? ? ? 1_555 E HOH .  O  ? ? A NA  1101 A HOH 1274 1_555 ? ? ? ? ? ? ?            2.223 ? ? 
metalc6  metalc ?    ? B NA  .  NA    ? ? ? 1_555 E HOH .  O  ? ? A NA  1101 A HOH 1296 2_656 ? ? ? ? ? ? ?            2.221 ? ? 
metalc7  metalc ?    ? B NA  .  NA    ? ? ? 1_555 E HOH .  O  ? ? A NA  1101 A HOH 1300 1_555 ? ? ? ? ? ? ?            2.256 ? ? 
metalc8  metalc ?    ? C MG  .  MG    A ? ? 1_555 E HOH .  O  ? ? A MG  1102 A HOH 1237 1_555 ? ? ? ? ? ? ?            2.506 ? ? 
metalc9  metalc ?    ? C MG  .  MG    A ? ? 1_555 E HOH .  O  A ? A MG  1102 A HOH 1238 1_555 ? ? ? ? ? ? ?            2.116 ? ? 
metalc10 metalc ?    ? C MG  .  MG    A ? ? 1_555 E HOH .  O  ? ? A MG  1102 A HOH 1273 1_555 ? ? ? ? ? ? ?            2.084 ? ? 
metalc11 metalc ?    ? C MG  .  MG    A ? ? 1_555 E HOH .  O  A ? A MG  1102 A HOH 1287 2_656 ? ? ? ? ? ? ?            2.084 ? ? 
metalc12 metalc ?    ? C MG  .  MG    A ? ? 1_555 E HOH .  O  A ? A MG  1102 A HOH 1294 2_656 ? ? ? ? ? ? ?            2.251 ? ? 
metalc13 metalc ?    ? D NA  .  NA    ? ? ? 1_555 E HOH .  O  ? ? A NA  1103 A HOH 1292 3_545 ? ? ? ? ? ? ?            2.919 ? ? 
hydrog1  hydrog ?    ? A C   1  N3    A ? ? 1_555 A G   12 N1 ? ? A C   1001 A G   1012 2_656 ? ? ? ? ? ? WATSON-CRICK ?     ? ? 
hydrog2  hydrog ?    ? A C   1  N3    B ? ? 1_555 A G   12 N1 ? ? A C   1001 A G   1012 2_656 ? ? ? ? ? ? WATSON-CRICK ?     ? ? 
hydrog3  hydrog ?    ? A C   1  N4    A ? ? 1_555 A G   12 O6 ? ? A C   1001 A G   1012 2_656 ? ? ? ? ? ? WATSON-CRICK ?     ? ? 
hydrog4  hydrog ?    ? A C   1  N4    B ? ? 1_555 A G   12 O6 ? ? A C   1001 A G   1012 2_656 ? ? ? ? ? ? WATSON-CRICK ?     ? ? 
hydrog5  hydrog ?    ? A C   1  O2    A ? ? 1_555 A G   12 N2 ? ? A C   1001 A G   1012 2_656 ? ? ? ? ? ? WATSON-CRICK ?     ? ? 
hydrog6  hydrog ?    ? A C   1  O2    B ? ? 1_555 A G   12 N2 ? ? A C   1001 A G   1012 2_656 ? ? ? ? ? ? WATSON-CRICK ?     ? ? 
hydrog7  hydrog ?    ? A G   2  N1    ? ? ? 1_555 A C   11 N3 ? ? A G   1002 A C   1011 2_656 ? ? ? ? ? ? WATSON-CRICK ?     ? ? 
hydrog8  hydrog ?    ? A G   2  N2    ? ? ? 1_555 A C   11 O2 ? ? A G   1002 A C   1011 2_656 ? ? ? ? ? ? WATSON-CRICK ?     ? ? 
hydrog9  hydrog ?    ? A G   2  O6    ? ? ? 1_555 A C   11 N4 ? ? A G   1002 A C   1011 2_656 ? ? ? ? ? ? WATSON-CRICK ?     ? ? 
hydrog10 hydrog ?    ? A C   3  N3    ? ? ? 1_555 A G   10 N1 ? ? A C   1003 A G   1010 2_656 ? ? ? ? ? ? WATSON-CRICK ?     ? ? 
hydrog11 hydrog ?    ? A C   3  N4    ? ? ? 1_555 A G   10 O6 ? ? A C   1003 A G   1010 2_656 ? ? ? ? ? ? WATSON-CRICK ?     ? ? 
hydrog12 hydrog ?    ? A C   3  O2    ? ? ? 1_555 A G   10 N2 ? ? A C   1003 A G   1010 2_656 ? ? ? ? ? ? WATSON-CRICK ?     ? ? 
hydrog13 hydrog ?    ? A G   4  N1    ? ? ? 1_555 A A   9  N1 ? ? A G   1004 A A   1009 2_656 ? ? ? ? ? ? TYPE_8_PAIR  ?     ? ? 
hydrog14 hydrog ?    ? A G   4  O6    ? ? ? 1_555 A A   9  N6 ? ? A G   1004 A A   1009 2_656 ? ? ? ? ? ? TYPE_8_PAIR  ?     ? ? 
hydrog15 hydrog ?    ? A A   5  N1    ? ? ? 1_555 A U   8  N3 ? ? A A   1005 A U   1008 2_656 ? ? ? ? ? ? WATSON-CRICK ?     ? ? 
hydrog16 hydrog ?    ? A A   5  N6    ? ? ? 1_555 A U   8  O4 ? ? A A   1005 A U   1008 2_656 ? ? ? ? ? ? WATSON-CRICK ?     ? ? 
hydrog17 hydrog ?    ? A O2Z 6  N1    ? ? ? 1_555 A U   7  N3 ? ? A O2Z 1006 A U   1007 2_656 ? ? ? ? ? ? WATSON-CRICK ?     ? ? 
hydrog18 hydrog ?    ? A O2Z 6  N6    ? ? ? 1_555 A U   7  O4 ? ? A O2Z 1006 A U   1007 2_656 ? ? ? ? ? ? WATSON-CRICK ?     ? ? 
hydrog19 hydrog ?    ? A U   7  N3    ? ? ? 1_555 A O2Z 6  N1 ? ? A U   1007 A O2Z 1006 2_656 ? ? ? ? ? ? WATSON-CRICK ?     ? ? 
hydrog20 hydrog ?    ? A U   7  O4    ? ? ? 1_555 A O2Z 6  N6 ? ? A U   1007 A O2Z 1006 2_656 ? ? ? ? ? ? WATSON-CRICK ?     ? ? 
hydrog21 hydrog ?    ? A U   8  N3    ? ? ? 1_555 A A   5  N1 ? ? A U   1008 A A   1005 2_656 ? ? ? ? ? ? WATSON-CRICK ?     ? ? 
hydrog22 hydrog ?    ? A U   8  O4    ? ? ? 1_555 A A   5  N6 ? ? A U   1008 A A   1005 2_656 ? ? ? ? ? ? WATSON-CRICK ?     ? ? 
hydrog23 hydrog ?    ? A A   9  N1    ? ? ? 1_555 A G   4  N1 ? ? A A   1009 A G   1004 2_656 ? ? ? ? ? ? TYPE_8_PAIR  ?     ? ? 
hydrog24 hydrog ?    ? A A   9  N6    ? ? ? 1_555 A G   4  O6 ? ? A A   1009 A G   1004 2_656 ? ? ? ? ? ? TYPE_8_PAIR  ?     ? ? 
hydrog25 hydrog ?    ? A G   10 N1    ? ? ? 1_555 A C   3  N3 ? ? A G   1010 A C   1003 2_656 ? ? ? ? ? ? WATSON-CRICK ?     ? ? 
hydrog26 hydrog ?    ? A G   10 N2    ? ? ? 1_555 A C   3  O2 ? ? A G   1010 A C   1003 2_656 ? ? ? ? ? ? WATSON-CRICK ?     ? ? 
hydrog27 hydrog ?    ? A G   10 O6    ? ? ? 1_555 A C   3  N4 ? ? A G   1010 A C   1003 2_656 ? ? ? ? ? ? WATSON-CRICK ?     ? ? 
hydrog28 hydrog ?    ? A C   11 N3    ? ? ? 1_555 A G   2  N1 ? ? A C   1011 A G   1002 2_656 ? ? ? ? ? ? WATSON-CRICK ?     ? ? 
hydrog29 hydrog ?    ? A C   11 N4    ? ? ? 1_555 A G   2  O6 ? ? A C   1011 A G   1002 2_656 ? ? ? ? ? ? WATSON-CRICK ?     ? ? 
hydrog30 hydrog ?    ? A C   11 O2    ? ? ? 1_555 A G   2  N2 ? ? A C   1011 A G   1002 2_656 ? ? ? ? ? ? WATSON-CRICK ?     ? ? 
hydrog31 hydrog ?    ? A G   12 N1    ? ? ? 1_555 A C   1  N3 A ? A G   1012 A C   1001 2_656 ? ? ? ? ? ? WATSON-CRICK ?     ? ? 
hydrog32 hydrog ?    ? A G   12 N1    ? ? ? 1_555 A C   1  N3 B ? A G   1012 A C   1001 2_656 ? ? ? ? ? ? WATSON-CRICK ?     ? ? 
hydrog33 hydrog ?    ? A G   12 N2    ? ? ? 1_555 A C   1  O2 A ? A G   1012 A C   1001 2_656 ? ? ? ? ? ? WATSON-CRICK ?     ? ? 
hydrog34 hydrog ?    ? A G   12 N2    ? ? ? 1_555 A C   1  O2 B ? A G   1012 A C   1001 2_656 ? ? ? ? ? ? WATSON-CRICK ?     ? ? 
hydrog35 hydrog ?    ? A G   12 O6    ? ? ? 1_555 A C   1  N4 A ? A G   1012 A C   1001 2_656 ? ? ? ? ? ? WATSON-CRICK ?     ? ? 
hydrog36 hydrog ?    ? A G   12 O6    ? ? ? 1_555 A C   1  N4 B ? A G   1012 A C   1001 2_656 ? ? ? ? ? ? WATSON-CRICK ?     ? ? 
# 
loop_
_struct_conn_type.id 
_struct_conn_type.criteria 
_struct_conn_type.reference 
covale ? ? 
metalc ? ? 
hydrog ? ? 
# 
loop_
_pdbx_struct_conn_angle.id 
_pdbx_struct_conn_angle.ptnr1_label_atom_id 
_pdbx_struct_conn_angle.ptnr1_label_alt_id 
_pdbx_struct_conn_angle.ptnr1_label_asym_id 
_pdbx_struct_conn_angle.ptnr1_label_comp_id 
_pdbx_struct_conn_angle.ptnr1_label_seq_id 
_pdbx_struct_conn_angle.ptnr1_auth_atom_id 
_pdbx_struct_conn_angle.ptnr1_auth_asym_id 
_pdbx_struct_conn_angle.ptnr1_auth_comp_id 
_pdbx_struct_conn_angle.ptnr1_auth_seq_id 
_pdbx_struct_conn_angle.ptnr1_PDB_ins_code 
_pdbx_struct_conn_angle.ptnr1_symmetry 
_pdbx_struct_conn_angle.ptnr2_label_atom_id 
_pdbx_struct_conn_angle.ptnr2_label_alt_id 
_pdbx_struct_conn_angle.ptnr2_label_asym_id 
_pdbx_struct_conn_angle.ptnr2_label_comp_id 
_pdbx_struct_conn_angle.ptnr2_label_seq_id 
_pdbx_struct_conn_angle.ptnr2_auth_atom_id 
_pdbx_struct_conn_angle.ptnr2_auth_asym_id 
_pdbx_struct_conn_angle.ptnr2_auth_comp_id 
_pdbx_struct_conn_angle.ptnr2_auth_seq_id 
_pdbx_struct_conn_angle.ptnr2_PDB_ins_code 
_pdbx_struct_conn_angle.ptnr2_symmetry 
_pdbx_struct_conn_angle.ptnr3_label_atom_id 
_pdbx_struct_conn_angle.ptnr3_label_alt_id 
_pdbx_struct_conn_angle.ptnr3_label_asym_id 
_pdbx_struct_conn_angle.ptnr3_label_comp_id 
_pdbx_struct_conn_angle.ptnr3_label_seq_id 
_pdbx_struct_conn_angle.ptnr3_auth_atom_id 
_pdbx_struct_conn_angle.ptnr3_auth_asym_id 
_pdbx_struct_conn_angle.ptnr3_auth_comp_id 
_pdbx_struct_conn_angle.ptnr3_auth_seq_id 
_pdbx_struct_conn_angle.ptnr3_PDB_ins_code 
_pdbx_struct_conn_angle.ptnr3_symmetry 
_pdbx_struct_conn_angle.value 
_pdbx_struct_conn_angle.value_esd 
1  OP1 ? A U   8 ? A U   1008 ? 1_555 NA ? D NA . ? A NA 1103 ? 1_555 O ? E HOH . ? A HOH 1292 ? 3_545 101.8 ? 
2  O   ? E HOH . ? A HOH 1213 ? 2_656 NA ? B NA . ? A NA 1101 ? 1_555 O ? E HOH . ? A HOH 1247 ? 2_656 88.1  ? 
3  O   ? E HOH . ? A HOH 1213 ? 2_656 NA ? B NA . ? A NA 1101 ? 1_555 O ? E HOH . ? A HOH 1253 ? 1_555 87.4  ? 
4  O   ? E HOH . ? A HOH 1247 ? 2_656 NA ? B NA . ? A NA 1101 ? 1_555 O ? E HOH . ? A HOH 1253 ? 1_555 86.4  ? 
5  O   ? E HOH . ? A HOH 1213 ? 2_656 NA ? B NA . ? A NA 1101 ? 1_555 O ? E HOH . ? A HOH 1274 ? 1_555 98.3  ? 
6  O   ? E HOH . ? A HOH 1247 ? 2_656 NA ? B NA . ? A NA 1101 ? 1_555 O ? E HOH . ? A HOH 1274 ? 1_555 172.7 ? 
7  O   ? E HOH . ? A HOH 1253 ? 1_555 NA ? B NA . ? A NA 1101 ? 1_555 O ? E HOH . ? A HOH 1274 ? 1_555 90.6  ? 
8  O   ? E HOH . ? A HOH 1213 ? 2_656 NA ? B NA . ? A NA 1101 ? 1_555 O ? E HOH . ? A HOH 1296 ? 2_656 89.6  ? 
9  O   ? E HOH . ? A HOH 1247 ? 2_656 NA ? B NA . ? A NA 1101 ? 1_555 O ? E HOH . ? A HOH 1296 ? 2_656 96.6  ? 
10 O   ? E HOH . ? A HOH 1253 ? 1_555 NA ? B NA . ? A NA 1101 ? 1_555 O ? E HOH . ? A HOH 1296 ? 2_656 175.7 ? 
11 O   ? E HOH . ? A HOH 1274 ? 1_555 NA ? B NA . ? A NA 1101 ? 1_555 O ? E HOH . ? A HOH 1296 ? 2_656 86.7  ? 
12 O   ? E HOH . ? A HOH 1213 ? 2_656 NA ? B NA . ? A NA 1101 ? 1_555 O ? E HOH . ? A HOH 1300 ? 1_555 174.1 ? 
13 O   ? E HOH . ? A HOH 1247 ? 2_656 NA ? B NA . ? A NA 1101 ? 1_555 O ? E HOH . ? A HOH 1300 ? 1_555 86.1  ? 
14 O   ? E HOH . ? A HOH 1253 ? 1_555 NA ? B NA . ? A NA 1101 ? 1_555 O ? E HOH . ? A HOH 1300 ? 1_555 91.2  ? 
15 O   ? E HOH . ? A HOH 1274 ? 1_555 NA ? B NA . ? A NA 1101 ? 1_555 O ? E HOH . ? A HOH 1300 ? 1_555 87.4  ? 
16 O   ? E HOH . ? A HOH 1296 ? 2_656 NA ? B NA . ? A NA 1101 ? 1_555 O ? E HOH . ? A HOH 1300 ? 1_555 92.1  ? 
17 O   ? E HOH . ? A HOH 1237 ? 1_555 MG A C MG . ? A MG 1102 ? 1_555 O A E HOH . ? A HOH 1238 ? 1_555 103.4 ? 
18 O   ? E HOH . ? A HOH 1237 ? 1_555 MG A C MG . ? A MG 1102 ? 1_555 O ? E HOH . ? A HOH 1273 ? 1_555 92.1  ? 
19 O   A E HOH . ? A HOH 1238 ? 1_555 MG A C MG . ? A MG 1102 ? 1_555 O ? E HOH . ? A HOH 1273 ? 1_555 81.9  ? 
20 O   ? E HOH . ? A HOH 1237 ? 1_555 MG A C MG . ? A MG 1102 ? 1_555 O A E HOH . ? A HOH 1287 ? 2_656 89.7  ? 
21 O   A E HOH . ? A HOH 1238 ? 1_555 MG A C MG . ? A MG 1102 ? 1_555 O A E HOH . ? A HOH 1287 ? 2_656 98.7  ? 
22 O   ? E HOH . ? A HOH 1273 ? 1_555 MG A C MG . ? A MG 1102 ? 1_555 O A E HOH . ? A HOH 1287 ? 2_656 177.9 ? 
23 O   ? E HOH . ? A HOH 1237 ? 1_555 MG A C MG . ? A MG 1102 ? 1_555 O A E HOH . ? A HOH 1294 ? 2_656 77.1  ? 
24 O   A E HOH . ? A HOH 1238 ? 1_555 MG A C MG . ? A MG 1102 ? 1_555 O A E HOH . ? A HOH 1294 ? 2_656 173.9 ? 
25 O   ? E HOH . ? A HOH 1273 ? 1_555 MG A C MG . ? A MG 1102 ? 1_555 O A E HOH . ? A HOH 1294 ? 2_656 92.0  ? 
26 O   A E HOH . ? A HOH 1287 ? 2_656 MG A C MG . ? A MG 1102 ? 1_555 O A E HOH . ? A HOH 1294 ? 2_656 87.4  ? 
# 
loop_
_struct_site.id 
_struct_site.pdbx_evidence_code 
_struct_site.pdbx_auth_asym_id 
_struct_site.pdbx_auth_comp_id 
_struct_site.pdbx_auth_seq_id 
_struct_site.pdbx_auth_ins_code 
_struct_site.pdbx_num_residues 
_struct_site.details 
AC1 Software A NA 1101 ? 6 'binding site for residue NA A 1101' 
AC2 Software A MG 1102 ? 5 'binding site for residue MG A 1102' 
AC3 Software A NA 1103 ? 2 'binding site for residue NA A 1103' 
# 
loop_
_struct_site_gen.id 
_struct_site_gen.site_id 
_struct_site_gen.pdbx_num_res 
_struct_site_gen.label_comp_id 
_struct_site_gen.label_asym_id 
_struct_site_gen.label_seq_id 
_struct_site_gen.pdbx_auth_ins_code 
_struct_site_gen.auth_comp_id 
_struct_site_gen.auth_asym_id 
_struct_site_gen.auth_seq_id 
_struct_site_gen.label_atom_id 
_struct_site_gen.label_alt_id 
_struct_site_gen.symmetry 
_struct_site_gen.details 
1  AC1 6 HOH E . ? HOH A 1213 . ? 2_656 ? 
2  AC1 6 HOH E . ? HOH A 1247 . ? 2_656 ? 
3  AC1 6 HOH E . ? HOH A 1253 . ? 1_555 ? 
4  AC1 6 HOH E . ? HOH A 1274 . ? 1_555 ? 
5  AC1 6 HOH E . ? HOH A 1296 . ? 2_656 ? 
6  AC1 6 HOH E . ? HOH A 1300 . ? 1_555 ? 
7  AC2 5 HOH E . ? HOH A 1237 . ? 1_555 ? 
8  AC2 5 HOH E . ? HOH A 1238 . ? 1_555 ? 
9  AC2 5 HOH E . ? HOH A 1273 . ? 1_555 ? 
10 AC2 5 HOH E . ? HOH A 1287 . ? 2_656 ? 
11 AC2 5 HOH E . ? HOH A 1294 . ? 2_656 ? 
12 AC3 2 U   A 8 ? U   A 1008 . ? 1_555 ? 
13 AC3 2 HOH E . ? HOH A 1292 . ? 3_545 ? 
# 
loop_
_pdbx_struct_special_symmetry.id 
_pdbx_struct_special_symmetry.PDB_model_num 
_pdbx_struct_special_symmetry.auth_asym_id 
_pdbx_struct_special_symmetry.auth_comp_id 
_pdbx_struct_special_symmetry.auth_seq_id 
_pdbx_struct_special_symmetry.PDB_ins_code 
_pdbx_struct_special_symmetry.label_asym_id 
_pdbx_struct_special_symmetry.label_comp_id 
_pdbx_struct_special_symmetry.label_seq_id 
1 1 A HOH 1270 ? E HOH . 
2 1 A HOH 1290 ? E HOH . 
# 
loop_
_space_group_symop.id 
_space_group_symop.operation_xyz 
1 x,y,z           
2 -x,y,-z         
3 x+1/2,y+1/2,z   
4 -x+1/2,y+1/2,-z 
# 
_pdbx_entry_details.entry_id                 6XUS 
_pdbx_entry_details.has_ligand_of_interest   Y 
_pdbx_entry_details.compound_details         ? 
_pdbx_entry_details.source_details           ? 
_pdbx_entry_details.nonpolymer_details       ? 
_pdbx_entry_details.sequence_details         ? 
# 
_pdbx_distant_solvent_atoms.id                                1 
_pdbx_distant_solvent_atoms.PDB_model_num                     1 
_pdbx_distant_solvent_atoms.auth_atom_id                      O 
_pdbx_distant_solvent_atoms.label_alt_id                      ? 
_pdbx_distant_solvent_atoms.auth_asym_id                      A 
_pdbx_distant_solvent_atoms.auth_comp_id                      HOH 
_pdbx_distant_solvent_atoms.auth_seq_id                       1305 
_pdbx_distant_solvent_atoms.PDB_ins_code                      ? 
_pdbx_distant_solvent_atoms.neighbor_macromolecule_distance   6.37 
_pdbx_distant_solvent_atoms.neighbor_ligand_distance          . 
# 
loop_
_chem_comp_atom.comp_id 
_chem_comp_atom.atom_id 
_chem_comp_atom.type_symbol 
_chem_comp_atom.pdbx_aromatic_flag 
_chem_comp_atom.pdbx_stereo_config 
_chem_comp_atom.pdbx_ordinal 
A   OP3    O  N N 1   
A   P      P  N N 2   
A   OP1    O  N N 3   
A   OP2    O  N N 4   
A   "O5'"  O  N N 5   
A   "C5'"  C  N N 6   
A   "C4'"  C  N R 7   
A   "O4'"  O  N N 8   
A   "C3'"  C  N S 9   
A   "O3'"  O  N N 10  
A   "C2'"  C  N R 11  
A   "O2'"  O  N N 12  
A   "C1'"  C  N R 13  
A   N9     N  Y N 14  
A   C8     C  Y N 15  
A   N7     N  Y N 16  
A   C5     C  Y N 17  
A   C6     C  Y N 18  
A   N6     N  N N 19  
A   N1     N  Y N 20  
A   C2     C  Y N 21  
A   N3     N  Y N 22  
A   C4     C  Y N 23  
A   HOP3   H  N N 24  
A   HOP2   H  N N 25  
A   "H5'"  H  N N 26  
A   "H5''" H  N N 27  
A   "H4'"  H  N N 28  
A   "H3'"  H  N N 29  
A   "HO3'" H  N N 30  
A   "H2'"  H  N N 31  
A   "HO2'" H  N N 32  
A   "H1'"  H  N N 33  
A   H8     H  N N 34  
A   H61    H  N N 35  
A   H62    H  N N 36  
A   H2     H  N N 37  
C   OP3    O  N N 38  
C   P      P  N N 39  
C   OP1    O  N N 40  
C   OP2    O  N N 41  
C   "O5'"  O  N N 42  
C   "C5'"  C  N N 43  
C   "C4'"  C  N R 44  
C   "O4'"  O  N N 45  
C   "C3'"  C  N S 46  
C   "O3'"  O  N N 47  
C   "C2'"  C  N R 48  
C   "O2'"  O  N N 49  
C   "C1'"  C  N R 50  
C   N1     N  N N 51  
C   C2     C  N N 52  
C   O2     O  N N 53  
C   N3     N  N N 54  
C   C4     C  N N 55  
C   N4     N  N N 56  
C   C5     C  N N 57  
C   C6     C  N N 58  
C   HOP3   H  N N 59  
C   HOP2   H  N N 60  
C   "H5'"  H  N N 61  
C   "H5''" H  N N 62  
C   "H4'"  H  N N 63  
C   "H3'"  H  N N 64  
C   "HO3'" H  N N 65  
C   "H2'"  H  N N 66  
C   "HO2'" H  N N 67  
C   "H1'"  H  N N 68  
C   H41    H  N N 69  
C   H42    H  N N 70  
C   H5     H  N N 71  
C   H6     H  N N 72  
G   OP3    O  N N 73  
G   P      P  N N 74  
G   OP1    O  N N 75  
G   OP2    O  N N 76  
G   "O5'"  O  N N 77  
G   "C5'"  C  N N 78  
G   "C4'"  C  N R 79  
G   "O4'"  O  N N 80  
G   "C3'"  C  N S 81  
G   "O3'"  O  N N 82  
G   "C2'"  C  N R 83  
G   "O2'"  O  N N 84  
G   "C1'"  C  N R 85  
G   N9     N  Y N 86  
G   C8     C  Y N 87  
G   N7     N  Y N 88  
G   C5     C  Y N 89  
G   C6     C  N N 90  
G   O6     O  N N 91  
G   N1     N  N N 92  
G   C2     C  N N 93  
G   N2     N  N N 94  
G   N3     N  N N 95  
G   C4     C  Y N 96  
G   HOP3   H  N N 97  
G   HOP2   H  N N 98  
G   "H5'"  H  N N 99  
G   "H5''" H  N N 100 
G   "H4'"  H  N N 101 
G   "H3'"  H  N N 102 
G   "HO3'" H  N N 103 
G   "H2'"  H  N N 104 
G   "HO2'" H  N N 105 
G   "H1'"  H  N N 106 
G   H8     H  N N 107 
G   H1     H  N N 108 
G   H21    H  N N 109 
G   H22    H  N N 110 
HOH O      O  N N 111 
HOH H1     H  N N 112 
HOH H2     H  N N 113 
MG  MG     MG N N 114 
NA  NA     NA N N 115 
O2Z P      P  N N 116 
O2Z OP1    O  N N 117 
O2Z OP2    O  N N 118 
O2Z "O5'"  O  N N 119 
O2Z "C5'"  C  N N 120 
O2Z "C4'"  C  N R 121 
O2Z "O4'"  O  N N 122 
O2Z "C3'"  C  N S 123 
O2Z "O3'"  O  N N 124 
O2Z "C2'"  C  N R 125 
O2Z "C1'"  C  N R 126 
O2Z N9     N  Y N 127 
O2Z C8     C  Y N 128 
O2Z N7     N  Y N 129 
O2Z C5     C  Y N 130 
O2Z C6     C  Y N 131 
O2Z N6     N  N N 132 
O2Z N1     N  Y N 133 
O2Z C2     C  Y N 134 
O2Z N3     N  Y N 135 
O2Z C4     C  Y N 136 
O2Z "O2'"  O  N N 137 
O2Z N26    N  N N 138 
O2Z N25    N  N N 139 
O2Z H2     H  N N 140 
O2Z "H5'1" H  N N 141 
O2Z "H5'2" H  N N 142 
O2Z "H4'"  H  N N 143 
O2Z "H3'"  H  N N 144 
O2Z H3     H  N N 145 
O2Z "H2'"  H  N N 146 
O2Z H4     H  N N 147 
O2Z H5     H  N N 148 
O2Z H6     H  N N 149 
O2Z H7     H  N N 150 
O2Z H8     H  N N 151 
O2Z H9     H  N N 152 
O2Z H10    H  N N 153 
O2Z H11    H  N N 154 
O2Z OP3    O  N N 155 
O2Z H1     H  N N 156 
U   OP3    O  N N 157 
U   P      P  N N 158 
U   OP1    O  N N 159 
U   OP2    O  N N 160 
U   "O5'"  O  N N 161 
U   "C5'"  C  N N 162 
U   "C4'"  C  N R 163 
U   "O4'"  O  N N 164 
U   "C3'"  C  N S 165 
U   "O3'"  O  N N 166 
U   "C2'"  C  N R 167 
U   "O2'"  O  N N 168 
U   "C1'"  C  N R 169 
U   N1     N  N N 170 
U   C2     C  N N 171 
U   O2     O  N N 172 
U   N3     N  N N 173 
U   C4     C  N N 174 
U   O4     O  N N 175 
U   C5     C  N N 176 
U   C6     C  N N 177 
U   HOP3   H  N N 178 
U   HOP2   H  N N 179 
U   "H5'"  H  N N 180 
U   "H5''" H  N N 181 
U   "H4'"  H  N N 182 
U   "H3'"  H  N N 183 
U   "HO3'" H  N N 184 
U   "H2'"  H  N N 185 
U   "HO2'" H  N N 186 
U   "H1'"  H  N N 187 
U   H3     H  N N 188 
U   H5     H  N N 189 
U   H6     H  N N 190 
# 
loop_
_chem_comp_bond.comp_id 
_chem_comp_bond.atom_id_1 
_chem_comp_bond.atom_id_2 
_chem_comp_bond.value_order 
_chem_comp_bond.pdbx_aromatic_flag 
_chem_comp_bond.pdbx_stereo_config 
_chem_comp_bond.pdbx_ordinal 
A   OP3   P      sing N N 1   
A   OP3   HOP3   sing N N 2   
A   P     OP1    doub N N 3   
A   P     OP2    sing N N 4   
A   P     "O5'"  sing N N 5   
A   OP2   HOP2   sing N N 6   
A   "O5'" "C5'"  sing N N 7   
A   "C5'" "C4'"  sing N N 8   
A   "C5'" "H5'"  sing N N 9   
A   "C5'" "H5''" sing N N 10  
A   "C4'" "O4'"  sing N N 11  
A   "C4'" "C3'"  sing N N 12  
A   "C4'" "H4'"  sing N N 13  
A   "O4'" "C1'"  sing N N 14  
A   "C3'" "O3'"  sing N N 15  
A   "C3'" "C2'"  sing N N 16  
A   "C3'" "H3'"  sing N N 17  
A   "O3'" "HO3'" sing N N 18  
A   "C2'" "O2'"  sing N N 19  
A   "C2'" "C1'"  sing N N 20  
A   "C2'" "H2'"  sing N N 21  
A   "O2'" "HO2'" sing N N 22  
A   "C1'" N9     sing N N 23  
A   "C1'" "H1'"  sing N N 24  
A   N9    C8     sing Y N 25  
A   N9    C4     sing Y N 26  
A   C8    N7     doub Y N 27  
A   C8    H8     sing N N 28  
A   N7    C5     sing Y N 29  
A   C5    C6     sing Y N 30  
A   C5    C4     doub Y N 31  
A   C6    N6     sing N N 32  
A   C6    N1     doub Y N 33  
A   N6    H61    sing N N 34  
A   N6    H62    sing N N 35  
A   N1    C2     sing Y N 36  
A   C2    N3     doub Y N 37  
A   C2    H2     sing N N 38  
A   N3    C4     sing Y N 39  
C   OP3   P      sing N N 40  
C   OP3   HOP3   sing N N 41  
C   P     OP1    doub N N 42  
C   P     OP2    sing N N 43  
C   P     "O5'"  sing N N 44  
C   OP2   HOP2   sing N N 45  
C   "O5'" "C5'"  sing N N 46  
C   "C5'" "C4'"  sing N N 47  
C   "C5'" "H5'"  sing N N 48  
C   "C5'" "H5''" sing N N 49  
C   "C4'" "O4'"  sing N N 50  
C   "C4'" "C3'"  sing N N 51  
C   "C4'" "H4'"  sing N N 52  
C   "O4'" "C1'"  sing N N 53  
C   "C3'" "O3'"  sing N N 54  
C   "C3'" "C2'"  sing N N 55  
C   "C3'" "H3'"  sing N N 56  
C   "O3'" "HO3'" sing N N 57  
C   "C2'" "O2'"  sing N N 58  
C   "C2'" "C1'"  sing N N 59  
C   "C2'" "H2'"  sing N N 60  
C   "O2'" "HO2'" sing N N 61  
C   "C1'" N1     sing N N 62  
C   "C1'" "H1'"  sing N N 63  
C   N1    C2     sing N N 64  
C   N1    C6     sing N N 65  
C   C2    O2     doub N N 66  
C   C2    N3     sing N N 67  
C   N3    C4     doub N N 68  
C   C4    N4     sing N N 69  
C   C4    C5     sing N N 70  
C   N4    H41    sing N N 71  
C   N4    H42    sing N N 72  
C   C5    C6     doub N N 73  
C   C5    H5     sing N N 74  
C   C6    H6     sing N N 75  
G   OP3   P      sing N N 76  
G   OP3   HOP3   sing N N 77  
G   P     OP1    doub N N 78  
G   P     OP2    sing N N 79  
G   P     "O5'"  sing N N 80  
G   OP2   HOP2   sing N N 81  
G   "O5'" "C5'"  sing N N 82  
G   "C5'" "C4'"  sing N N 83  
G   "C5'" "H5'"  sing N N 84  
G   "C5'" "H5''" sing N N 85  
G   "C4'" "O4'"  sing N N 86  
G   "C4'" "C3'"  sing N N 87  
G   "C4'" "H4'"  sing N N 88  
G   "O4'" "C1'"  sing N N 89  
G   "C3'" "O3'"  sing N N 90  
G   "C3'" "C2'"  sing N N 91  
G   "C3'" "H3'"  sing N N 92  
G   "O3'" "HO3'" sing N N 93  
G   "C2'" "O2'"  sing N N 94  
G   "C2'" "C1'"  sing N N 95  
G   "C2'" "H2'"  sing N N 96  
G   "O2'" "HO2'" sing N N 97  
G   "C1'" N9     sing N N 98  
G   "C1'" "H1'"  sing N N 99  
G   N9    C8     sing Y N 100 
G   N9    C4     sing Y N 101 
G   C8    N7     doub Y N 102 
G   C8    H8     sing N N 103 
G   N7    C5     sing Y N 104 
G   C5    C6     sing N N 105 
G   C5    C4     doub Y N 106 
G   C6    O6     doub N N 107 
G   C6    N1     sing N N 108 
G   N1    C2     sing N N 109 
G   N1    H1     sing N N 110 
G   C2    N2     sing N N 111 
G   C2    N3     doub N N 112 
G   N2    H21    sing N N 113 
G   N2    H22    sing N N 114 
G   N3    C4     sing N N 115 
HOH O     H1     sing N N 116 
HOH O     H2     sing N N 117 
O2Z "O3'" "C3'"  sing N N 118 
O2Z OP1   P      sing N N 119 
O2Z "O2'" "C2'"  sing N N 120 
O2Z "C3'" "C4'"  sing N N 121 
O2Z "C3'" "C2'"  sing N N 122 
O2Z "C5'" "C4'"  sing N N 123 
O2Z "C5'" "O5'"  sing N N 124 
O2Z "C4'" "O4'"  sing N N 125 
O2Z "C2'" "C1'"  sing N N 126 
O2Z "O5'" P      sing N N 127 
O2Z P     OP2    doub N N 128 
O2Z "O4'" "C1'"  sing N N 129 
O2Z "C1'" N9     sing N N 130 
O2Z N9    C8     sing Y N 131 
O2Z N9    C4     sing Y N 132 
O2Z C8    N7     doub Y N 133 
O2Z N3    C4     doub Y N 134 
O2Z N3    C2     sing Y N 135 
O2Z C4    C5     sing Y N 136 
O2Z N26   C2     sing N N 137 
O2Z C2    N1     doub Y N 138 
O2Z N7    C5     sing Y N 139 
O2Z C5    C6     doub Y N 140 
O2Z N1    C6     sing Y N 141 
O2Z C6    N6     sing N N 142 
O2Z N6    N25    sing N N 143 
O2Z OP1   H2     sing N N 144 
O2Z "C5'" "H5'1" sing N N 145 
O2Z "C5'" "H5'2" sing N N 146 
O2Z "C4'" "H4'"  sing N N 147 
O2Z "C3'" "H3'"  sing N N 148 
O2Z "O3'" H3     sing N N 149 
O2Z "C2'" "H2'"  sing N N 150 
O2Z "C1'" H4     sing N N 151 
O2Z C8    H5     sing N N 152 
O2Z N6    H6     sing N N 153 
O2Z "O2'" H7     sing N N 154 
O2Z N26   H8     sing N N 155 
O2Z N26   H9     sing N N 156 
O2Z N25   H10    sing N N 157 
O2Z N25   H11    sing N N 158 
O2Z P     OP3    sing N N 159 
O2Z OP3   H1     sing N N 160 
U   OP3   P      sing N N 161 
U   OP3   HOP3   sing N N 162 
U   P     OP1    doub N N 163 
U   P     OP2    sing N N 164 
U   P     "O5'"  sing N N 165 
U   OP2   HOP2   sing N N 166 
U   "O5'" "C5'"  sing N N 167 
U   "C5'" "C4'"  sing N N 168 
U   "C5'" "H5'"  sing N N 169 
U   "C5'" "H5''" sing N N 170 
U   "C4'" "O4'"  sing N N 171 
U   "C4'" "C3'"  sing N N 172 
U   "C4'" "H4'"  sing N N 173 
U   "O4'" "C1'"  sing N N 174 
U   "C3'" "O3'"  sing N N 175 
U   "C3'" "C2'"  sing N N 176 
U   "C3'" "H3'"  sing N N 177 
U   "O3'" "HO3'" sing N N 178 
U   "C2'" "O2'"  sing N N 179 
U   "C2'" "C1'"  sing N N 180 
U   "C2'" "H2'"  sing N N 181 
U   "O2'" "HO2'" sing N N 182 
U   "C1'" N1     sing N N 183 
U   "C1'" "H1'"  sing N N 184 
U   N1    C2     sing N N 185 
U   N1    C6     sing N N 186 
U   C2    O2     doub N N 187 
U   C2    N3     sing N N 188 
U   N3    C4     sing N N 189 
U   N3    H3     sing N N 190 
U   C4    O4     doub N N 191 
U   C4    C5     sing N N 192 
U   C5    C6     doub N N 193 
U   C5    H5     sing N N 194 
U   C6    H6     sing N N 195 
# 
loop_
_ndb_struct_conf_na.entry_id 
_ndb_struct_conf_na.feature 
6XUS 'double helix'         
6XUS 'a-form double helix'  
6XUS 'mismatched base pair' 
# 
loop_
_ndb_struct_na_base_pair.model_number 
_ndb_struct_na_base_pair.i_label_asym_id 
_ndb_struct_na_base_pair.i_label_comp_id 
_ndb_struct_na_base_pair.i_label_seq_id 
_ndb_struct_na_base_pair.i_symmetry 
_ndb_struct_na_base_pair.j_label_asym_id 
_ndb_struct_na_base_pair.j_label_comp_id 
_ndb_struct_na_base_pair.j_label_seq_id 
_ndb_struct_na_base_pair.j_symmetry 
_ndb_struct_na_base_pair.shear 
_ndb_struct_na_base_pair.stretch 
_ndb_struct_na_base_pair.stagger 
_ndb_struct_na_base_pair.buckle 
_ndb_struct_na_base_pair.propeller 
_ndb_struct_na_base_pair.opening 
_ndb_struct_na_base_pair.pair_number 
_ndb_struct_na_base_pair.pair_name 
_ndb_struct_na_base_pair.i_auth_asym_id 
_ndb_struct_na_base_pair.i_auth_seq_id 
_ndb_struct_na_base_pair.i_PDB_ins_code 
_ndb_struct_na_base_pair.j_auth_asym_id 
_ndb_struct_na_base_pair.j_auth_seq_id 
_ndb_struct_na_base_pair.j_PDB_ins_code 
_ndb_struct_na_base_pair.hbond_type_28 
_ndb_struct_na_base_pair.hbond_type_12 
1 A C   1  1_555 A G   12 2_656 0.127  -0.105 -0.044 8.965  -17.508 -0.405  1  A_C1001:G1012_A   A 1001 ? A 1012 ? 19 1 
1 A G   2  1_555 A C   11 2_656 -0.296 -0.177 0.022  -5.652 -18.547 1.222   2  A_G1002:C1011_A   A 1002 ? A 1011 ? 19 1 
1 A C   3  1_555 A G   10 2_656 0.076  -0.163 0.307  -5.101 -13.836 -3.252  3  A_C1003:G1010_A   A 1003 ? A 1010 ? 19 1 
1 A G   4  1_555 A A   9  2_656 0.007  1.521  -0.294 1.890  -8.392  -19.252 4  A_G1004:A1009_A   A 1004 ? A 1009 ? 8  1 
1 A A   5  1_555 A U   8  2_656 0.043  -0.033 0.254  5.248  -11.740 -5.227  5  A_A1005:U1008_A   A 1005 ? A 1008 ? 20 1 
1 A O2Z 6  1_555 A U   7  2_656 -0.090 -0.028 0.007  0.594  -19.665 -3.463  6  A_O2Z1006:U1007_A A 1006 ? A 1007 ? 20 1 
1 A U   7  1_555 A O2Z 6  2_656 0.090  -0.028 0.007  -0.594 -19.665 -3.463  7  A_U1007:O2Z1006_A A 1007 ? A 1006 ? 20 1 
1 A U   8  1_555 A A   5  2_656 -0.043 -0.033 0.254  -5.248 -11.740 -5.227  8  A_U1008:A1005_A   A 1008 ? A 1005 ? 20 1 
1 A A   9  1_555 A G   4  2_656 -0.007 1.521  -0.294 -1.890 -8.392  -19.252 9  A_A1009:G1004_A   A 1009 ? A 1004 ? 8  1 
1 A G   10 1_555 A C   3  2_656 -0.076 -0.163 0.307  5.101  -13.836 -3.252  10 A_G1010:C1003_A   A 1010 ? A 1003 ? 19 1 
1 A C   11 1_555 A G   2  2_656 0.296  -0.177 0.022  5.652  -18.547 1.222   11 A_C1011:G1002_A   A 1011 ? A 1002 ? 19 1 
1 A G   12 1_555 A C   1  2_656 -0.127 -0.105 -0.044 -8.965 -17.508 -0.405  12 A_G1012:C1001_A   A 1012 ? A 1001 ? 19 1 
# 
loop_
_ndb_struct_na_base_pair_step.model_number 
_ndb_struct_na_base_pair_step.i_label_asym_id_1 
_ndb_struct_na_base_pair_step.i_label_comp_id_1 
_ndb_struct_na_base_pair_step.i_label_seq_id_1 
_ndb_struct_na_base_pair_step.i_symmetry_1 
_ndb_struct_na_base_pair_step.j_label_asym_id_1 
_ndb_struct_na_base_pair_step.j_label_comp_id_1 
_ndb_struct_na_base_pair_step.j_label_seq_id_1 
_ndb_struct_na_base_pair_step.j_symmetry_1 
_ndb_struct_na_base_pair_step.i_label_asym_id_2 
_ndb_struct_na_base_pair_step.i_label_comp_id_2 
_ndb_struct_na_base_pair_step.i_label_seq_id_2 
_ndb_struct_na_base_pair_step.i_symmetry_2 
_ndb_struct_na_base_pair_step.j_label_asym_id_2 
_ndb_struct_na_base_pair_step.j_label_comp_id_2 
_ndb_struct_na_base_pair_step.j_label_seq_id_2 
_ndb_struct_na_base_pair_step.j_symmetry_2 
_ndb_struct_na_base_pair_step.shift 
_ndb_struct_na_base_pair_step.slide 
_ndb_struct_na_base_pair_step.rise 
_ndb_struct_na_base_pair_step.tilt 
_ndb_struct_na_base_pair_step.roll 
_ndb_struct_na_base_pair_step.twist 
_ndb_struct_na_base_pair_step.x_displacement 
_ndb_struct_na_base_pair_step.y_displacement 
_ndb_struct_na_base_pair_step.helical_rise 
_ndb_struct_na_base_pair_step.inclination 
_ndb_struct_na_base_pair_step.tip 
_ndb_struct_na_base_pair_step.helical_twist 
_ndb_struct_na_base_pair_step.step_number 
_ndb_struct_na_base_pair_step.step_name 
_ndb_struct_na_base_pair_step.i_auth_asym_id_1 
_ndb_struct_na_base_pair_step.i_auth_seq_id_1 
_ndb_struct_na_base_pair_step.i_PDB_ins_code_1 
_ndb_struct_na_base_pair_step.j_auth_asym_id_1 
_ndb_struct_na_base_pair_step.j_auth_seq_id_1 
_ndb_struct_na_base_pair_step.j_PDB_ins_code_1 
_ndb_struct_na_base_pair_step.i_auth_asym_id_2 
_ndb_struct_na_base_pair_step.i_auth_seq_id_2 
_ndb_struct_na_base_pair_step.i_PDB_ins_code_2 
_ndb_struct_na_base_pair_step.j_auth_asym_id_2 
_ndb_struct_na_base_pair_step.j_auth_seq_id_2 
_ndb_struct_na_base_pair_step.j_PDB_ins_code_2 
1 A C   1  1_555 A G   12 2_656 A G   2  1_555 A C   11 2_656 -0.379 -1.664 3.455 -3.291 14.019 32.164 -4.769 0.155  2.557 23.866 
5.602  35.162 1  AA_C1001G1002:C1011G1012_AA     A 1001 ? A 1012 ? A 1002 ? A 1011 ? 
1 A G   2  1_555 A C   11 2_656 A C   3  1_555 A G   10 2_656 -0.565 -1.268 3.203 -2.871 4.083  35.198 -2.653 0.521  3.076 6.709  
4.718  35.539 2  AA_G1002C1003:G1010C1011_AA     A 1002 ? A 1011 ? A 1003 ? A 1010 ? 
1 A C   3  1_555 A G   10 2_656 A G   4  1_555 A A   9  2_656 -0.893 -1.260 3.069 3.384  8.884  28.362 -4.041 2.340  2.450 17.521 
-6.674 29.882 3  AA_C1003G1004:A1009G1010_AA     A 1003 ? A 1010 ? A 1004 ? A 1009 ? 
1 A G   4  1_555 A A   9  2_656 A A   5  1_555 A U   8  2_656 0.656  -1.505 3.102 -3.925 10.169 28.919 -4.530 -1.889 2.344 19.509 
7.530  30.864 4  AA_G1004A1005:U1008A1009_AA     A 1004 ? A 1009 ? A 1005 ? A 1008 ? 
1 A A   5  1_555 A U   8  2_656 A O2Z 6  1_555 A U   7  2_656 -0.041 -1.249 3.337 1.099  10.435 34.763 -3.421 0.216  2.854 16.992 
-1.789 36.265 5  AA_A1005O2Z1006:U1007U1008_AA   A 1005 ? A 1008 ? A 1006 ? A 1007 ? 
1 A O2Z 6  1_555 A U   7  2_656 A U   7  1_555 A O2Z 6  2_656 0.000  -1.316 3.219 0.000  8.158  33.377 -3.428 0.000  2.829 13.946 
0.000  34.332 6  AA_O2Z1006U1007:O2Z1006U1007_AA A 1006 ? A 1007 ? A 1007 ? A 1006 ? 
1 A U   7  1_555 A O2Z 6  2_656 A U   8  1_555 A A   5  2_656 0.041  -1.249 3.337 -1.099 10.435 34.763 -3.421 -0.216 2.854 16.992 
1.789  36.265 7  AA_U1007U1008:A1005O2Z1006_AA   A 1007 ? A 1006 ? A 1008 ? A 1005 ? 
1 A U   8  1_555 A A   5  2_656 A A   9  1_555 A G   4  2_656 -0.656 -1.505 3.102 3.925  10.169 28.919 -4.530 1.889  2.344 19.509 
-7.530 30.864 8  AA_U1008A1009:G1004A1005_AA     A 1008 ? A 1005 ? A 1009 ? A 1004 ? 
1 A A   9  1_555 A G   4  2_656 A G   10 1_555 A C   3  2_656 0.893  -1.260 3.069 -3.384 8.884  28.362 -4.041 -2.340 2.450 17.521 
6.674  29.882 9  AA_A1009G1010:C1003G1004_AA     A 1009 ? A 1004 ? A 1010 ? A 1003 ? 
1 A G   10 1_555 A C   3  2_656 A C   11 1_555 A G   2  2_656 0.565  -1.268 3.203 2.871  4.083  35.198 -2.653 -0.521 3.076 6.709  
-4.718 35.539 10 AA_G1010C1011:G1002C1003_AA     A 1010 ? A 1003 ? A 1011 ? A 1002 ? 
1 A C   11 1_555 A G   2  2_656 A G   12 1_555 A C   1  2_656 0.379  -1.664 3.455 3.291  14.019 32.164 -4.769 -0.155 2.557 23.866 
-5.602 35.162 11 AA_C1011G1012:C1001G1002_AA     A 1011 ? A 1002 ? A 1012 ? A 1001 ? 
# 
_pdbx_entity_instance_feature.ordinal        1 
_pdbx_entity_instance_feature.comp_id        O2Z 
_pdbx_entity_instance_feature.asym_id        ? 
_pdbx_entity_instance_feature.seq_num        ? 
_pdbx_entity_instance_feature.auth_comp_id   O2Z 
_pdbx_entity_instance_feature.auth_asym_id   ? 
_pdbx_entity_instance_feature.auth_seq_num   ? 
_pdbx_entity_instance_feature.feature_type   'SUBJECT OF INVESTIGATION' 
_pdbx_entity_instance_feature.details        ? 
# 
_pdbx_initial_refinement_model.id               1 
_pdbx_initial_refinement_model.entity_id_list   ? 
_pdbx_initial_refinement_model.type             'experimental model' 
_pdbx_initial_refinement_model.source_name      PDB 
_pdbx_initial_refinement_model.accession_code   2Q1R 
_pdbx_initial_refinement_model.details          ? 
# 
_space_group.name_H-M_alt     'C 1 2 1' 
_space_group.name_Hall        'C 2y' 
_space_group.IT_number        5 
_space_group.crystal_system   monoclinic 
_space_group.id               1 
# 
_atom_sites.entry_id                    6XUS 
_atom_sites.Cartn_transf_matrix[1][1]   ? 
_atom_sites.Cartn_transf_matrix[1][2]   ? 
_atom_sites.Cartn_transf_matrix[1][3]   ? 
_atom_sites.Cartn_transf_matrix[2][1]   ? 
_atom_sites.Cartn_transf_matrix[2][2]   ? 
_atom_sites.Cartn_transf_matrix[2][3]   ? 
_atom_sites.Cartn_transf_matrix[3][1]   ? 
_atom_sites.Cartn_transf_matrix[3][2]   ? 
_atom_sites.Cartn_transf_matrix[3][3]   ? 
_atom_sites.Cartn_transf_vector[1]      ? 
_atom_sites.Cartn_transf_vector[2]      ? 
_atom_sites.Cartn_transf_vector[3]      ? 
_atom_sites.fract_transf_matrix[1][1]   -0.00245328 
_atom_sites.fract_transf_matrix[1][2]   -0.02225268 
_atom_sites.fract_transf_matrix[1][3]   -0.02213534 
_atom_sites.fract_transf_matrix[2][1]   0.02251309 
_atom_sites.fract_transf_matrix[2][2]   -0.01346100 
_atom_sites.fract_transf_matrix[2][3]   0.01103721 
_atom_sites.fract_transf_matrix[3][1]   -0.02104724 
_atom_sites.fract_transf_matrix[3][2]   -0.03473847 
_atom_sites.fract_transf_matrix[3][3]   0.00056392 
_atom_sites.fract_transf_vector[1]      0.447481 
_atom_sites.fract_transf_vector[2]      0.066993 
_atom_sites.fract_transf_vector[3]      0.480305 
_atom_sites.solution_primary            ? 
_atom_sites.solution_secondary          ? 
_atom_sites.solution_hydrogens          ? 
_atom_sites.special_details             ? 
# 
loop_
_atom_type.symbol 
_atom_type.scat_dispersion_real 
_atom_type.scat_dispersion_imag 
_atom_type.scat_Cromer_Mann_a1 
_atom_type.scat_Cromer_Mann_a2 
_atom_type.scat_Cromer_Mann_a3 
_atom_type.scat_Cromer_Mann_a4 
_atom_type.scat_Cromer_Mann_b1 
_atom_type.scat_Cromer_Mann_b2 
_atom_type.scat_Cromer_Mann_b3 
_atom_type.scat_Cromer_Mann_b4 
_atom_type.scat_Cromer_Mann_c 
_atom_type.scat_source 
_atom_type.scat_dispersion_source 
C  ? ? 3.54356 2.42580 ?       ? 25.62398 1.50364  ?        ? 0.0 
;2-Gaussian fit: Grosse-Kunstleve RW, Sauter NK, Adams PD: Newsletter of the IUCr Commission on Crystallographic Computing 2004, 3, 22-31.
;
? 
H  ? ? 0.51345 0.48472 ?       ? 24.73122 6.32584  ?        ? 0.0 
;2-Gaussian fit: Grosse-Kunstleve RW, Sauter NK, Adams PD: Newsletter of the IUCr Commission on Crystallographic Computing 2004, 3, 22-31.
;
? 
MG ? ? 9.41153 2.53737 ?       ? 2.59044  63.03566 ?        ? 0.0 
;2-Gaussian fit: Grosse-Kunstleve RW, Sauter NK, Adams PD: Newsletter of the IUCr Commission on Crystallographic Computing 2004, 3, 22-31.
;
? 
N  ? ? 4.01032 2.96436 ?       ? 19.97189 1.75589  ?        ? 0.0 
;2-Gaussian fit: Grosse-Kunstleve RW, Sauter NK, Adams PD: Newsletter of the IUCr Commission on Crystallographic Computing 2004, 3, 22-31.
;
? 
NA ? ? 6.63511 3.01293 1.30238 ? 5.54423  0.54580  90.85902 ? 0.0 
;3-Gaussian fit: Grosse-Kunstleve RW, Sauter NK, Adams PD: Newsletter of the IUCr Commission on Crystallographic Computing 2004, 3, 22-31.
;
? 
O  ? ? 4.49882 3.47563 ?       ? 15.80542 1.70748  ?        ? 0.0 
;2-Gaussian fit: Grosse-Kunstleve RW, Sauter NK, Adams PD: Newsletter of the IUCr Commission on Crystallographic Computing 2004, 3, 22-31.
;
? 
P  ? ? 9.51135 5.44231 ?       ? 1.42069  35.72801 ?        ? 0.0 
;2-Gaussian fit: Grosse-Kunstleve RW, Sauter NK, Adams PD: Newsletter of the IUCr Commission on Crystallographic Computing 2004, 3, 22-31.
;
? 
# 
loop_
_atom_site.group_PDB 
_atom_site.id 
_atom_site.type_symbol 
_atom_site.label_atom_id 
_atom_site.label_alt_id 
_atom_site.label_comp_id 
_atom_site.label_asym_id 
_atom_site.label_entity_id 
_atom_site.label_seq_id 
_atom_site.pdbx_PDB_ins_code 
_atom_site.Cartn_x 
_atom_site.Cartn_y 
_atom_site.Cartn_z 
_atom_site.occupancy 
_atom_site.B_iso_or_equiv 
_atom_site.pdbx_formal_charge 
_atom_site.auth_seq_id 
_atom_site.auth_comp_id 
_atom_site.auth_asym_id 
_atom_site.auth_atom_id 
_atom_site.pdbx_PDB_model_num 
ATOM   1   O  "O5'"  A C   A 1 1  ? -4.00210  -13.87617 -3.62946  0.628 17.12991 ? 1001 C   A "O5'"  1 
ATOM   2   O  "O5'"  B C   A 1 1  ? -4.35897  -15.91114 -2.41827  0.372 14.62755 ? 1001 C   A "O5'"  1 
ATOM   3   C  "C5'"  A C   A 1 1  ? -3.48870  -14.88905 -2.77925  0.628 16.00349 ? 1001 C   A "C5'"  1 
ATOM   4   C  "C5'"  B C   A 1 1  ? -3.49355  -14.85249 -2.79696  0.372 14.78959 ? 1001 C   A "C5'"  1 
ATOM   5   C  "C4'"  A C   A 1 1  ? -2.14681  -15.38351 -3.25226  0.628 14.06203 ? 1001 C   A "C4'"  1 
ATOM   6   C  "C4'"  B C   A 1 1  ? -2.15487  -15.37276 -3.25107  0.372 14.40897 ? 1001 C   A "C4'"  1 
ATOM   7   O  "O4'"  A C   A 1 1  ? -2.25382  -15.89382 -4.61035  0.628 12.82475 ? 1001 C   A "O4'"  1 
ATOM   8   O  "O4'"  B C   A 1 1  ? -2.25738  -15.89623 -4.60345  0.372 13.97291 ? 1001 C   A "O4'"  1 
ATOM   9   C  "C3'"  A C   A 1 1  ? -1.04533  -14.33927 -3.34364  0.628 13.70193 ? 1001 C   A "C3'"  1 
ATOM   10  C  "C3'"  B C   A 1 1  ? -1.04184  -14.34138 -3.34301  0.372 14.56418 ? 1001 C   A "C3'"  1 
ATOM   11  O  "O3'"  A C   A 1 1  ? -0.45529  -14.07066 -2.08727  0.628 14.76771 ? 1001 C   A "O3'"  1 
ATOM   12  O  "O3'"  B C   A 1 1  ? -0.45618  -14.07242 -2.08501  0.372 15.03129 ? 1001 C   A "O3'"  1 
ATOM   13  C  "C2'"  A C   A 1 1  ? -0.09465  -14.97476 -4.34322  0.628 12.91379 ? 1001 C   A "C2'"  1 
ATOM   14  C  "C2'"  B C   A 1 1  ? -0.09153  -14.98591 -4.33739  0.372 14.43255 ? 1001 C   A "C2'"  1 
ATOM   15  O  "O2'"  A C   A 1 1  ? 0.61662   -16.03999 -3.72583  0.628 13.61481 ? 1001 C   A "O2'"  1 
ATOM   16  O  "O2'"  B C   A 1 1  ? 0.63662   -16.03675 -3.71627  0.372 14.92181 ? 1001 C   A "O2'"  1 
ATOM   17  C  "C1'"  A C   A 1 1  ? -1.08379  -15.56678 -5.33724  0.628 12.11884 ? 1001 C   A "C1'"  1 
ATOM   18  C  "C1'"  B C   A 1 1  ? -1.07797  -15.59584 -5.32525  0.372 13.97404 ? 1001 C   A "C1'"  1 
ATOM   19  N  N1     A C   A 1 1  ? -1.42940  -14.63634 -6.44459  0.628 11.76593 ? 1001 C   A N1     1 
ATOM   20  N  N1     B C   A 1 1  ? -1.41371  -14.67737 -6.44156  0.372 13.99216 ? 1001 C   A N1     1 
ATOM   21  C  C2     A C   A 1 1  ? -0.49906  -14.49418 -7.48045  0.628 11.08414 ? 1001 C   A C2     1 
ATOM   22  C  C2     B C   A 1 1  ? -0.47658  -14.51577 -7.46755  0.372 13.77402 ? 1001 C   A C2     1 
ATOM   23  O  O2     A C   A 1 1  ? 0.57629   -15.09496 -7.37961  0.628 11.76058 ? 1001 C   A O2     1 
ATOM   24  O  O2     B C   A 1 1  ? 0.60369   -15.11265 -7.37455  0.372 14.12619 ? 1001 C   A O2     1 
ATOM   25  N  N3     A C   A 1 1  ? -0.78439  -13.70110 -8.53278  0.628 10.61085 ? 1001 C   A N3     1 
ATOM   26  N  N3     B C   A 1 1  ? -0.76498  -13.71137 -8.51271  0.372 13.56054 ? 1001 C   A N3     1 
ATOM   27  C  C4     A C   A 1 1  ? -1.94622  -13.05780 -8.59360  0.628 11.46362 ? 1001 C   A C4     1 
ATOM   28  C  C4     B C   A 1 1  ? -1.93521  -13.07924 -8.56743  0.372 13.96104 ? 1001 C   A C4     1 
ATOM   29  N  N4     A C   A 1 1  ? -2.17317  -12.28274 -9.65808  0.628 11.82100 ? 1001 C   A N4     1 
ATOM   30  N  N4     B C   A 1 1  ? -2.17045  -12.29316 -9.62218  0.372 14.13282 ? 1001 C   A N4     1 
ATOM   31  C  C5     A C   A 1 1  ? -2.91645  -13.18043 -7.55570  0.628 11.84038 ? 1001 C   A C5     1 
ATOM   32  C  C5     B C   A 1 1  ? -2.91090  -13.22444 -7.53819  0.372 14.08105 ? 1001 C   A C5     1 
ATOM   33  C  C6     A C   A 1 1  ? -2.63064  -13.98572 -6.51667  0.628 12.09885 ? 1001 C   A C6     1 
ATOM   34  C  C6     B C   A 1 1  ? -2.61802  -14.03416 -6.50867  0.372 14.15648 ? 1001 C   A C6     1 
ATOM   35  H  "H5'"  A C   A 1 1  ? -4.11144  -15.63286 -2.76169  0.628 19.18327 ? 1001 C   A "H5'"  1 
ATOM   36  H  "H5'"  B C   A 1 1  ? -3.36404  -14.26149 -2.03868  0.372 17.72659 ? 1001 C   A "H5'"  1 
ATOM   37  H  "H5''" A C   A 1 1  ? -3.39668  -14.53268 -1.88258  0.628 19.18327 ? 1001 C   A "H5''" 1 
ATOM   38  H  "H5''" B C   A 1 1  ? -3.90230  -14.35234 -3.52165  0.372 17.72659 ? 1001 C   A "H5''" 1 
ATOM   39  H  "H4'"  A C   A 1 1  ? -1.85691  -16.10158 -2.66695  0.628 16.85352 ? 1001 C   A "H4'"  1 
ATOM   40  H  "H4'"  B C   A 1 1  ? -1.87859  -16.08830 -2.65812  0.372 17.26984 ? 1001 C   A "H4'"  1 
ATOM   41  H  "H3'"  A C   A 1 1  ? -1.39527  -13.51471 -3.71529  0.628 16.42140 ? 1001 C   A "H3'"  1 
ATOM   42  H  "H3'"  B C   A 1 1  ? -1.38440  -13.51672 -3.72185  0.372 17.45610 ? 1001 C   A "H3'"  1 
ATOM   43  H  "H2'"  A C   A 1 1  ? 0.49956   -14.33124 -4.76010  0.628 15.47563 ? 1001 C   A "H2'"  1 
ATOM   44  H  "H2'"  B C   A 1 1  ? 0.49614   -14.34090 -4.76234  0.372 17.29815 ? 1001 C   A "H2'"  1 
ATOM   45  H  "HO2'" A C   A 1 1  ? 0.20232   -16.75819 -3.85981  0.628 16.31686 ? 1001 C   A "HO2'" 1 
ATOM   46  H  "HO2'" B C   A 1 1  ? 0.22003   -16.75780 -3.82327  0.372 17.88526 ? 1001 C   A "HO2'" 1 
ATOM   47  H  "H1'"  A C   A 1 1  ? -0.70739  -16.37067 -5.72922  0.628 14.52169 ? 1001 C   A "H1'"  1 
ATOM   48  H  "H1'"  B C   A 1 1  ? -0.70572  -16.41091 -5.69659  0.372 16.74793 ? 1001 C   A "H1'"  1 
ATOM   49  H  H41    A C   A 1 1  ? -2.91524  -11.85296 -9.72681  0.628 14.16428 ? 1001 C   A H41    1 
ATOM   50  H  H41    B C   A 1 1  ? -2.91743  -11.87203 -9.68631  0.372 16.93846 ? 1001 C   A H41    1 
ATOM   51  H  H42    A C   A 1 1  ? -1.57755  -12.21279 -10.27459 0.628 14.16428 ? 1001 C   A H42    1 
ATOM   52  H  H42    B C   A 1 1  ? -1.57499  -12.20904 -10.23657 0.372 16.93846 ? 1001 C   A H42    1 
ATOM   53  H  H5     A C   A 1 1  ? -3.72120  -12.71687 -7.59462  0.628 14.18753 ? 1001 C   A H5     1 
ATOM   54  H  H5     B C   A 1 1  ? -3.72225  -12.77328 -7.57877  0.372 16.87635 ? 1001 C   A H5     1 
ATOM   55  H  H6     A C   A 1 1  ? -3.25766  -14.10116 -5.84002  0.628 14.49770 ? 1001 C   A H6     1 
ATOM   56  H  H6     B C   A 1 1  ? -3.24327  -14.15885 -5.83144  0.372 16.96686 ? 1001 C   A H6     1 
ATOM   57  H  "HO5'" A C   A 1 1  ? -4.81550  -13.66928 -3.59506  0.628 20.53498 ? 1001 C   A "HO5'" 1 
ATOM   58  H  "HO5'" B C   A 1 1  ? -4.87604  -15.81523 -1.76228  0.372 17.53214 ? 1001 C   A "HO5'" 1 
ATOM   59  P  P      . G   A 1 2  ? 0.19869   -12.63998 -1.77434  1.000 15.75553 ? 1002 G   A P      1 
ATOM   60  O  OP1    . G   A 1 2  ? 0.56346   -12.68792 -0.33367  1.000 16.54469 ? 1002 G   A OP1    1 
ATOM   61  O  OP2    . G   A 1 2  ? -0.64015  -11.55402 -2.34602  1.000 16.45196 ? 1002 G   A OP2    1 
ATOM   62  O  "O5'"  . G   A 1 2  ? 1.50489   -12.62733 -2.66735  1.000 15.66063 ? 1002 G   A "O5'"  1 
ATOM   63  C  "C5'"  . G   A 1 2  ? 2.56823   -13.51863 -2.39870  1.000 16.43245 ? 1002 G   A "C5'"  1 
ATOM   64  C  "C4'"  . G   A 1 2  ? 3.67378   -13.28997 -3.37961  1.000 16.42174 ? 1002 G   A "C4'"  1 
ATOM   65  O  "O4'"  . G   A 1 2  ? 3.21018   -13.59550 -4.71202  1.000 16.19723 ? 1002 G   A "O4'"  1 
ATOM   66  C  "C3'"  . G   A 1 2  ? 4.15013   -11.85089 -3.48826  1.000 16.67128 ? 1002 G   A "C3'"  1 
ATOM   67  O  "O3'"  . G   A 1 2  ? 5.02355   -11.49444 -2.45268  1.000 16.78907 ? 1002 G   A "O3'"  1 
ATOM   68  C  "C2'"  . G   A 1 2  ? 4.77481   -11.81788 -4.86399  1.000 16.61464 ? 1002 G   A "C2'"  1 
ATOM   69  O  "O2'"  . G   A 1 2  ? 6.03863   -12.47956 -4.86604  1.000 17.87969 ? 1002 G   A "O2'"  1 
ATOM   70  C  "C1'"  . G   A 1 2  ? 3.78726   -12.67601 -5.62373  1.000 15.74670 ? 1002 G   A "C1'"  1 
ATOM   71  N  N9     . G   A 1 2  ? 2.69919   -11.93603 -6.26887  1.000 14.65763 ? 1002 G   A N9     1 
ATOM   72  C  C8     . G   A 1 2  ? 1.37676   -11.91273 -5.92803  1.000 14.55656 ? 1002 G   A C8     1 
ATOM   73  N  N7     . G   A 1 2  ? 0.64165   -11.24250 -6.77224  1.000 13.83736 ? 1002 G   A N7     1 
ATOM   74  C  C5     . G   A 1 2  ? 1.53733   -10.83967 -7.73921  1.000 13.02355 ? 1002 G   A C5     1 
ATOM   75  C  C6     . G   A 1 2  ? 1.32554   -10.12248 -8.92066  1.000 12.95267 ? 1002 G   A C6     1 
ATOM   76  O  O6     . G   A 1 2  ? 0.25730   -9.71342  -9.40133  1.000 12.86304 ? 1002 G   A O6     1 
ATOM   77  N  N1     . G   A 1 2  ? 2.52210   -9.91597  -9.59855  1.000 13.05648 ? 1002 G   A N1     1 
ATOM   78  C  C2     . G   A 1 2  ? 3.76874   -10.35874 -9.21863  1.000 12.99177 ? 1002 G   A C2     1 
ATOM   79  N  N2     . G   A 1 2  ? 4.81198   -10.04710 -10.00733 1.000 13.15592 ? 1002 G   A N2     1 
ATOM   80  N  N3     . G   A 1 2  ? 3.96115   -11.06800 -8.12722  1.000 13.53494 ? 1002 G   A N3     1 
ATOM   81  C  C4     . G   A 1 2  ? 2.80607   -11.26934 -7.45542  1.000 13.51939 ? 1002 G   A C4     1 
ATOM   82  H  "H5'"  . G   A 1 2  ? 2.25211   -14.43333 -2.47239  1.000 19.69802 ? 1002 G   A "H5'"  1 
ATOM   83  H  "H5''" . G   A 1 2  ? 2.89684   -13.36985 -1.49778  1.000 19.69802 ? 1002 G   A "H5''" 1 
ATOM   84  H  "H4'"  . G   A 1 2  ? 4.42268   -13.86768 -3.16487  1.000 19.68517 ? 1002 G   A "H4'"  1 
ATOM   85  H  "H3'"  . G   A 1 2  ? 3.38606   -11.25216 -3.47882  1.000 19.98461 ? 1002 G   A "H3'"  1 
ATOM   86  H  "H2'"  . G   A 1 2  ? 4.84320   -10.91790 -5.21827  1.000 19.91665 ? 1002 G   A "H2'"  1 
ATOM   87  H  "HO2'" . G   A 1 2  ? 6.39914   -12.38292 -4.11440  1.000 21.43471 ? 1002 G   A "HO2'" 1 
ATOM   88  H  "H1'"  . G   A 1 2  ? 4.28542   -13.14451 -6.31138  1.000 18.87512 ? 1002 G   A "H1'"  1 
ATOM   89  H  H8     . G   A 1 2  ? 1.03521   -12.33314 -5.17169  1.000 17.44696 ? 1002 G   A H8     1 
ATOM   90  H  H1     . G   A 1 2  ? 2.47950   -9.46470  -10.33040 1.000 15.64685 ? 1002 G   A H1     1 
ATOM   91  H  H21    . G   A 1 2  ? 4.68800   -9.58365  -10.72078 1.000 15.76618 ? 1002 G   A H21    1 
ATOM   92  H  H22    . G   A 1 2  ? 5.60329   -10.31150 -9.79868  1.000 15.76618 ? 1002 G   A H22    1 
ATOM   93  P  P      . C   A 1 3  ? 5.07761   -9.96645  -1.96795  1.000 17.22493 ? 1003 C   A P      1 
ATOM   94  O  OP1    . C   A 1 3  ? 6.00328   -9.94935  -0.79792  1.000 18.28458 ? 1003 C   A OP1    1 
ATOM   95  O  OP2    . C   A 1 3  ? 3.70739   -9.39513  -1.85137  1.000 17.77072 ? 1003 C   A OP2    1 
ATOM   96  O  "O5'"  . C   A 1 3  ? 5.78556   -9.20014  -3.18130  1.000 16.03878 ? 1003 C   A "O5'"  1 
ATOM   97  C  "C5'"  . C   A 1 3  ? 7.14848   -9.43247  -3.50644  1.000 15.44125 ? 1003 C   A "C5'"  1 
ATOM   98  C  "C4'"  . C   A 1 3  ? 7.55336   -8.66643  -4.73876  1.000 14.09538 ? 1003 C   A "C4'"  1 
ATOM   99  O  "O4'"  . C   A 1 3  ? 6.79008   -9.10791  -5.89387  1.000 13.64578 ? 1003 C   A "O4'"  1 
ATOM   100 C  "C3'"  . C   A 1 3  ? 7.31360   -7.17023  -4.71711  1.000 13.66241 ? 1003 C   A "C3'"  1 
ATOM   101 O  "O3'"  . C   A 1 3  ? 8.29349   -6.49912  -3.95070  1.000 14.43362 ? 1003 C   A "O3'"  1 
ATOM   102 C  "C2'"  . C   A 1 3  ? 7.33760   -6.82882  -6.20096  1.000 13.08840 ? 1003 C   A "C2'"  1 
ATOM   103 O  "O2'"  . C   A 1 3  ? 8.65925   -6.89210  -6.72820  1.000 12.93776 ? 1003 C   A "O2'"  1 
ATOM   104 C  "C1'"  . C   A 1 3  ? 6.56245   -8.00764  -6.75886  1.000 13.13815 ? 1003 C   A "C1'"  1 
ATOM   105 N  N1     . C   A 1 3  ? 5.10614   -7.76051  -6.84658  1.000 12.66275 ? 1003 C   A N1     1 
ATOM   106 C  C2     . C   A 1 3  ? 4.63704   -7.08069  -7.97675  1.000 11.82140 ? 1003 C   A C2     1 
ATOM   107 O  O2     . C   A 1 3  ? 5.46972   -6.64663  -8.79518  1.000 12.37653 ? 1003 C   A O2     1 
ATOM   108 N  N3     . C   A 1 3  ? 3.29761   -6.90432  -8.13391  1.000 11.98087 ? 1003 C   A N3     1 
ATOM   109 C  C4     . C   A 1 3  ? 2.44199   -7.35184  -7.20004  1.000 12.43627 ? 1003 C   A C4     1 
ATOM   110 N  N4     . C   A 1 3  ? 1.12033   -7.19463  -7.37039  1.000 12.35090 ? 1003 C   A N4     1 
ATOM   111 C  C5     . C   A 1 3  ? 2.90455   -8.03544  -6.04309  1.000 13.31587 ? 1003 C   A C5     1 
ATOM   112 C  C6     . C   A 1 3  ? 4.22645   -8.24018  -5.91055  1.000 13.38340 ? 1003 C   A C6     1 
ATOM   113 H  "H5'"  . C   A 1 3  ? 7.28075   -10.38048 -3.66386  1.000 18.50858 ? 1003 C   A "H5'"  1 
ATOM   114 H  "H5''" . C   A 1 3  ? 7.70504   -9.15538  -2.76187  1.000 18.50858 ? 1003 C   A "H5''" 1 
ATOM   115 H  "H4'"  . C   A 1 3  ? 8.49519   -8.83971  -4.89617  1.000 16.89353 ? 1003 C   A "H4'"  1 
ATOM   116 H  "H3'"  . C   A 1 3  ? 6.43311   -6.96783  -4.36572  1.000 16.37397 ? 1003 C   A "H3'"  1 
ATOM   117 H  "H2'"  . C   A 1 3  ? 6.92096   -5.97130  -6.38346  1.000 15.68516 ? 1003 C   A "H2'"  1 
ATOM   118 H  "HO2'" . C   A 1 3  ? 9.18298   -6.50275  -6.20005  1.000 15.50440 ? 1003 C   A "HO2'" 1 
ATOM   119 H  "H1'"  . C   A 1 3  ? 6.89144   -8.21206  -7.64829  1.000 15.74486 ? 1003 C   A "H1'"  1 
ATOM   120 H  H41    . C   A 1 3  ? 0.57270   -7.48107  -6.77289  1.000 14.80016 ? 1003 C   A H41    1 
ATOM   121 H  H42    . C   A 1 3  ? 0.82165   -6.80647  -8.07716  1.000 14.80016 ? 1003 C   A H42    1 
ATOM   122 H  H5     . C   A 1 3  ? 2.30849   -8.33380  -5.39483  1.000 15.95813 ? 1003 C   A H5     1 
ATOM   123 H  H6     . C   A 1 3  ? 4.54915   -8.71143  -5.17620  1.000 16.03916 ? 1003 C   A H6     1 
ATOM   124 P  P      . G   A 1 4  ? 7.89413   -5.48384  -2.77452  1.000 14.92971 ? 1004 G   A P      1 
ATOM   125 O  OP1    . G   A 1 4  ? 9.02892   -5.55709  -1.81376  1.000 16.29894 ? 1004 G   A OP1    1 
ATOM   126 O  OP2    . G   A 1 4  ? 6.50261   -5.71261  -2.31654  1.000 15.98423 ? 1004 G   A OP2    1 
ATOM   127 O  "O5'"  . G   A 1 4  ? 7.89417   -4.05458  -3.47318  1.000 14.56094 ? 1004 G   A "O5'"  1 
ATOM   128 C  "C5'"  . G   A 1 4  ? 9.11258   -3.49391  -3.92099  1.000 14.05037 ? 1004 G   A "C5'"  1 
ATOM   129 C  "C4'"  . G   A 1 4  ? 8.91507   -2.74376  -5.20481  1.000 13.22797 ? 1004 G   A "C4'"  1 
ATOM   130 O  "O4'"  . G   A 1 4  ? 8.35932   -3.61290  -6.22961  1.000 12.72209 ? 1004 G   A "O4'"  1 
ATOM   131 C  "C3'"  . G   A 1 4  ? 7.94794   -1.58089  -5.17864  1.000 13.31614 ? 1004 G   A "C3'"  1 
ATOM   132 O  "O3'"  . G   A 1 4  ? 8.48494   -0.43561  -4.55490  1.000 14.97253 ? 1004 G   A "O3'"  1 
ATOM   133 C  "C2'"  . G   A 1 4  ? 7.68142   -1.40250  -6.65805  1.000 12.91973 ? 1004 G   A "C2'"  1 
ATOM   134 O  "O2'"  . G   A 1 4  ? 8.83594   -0.84940  -7.29159  1.000 13.26014 ? 1004 G   A "O2'"  1 
ATOM   135 C  "C1'"  . G   A 1 4  ? 7.52940   -2.85838  -7.07674  1.000 12.65253 ? 1004 G   A "C1'"  1 
ATOM   136 N  N9     . G   A 1 4  ? 6.14167   -3.30440  -6.89405  1.000 12.10515 ? 1004 G   A N9     1 
ATOM   137 C  C8     . G   A 1 4  ? 5.56132   -3.99774  -5.85972  1.000 12.25129 ? 1004 G   A C8     1 
ATOM   138 N  N7     . G   A 1 4  ? 4.28419   -4.19915  -6.00134  1.000 12.58403 ? 1004 G   A N7     1 
ATOM   139 C  C5     . G   A 1 4  ? 3.99467   -3.58394  -7.21823  1.000 12.09103 ? 1004 G   A C5     1 
ATOM   140 C  C6     . G   A 1 4  ? 2.76376   -3.44233  -7.91504  1.000 11.74007 ? 1004 G   A C6     1 
ATOM   141 O  O6     . G   A 1 4  ? 1.65087   -3.86690  -7.60670  1.000 11.98232 ? 1004 G   A O6     1 
ATOM   142 N  N1     . G   A 1 4  ? 2.92139   -2.70676  -9.08759  1.000 11.52527 ? 1004 G   A N1     1 
ATOM   143 C  C2     . G   A 1 4  ? 4.11506   -2.18121  -9.52520  1.000 12.16998 ? 1004 G   A C2     1 
ATOM   144 N  N2     . G   A 1 4  ? 4.06608   -1.48599  -10.66587 1.000 13.05350 ? 1004 G   A N2     1 
ATOM   145 N  N3     . G   A 1 4  ? 5.26828   -2.31079  -8.89762  1.000 11.77002 ? 1004 G   A N3     1 
ATOM   146 C  C4     . G   A 1 4  ? 5.11958   -3.01495  -7.76170  1.000 11.57989 ? 1004 G   A C4     1 
ATOM   147 H  "H5'"  . G   A 1 4  ? 9.75933   -4.20376  -4.06128  1.000 16.83953 ? 1004 G   A "H5'"  1 
ATOM   148 H  "H5''" . G   A 1 4  ? 9.45266   -2.88682  -3.24512  1.000 16.83953 ? 1004 G   A "H5''" 1 
ATOM   149 H  "H4'"  . G   A 1 4  ? 9.78555   -2.42809  -5.49441  1.000 15.85264 ? 1004 G   A "H4'"  1 
ATOM   150 H  "H3'"  . G   A 1 4  ? 7.13099   -1.82915  -4.71748  1.000 15.95845 ? 1004 G   A "H3'"  1 
ATOM   151 H  "H2'"  . G   A 1 4  ? 6.88357   -0.88482  -6.85131  1.000 15.48276 ? 1004 G   A "H2'"  1 
ATOM   152 H  "HO2'" . G   A 1 4  ? 8.69445   -0.79346  -8.11823  1.000 15.89125 ? 1004 G   A "HO2'" 1 
ATOM   153 H  "H1'"  . G   A 1 4  ? 7.80297   -2.98764  -7.99866  1.000 15.16212 ? 1004 G   A "H1'"  1 
ATOM   154 H  H8     . G   A 1 4  ? 6.04053   -4.29716  -5.12161  1.000 14.68062 ? 1004 G   A H8     1 
ATOM   155 H  H1     . G   A 1 4  ? 2.22388   -2.57265  -9.57172  1.000 13.80940 ? 1004 G   A H1     1 
ATOM   156 H  H21    . G   A 1 4  ? 3.31936   -1.39466  -11.08374 1.000 15.64328 ? 1004 G   A H21    1 
ATOM   157 H  H22    . G   A 1 4  ? 4.78167   -1.12837  -10.98286 1.000 15.64328 ? 1004 G   A H22    1 
ATOM   158 P  P      . A   A 1 5  ? 7.50512   0.62755   -3.86901  1.000 17.10215 ? 1005 A   A P      1 
ATOM   159 O  OP1    . A   A 1 5  ? 8.38769   1.67241   -3.30426  1.000 18.54413 ? 1005 A   A OP1    1 
ATOM   160 O  OP2    . A   A 1 5  ? 6.45075   -0.04885  -3.05896  1.000 18.75119 ? 1005 A   A OP2    1 
ATOM   161 O  "O5'"  . A   A 1 5  ? 6.71345   1.25091   -5.10108  1.000 16.53742 ? 1005 A   A "O5'"  1 
ATOM   162 C  "C5'"  . A   A 1 5  ? 7.39666   1.94870   -6.12836  1.000 16.64390 ? 1005 A   A "C5'"  1 
ATOM   163 C  "C4'"  . A   A 1 5  ? 6.44162   2.42949   -7.18562  1.000 16.75401 ? 1005 A   A "C4'"  1 
ATOM   164 O  "O4'"  . A   A 1 5  ? 5.79785   1.29830   -7.82965  1.000 16.69872 ? 1005 A   A "O4'"  1 
ATOM   165 C  "C3'"  . A   A 1 5  ? 5.28011   3.27455   -6.69162  1.000 16.57567 ? 1005 A   A "C3'"  1 
ATOM   166 O  "O3'"  . A   A 1 5  ? 5.67560   4.61169   -6.44511  1.000 16.60372 ? 1005 A   A "O3'"  1 
ATOM   167 C  "C2'"  . A   A 1 5  ? 4.27121   3.10866   -7.81664  1.000 16.95464 ? 1005 A   A "C2'"  1 
ATOM   168 O  "O2'"  . A   A 1 5  ? 4.64179   3.89267   -8.93389  1.000 18.06102 ? 1005 A   A "O2'"  1 
ATOM   169 C  "C1'"  . A   A 1 5  ? 4.46896   1.64293   -8.17695  1.000 16.30741 ? 1005 A   A "C1'"  1 
ATOM   170 N  N9     . A   A 1 5  ? 3.53710   0.76113   -7.45221  1.000 15.56846 ? 1005 A   A N9     1 
ATOM   171 C  C8     . A   A 1 5  ? 3.79996   -0.03068  -6.36796  1.000 15.57226 ? 1005 A   A C8     1 
ATOM   172 N  N7     . A   A 1 5  ? 2.75954   -0.71253  -5.94885  1.000 15.71187 ? 1005 A   A N7     1 
ATOM   173 C  C5     . A   A 1 5  ? 1.73884   -0.33251  -6.80428  1.000 15.70579 ? 1005 A   A C5     1 
ATOM   174 C  C6     . A   A 1 5  ? 0.39053   -0.71873  -6.86883  1.000 15.41972 ? 1005 A   A C6     1 
ATOM   175 N  N6     . A   A 1 5  ? -0.14709  -1.60852  -6.04008  1.000 15.90168 ? 1005 A   A N6     1 
ATOM   176 N  N1     . A   A 1 5  ? -0.37438  -0.15042  -7.82815  1.000 16.20117 ? 1005 A   A N1     1 
ATOM   177 C  C2     . A   A 1 5  ? 0.21671   0.72084   -8.66741  1.000 16.14365 ? 1005 A   A C2     1 
ATOM   178 N  N3     . A   A 1 5  ? 1.47350   1.14315   -8.71506  1.000 15.85750 ? 1005 A   A N3     1 
ATOM   179 C  C4     . A   A 1 5  ? 2.19916   0.57549   -7.73935  1.000 15.33606 ? 1005 A   A C4     1 
ATOM   180 H  "H5'"  . A   A 1 5  ? 8.04991   1.35807   -6.53357  1.000 19.95177 ? 1005 A   A "H5'"  1 
ATOM   181 H  "H5''" . A   A 1 5  ? 7.85614   2.71142   -5.74346  1.000 19.95177 ? 1005 A   A "H5''" 1 
ATOM   182 H  "H4'"  . A   A 1 5  ? 6.93874   2.92663   -7.85373  1.000 20.08389 ? 1005 A   A "H4'"  1 
ATOM   183 H  "H3'"  . A   A 1 5  ? 4.90047   2.90031   -5.88121  1.000 19.86988 ? 1005 A   A "H3'"  1 
ATOM   184 H  "H2'"  . A   A 1 5  ? 3.36451   3.29440   -7.52492  1.000 20.32464 ? 1005 A   A "H2'"  1 
ATOM   185 H  "HO2'" . A   A 1 5  ? 5.14120   4.51689   -8.67558  1.000 21.65230 ? 1005 A   A "HO2'" 1 
ATOM   186 H  "H1'"  . A   A 1 5  ? 4.34233   1.51825   -9.13043  1.000 19.54797 ? 1005 A   A "H1'"  1 
ATOM   187 H  H8     . A   A 1 5  ? 4.63693   -0.08106  -5.96564  1.000 18.66579 ? 1005 A   A H8     1 
ATOM   188 H  H61    . A   A 1 5  ? -0.97745  -1.81993  -6.11511  1.000 19.06110 ? 1005 A   A H61    1 
ATOM   189 H  H62    . A   A 1 5  ? 0.33512   -1.97259  -5.42819  1.000 19.06110 ? 1005 A   A H62    1 
ATOM   190 H  H2     . A   A 1 5  ? -0.34379  1.08384   -9.31427  1.000 19.35146 ? 1005 A   A H2     1 
HETATM 191 P  P      . O2Z A 1 6  ? 4.99905   5.51282   -5.28621  1.000 16.16953 ? 1006 O2Z A P      1 
HETATM 192 O  OP1    . O2Z A 1 6  ? 5.99795   6.56785   -5.37177  1.000 18.18825 ? 1006 O2Z A OP1    1 
HETATM 193 O  OP2    . O2Z A 1 6  ? 4.79973   4.59558   -4.18316  1.000 17.10605 ? 1006 O2Z A OP2    1 
HETATM 194 O  "O5'"  . O2Z A 1 6  ? 3.62282   5.85473   -5.98377  1.000 15.36416 ? 1006 O2Z A "O5'"  1 
HETATM 195 C  "C5'"  . O2Z A 1 6  ? 3.53931   6.66295   -7.14309  1.000 15.36511 ? 1006 O2Z A "C5'"  1 
HETATM 196 C  "C4'"  . O2Z A 1 6  ? 2.10909   6.70672   -7.61970  1.000 15.03957 ? 1006 O2Z A "C4'"  1 
HETATM 197 O  "O4'"  . O2Z A 1 6  ? 1.69003   5.37765   -8.03262  1.000 14.86132 ? 1006 O2Z A "O4'"  1 
HETATM 198 C  "C3'"  . O2Z A 1 6  ? 1.07637   7.09681   -6.57417  1.000 14.47046 ? 1006 O2Z A "C3'"  1 
HETATM 199 O  "O3'"  . O2Z A 1 6  ? 1.00916   8.49721   -6.37414  1.000 14.54541 ? 1006 O2Z A "O3'"  1 
HETATM 200 C  "C2'"  . O2Z A 1 6  ? -0.20429  6.49556   -7.13180  1.000 15.09634 ? 1006 O2Z A "C2'"  1 
HETATM 201 C  "C1'"  . O2Z A 1 6  ? 0.32688   5.17771   -7.69278  1.000 14.63546 ? 1006 O2Z A "C1'"  1 
HETATM 202 N  N9     . O2Z A 1 6  ? 0.26826   4.07737   -6.71066  1.000 13.95007 ? 1006 O2Z A N9     1 
HETATM 203 C  C8     . O2Z A 1 6  ? 1.39863   3.65578   -5.90790  1.000 14.08440 ? 1006 O2Z A C8     1 
HETATM 204 N  N7     . O2Z A 1 6  ? 0.86735   2.61734   -5.13929  1.000 13.49123 ? 1006 O2Z A N7     1 
HETATM 205 C  C5     . O2Z A 1 6  ? -0.46593  2.53539   -5.56473  1.000 13.23932 ? 1006 O2Z A C5     1 
HETATM 206 C  C6     . O2Z A 1 6  ? -1.29972  1.58522   -5.03056  1.000 13.58978 ? 1006 O2Z A C6     1 
HETATM 207 N  N6     . O2Z A 1 6  ? -1.09664  0.56009   -4.05480  1.000 14.25633 ? 1006 O2Z A N6     1 
HETATM 208 N  N1     . O2Z A 1 6  ? -2.61206  1.60789   -5.50522  1.000 13.02298 ? 1006 O2Z A N1     1 
HETATM 209 C  C2     . O2Z A 1 6  ? -2.93966  2.59582   -6.50443  1.000 13.23801 ? 1006 O2Z A C2     1 
HETATM 210 N  N3     . O2Z A 1 6  ? -1.95743  3.42530   -6.91616  1.000 12.95032 ? 1006 O2Z A N3     1 
HETATM 211 C  C4     . O2Z A 1 6  ? -0.84636  3.32600   -6.42869  1.000 13.17323 ? 1006 O2Z A C4     1 
HETATM 212 O  "O2'"  . O2Z A 1 6  ? -0.69220  7.28230   -8.21182  1.000 16.22666 ? 1006 O2Z A "O2'"  1 
HETATM 213 N  N26    . O2Z A 1 6  ? -4.27197  2.63522   -6.98239  1.000 13.76207 ? 1006 O2Z A N26    1 
HETATM 214 N  N25    . O2Z A 1 6  ? 0.19248   0.29570   -3.56203  1.000 16.60717 ? 1006 O2Z A N25    1 
ATOM   215 P  P      . U   A 1 7  ? 0.59430   9.08869   -4.94322  1.000 14.80299 ? 1007 U   A P      1 
ATOM   216 O  OP1    . U   A 1 7  ? 0.83367   10.55028  -5.01803  1.000 15.66110 ? 1007 U   A OP1    1 
ATOM   217 O  OP2    . U   A 1 7  ? 1.21616   8.29107   -3.85577  1.000 15.67618 ? 1007 U   A OP2    1 
ATOM   218 O  "O5'"  . U   A 1 7  ? -0.94722  8.77183   -4.84883  1.000 14.06179 ? 1007 U   A "O5'"  1 
ATOM   219 C  "C5'"  . U   A 1 7  ? -1.87411  9.32439   -5.76510  1.000 14.25083 ? 1007 U   A "C5'"  1 
ATOM   220 C  "C4'"  . U   A 1 7  ? -3.21747  8.67843   -5.58155  1.000 14.26717 ? 1007 U   A "C4'"  1 
ATOM   221 O  "O4'"  . U   A 1 7  ? -3.11998  7.25727   -5.85835  1.000 13.50138 ? 1007 U   A "O4'"  1 
ATOM   222 C  "C3'"  . U   A 1 7  ? -3.78422  8.71959   -4.17422  1.000 13.94599 ? 1007 U   A "C3'"  1 
ATOM   223 O  "O3'"  . U   A 1 7  ? -4.30365  9.98896   -3.85619  1.000 14.86127 ? 1007 U   A "O3'"  1 
ATOM   224 C  "C2'"  . U   A 1 7  ? -4.80482  7.60060   -4.22810  1.000 13.62511 ? 1007 U   A "C2'"  1 
ATOM   225 O  "O2'"  . U   A 1 7  ? -5.92674  8.01891   -4.99023  1.000 13.90328 ? 1007 U   A "O2'"  1 
ATOM   226 C  "C1'"  . U   A 1 7  ? -4.01845  6.55352   -5.02064  1.000 13.00985 ? 1007 U   A "C1'"  1 
ATOM   227 N  N1     . U   A 1 7  ? -3.22405  5.64526   -4.16480  1.000 12.13537 ? 1007 U   A N1     1 
ATOM   228 C  C2     . U   A 1 7  ? -3.90273  4.56937   -3.64140  1.000 12.13461 ? 1007 U   A C2     1 
ATOM   229 O  O2     . U   A 1 7  ? -5.09860  4.38734   -3.80655  1.000 13.08305 ? 1007 U   A O2     1 
ATOM   230 N  N3     . U   A 1 7  ? -3.13407  3.71828   -2.89025  1.000 12.57432 ? 1007 U   A N3     1 
ATOM   231 C  C4     . U   A 1 7  ? -1.78445  3.82378   -2.63698  1.000 12.96260 ? 1007 U   A C4     1 
ATOM   232 O  O4     . U   A 1 7  ? -1.24083  2.95726   -1.94322  1.000 13.65793 ? 1007 U   A O4     1 
ATOM   233 C  C5     . U   A 1 7  ? -1.15208  4.97949   -3.21352  1.000 12.87413 ? 1007 U   A C5     1 
ATOM   234 C  C6     . U   A 1 7  ? -1.87694  5.82415   -3.95100  1.000 12.37141 ? 1007 U   A C6     1 
ATOM   235 H  "H5'"  . U   A 1 7  ? -1.56318  9.17273   -6.67194  1.000 17.08008 ? 1007 U   A "H5'"  1 
ATOM   236 H  "H5''" . U   A 1 7  ? -1.95024  10.27921  -5.61331  1.000 17.08008 ? 1007 U   A "H5''" 1 
ATOM   237 H  "H4'"  . U   A 1 7  ? -3.84740  9.08635   -6.19704  1.000 17.09969 ? 1007 U   A "H4'"  1 
ATOM   238 H  "H3'"  . U   A 1 7  ? -3.10980  8.48768   -3.51732  1.000 16.71427 ? 1007 U   A "H3'"  1 
ATOM   239 H  "H2'"  . U   A 1 7  ? -5.06447  7.26928   -3.35485  1.000 16.32921 ? 1007 U   A "H2'"  1 
ATOM   240 H  "HO2'" . U   A 1 7  ? -6.55501  7.47298   -4.87474  1.000 16.66301 ? 1007 U   A "HO2'" 1 
ATOM   241 H  "H1'"  . U   A 1 7  ? -4.63924  6.02655   -5.54704  1.000 15.59090 ? 1007 U   A "H1'"  1 
ATOM   242 H  H3     . U   A 1 7  ? -3.53882  3.04542   -2.53976  1.000 15.06827 ? 1007 U   A H3     1 
ATOM   243 H  H5     . U   A 1 7  ? -0.24664  5.13712   -3.07359  1.000 15.42804 ? 1007 U   A H5     1 
ATOM   244 H  H6     . U   A 1 7  ? -1.45645  6.56062   -4.33334  1.000 14.82477 ? 1007 U   A H6     1 
ATOM   245 P  P      . U   A 1 8  ? -4.28411  10.50908  -2.34894  1.000 16.53480 ? 1008 U   A P      1 
ATOM   246 O  OP1    . U   A 1 8  ? -4.84679  11.88281  -2.40328  1.000 17.67599 ? 1008 U   A OP1    1 
ATOM   247 O  OP2    . U   A 1 8  ? -2.97788  10.23572  -1.69834  1.000 17.25286 ? 1008 U   A OP2    1 
ATOM   248 O  "O5'"  . U   A 1 8  ? -5.35310  9.58629   -1.63169  1.000 16.16655 ? 1008 U   A "O5'"  1 
ATOM   249 C  "C5'"  . U   A 1 8  ? -6.70474  9.60948   -2.02810  1.000 17.18791 ? 1008 U   A "C5'"  1 
ATOM   250 C  "C4'"  . U   A 1 8  ? -7.49815  8.61204   -1.24205  1.000 17.64948 ? 1008 U   A "C4'"  1 
ATOM   251 O  "O4'"  . U   A 1 8  ? -7.12056  7.25903   -1.63319  1.000 16.71645 ? 1008 U   A "O4'"  1 
ATOM   252 C  "C3'"  . U   A 1 8  ? -7.28625  8.61807   0.26684   1.000 18.59112 ? 1008 U   A "C3'"  1 
ATOM   253 O  "O3'"  . U   A 1 8  ? -7.93852  9.68480   0.93616   1.000 19.83405 ? 1008 U   A "O3'"  1 
ATOM   254 C  "C2'"  . U   A 1 8  ? -7.79144  7.23116   0.63976   1.000 18.71677 ? 1008 U   A "C2'"  1 
ATOM   255 O  "O2'"  . U   A 1 8  ? -9.20936  7.16020   0.54217   1.000 20.56256 ? 1008 U   A "O2'"  1 
ATOM   256 C  "C1'"  . U   A 1 8  ? -7.20483  6.40586   -0.50103  1.000 16.81058 ? 1008 U   A "C1'"  1 
ATOM   257 N  N1     . U   A 1 8  ? -5.84799  5.89168   -0.19060  1.000 15.70631 ? 1008 U   A N1     1 
ATOM   258 C  C2     . U   A 1 8  ? -5.74336  4.71147   0.52352   1.000 15.73462 ? 1008 U   A C2     1 
ATOM   259 O  O2     . U   A 1 8  ? -6.72573  4.11129   0.93673   1.000 16.31096 ? 1008 U   A O2     1 
ATOM   260 N  N3     . U   A 1 8  ? -4.46372  4.26686   0.72561   1.000 15.18348 ? 1008 U   A N3     1 
ATOM   261 C  C4     . U   A 1 8  ? -3.31156  4.90586   0.32539   1.000 15.37778 ? 1008 U   A C4     1 
ATOM   262 O  O4     . U   A 1 8  ? -2.23058  4.39668   0.58835   1.000 15.83764 ? 1008 U   A O4     1 
ATOM   263 C  C5     . U   A 1 8  ? -3.49278  6.13126   -0.39142  1.000 15.36911 ? 1008 U   A C5     1 
ATOM   264 C  C6     . U   A 1 8  ? -4.72860  6.55814   -0.62714  1.000 15.24062 ? 1008 U   A C6     1 
ATOM   265 H  "H5'"  . U   A 1 8  ? -6.76600  9.39622   -2.97287  1.000 20.60457 ? 1008 U   A "H5'"  1 
ATOM   266 H  "H5''" . U   A 1 8  ? -7.06784  10.49722  -1.88074  1.000 20.60457 ? 1008 U   A "H5''" 1 
ATOM   267 H  "H4'"  . U   A 1 8  ? -8.44004  8.74934   -1.43010  1.000 21.15845 ? 1008 U   A "H4'"  1 
ATOM   268 H  "H3'"  . U   A 1 8  ? -6.33828  8.68654   0.46397   1.000 22.28843 ? 1008 U   A "H3'"  1 
ATOM   269 H  "H2'"  . U   A 1 8  ? -7.47459  6.95045   1.51268   1.000 22.43921 ? 1008 U   A "H2'"  1 
ATOM   270 H  "HO2'" . U   A 1 8  ? -9.54298  7.83608   0.91249   1.000 24.65416 ? 1008 U   A "HO2'" 1 
ATOM   271 H  "H1'"  . U   A 1 8  ? -7.78878  5.65500   -0.69494  1.000 20.15177 ? 1008 U   A "H1'"  1 
ATOM   272 H  H3     . U   A 1 8  ? -4.37128  3.51951   1.14166   1.000 18.19926 ? 1008 U   A H3     1 
ATOM   273 H  H5     . U   A 1 8  ? -2.75979  6.62018   -0.68689  1.000 18.42201 ? 1008 U   A H5     1 
ATOM   274 H  H6     . U   A 1 8  ? -4.84159  7.34490   -1.11050  1.000 18.26783 ? 1008 U   A H6     1 
ATOM   275 P  P      . A   A 1 9  ? -7.19372  10.53510  2.09382   1.000 20.12427 ? 1009 A   A P      1 
ATOM   276 O  OP1    . A   A 1 9  ? -7.85925  11.86251  2.11802   1.000 20.97936 ? 1009 A   A OP1    1 
ATOM   277 O  OP2    . A   A 1 9  ? -5.71320  10.44353  1.93512   1.000 21.08693 ? 1009 A   A OP2    1 
ATOM   278 O  "O5'"  . A   A 1 9  ? -7.53806  9.73992   3.43014   1.000 19.29087 ? 1009 A   A "O5'"  1 
ATOM   279 C  "C5'"  . A   A 1 9  ? -8.87719  9.60297   3.86487   1.000 17.43239 ? 1009 A   A "C5'"  1 
ATOM   280 C  "C4'"  . A   A 1 9  ? -9.05180  8.34301   4.65941   1.000 15.55260 ? 1009 A   A "C4'"  1 
ATOM   281 O  "O4'"  . A   A 1 9  ? -8.73976  7.18864   3.82947   1.000 15.24835 ? 1009 A   A "O4'"  1 
ATOM   282 C  "C3'"  . A   A 1 9  ? -8.15207  8.16357   5.86440   1.000 14.35518 ? 1009 A   A "C3'"  1 
ATOM   283 O  "O3'"  . A   A 1 9  ? -8.55655  8.95962   6.95898   1.000 13.69733 ? 1009 A   A "O3'"  1 
ATOM   284 C  "C2'"  . A   A 1 9  ? -8.25614  6.66202   6.07859   1.000 13.91355 ? 1009 A   A "C2'"  1 
ATOM   285 O  "O2'"  . A   A 1 9  ? -9.51694  6.33472   6.64224   1.000 13.96201 ? 1009 A   A "O2'"  1 
ATOM   286 C  "C1'"  . A   A 1 9  ? -8.19120  6.16651   4.63020   1.000 14.26084 ? 1009 A   A "C1'"  1 
ATOM   287 N  N9     . A   A 1 9  ? -6.79173  5.95167   4.22604   1.000 13.58546 ? 1009 A   A N9     1 
ATOM   288 C  C8     . A   A 1 9  ? -5.94486  6.77303   3.52102   1.000 13.40506 ? 1009 A   A C8     1 
ATOM   289 N  N7     . A   A 1 9  ? -4.72267  6.30199   3.40838   1.000 13.34588 ? 1009 A   A N7     1 
ATOM   290 C  C5     . A   A 1 9  ? -4.78300  5.09710   4.08083   1.000 12.62681 ? 1009 A   A C5     1 
ATOM   291 C  C6     . A   A 1 9  ? -3.82052  4.10768   4.33756   1.000 11.79244 ? 1009 A   A C6     1 
ATOM   292 N  N6     . A   A 1 9  ? -2.55667  4.18731   3.90138   1.000 11.99001 ? 1009 A   A N6     1 
ATOM   293 N  N1     . A   A 1 9  ? -4.18129  3.02023   5.06473   1.000 12.18581 ? 1009 A   A N1     1 
ATOM   294 C  C2     . A   A 1 9  ? -5.45206  2.93182   5.49398   1.000 12.86258 ? 1009 A   A C2     1 
ATOM   295 N  N3     . A   A 1 9  ? -6.45742  3.79867   5.30673   1.000 13.28958 ? 1009 A   A N3     1 
ATOM   296 C  C4     . A   A 1 9  ? -6.03775  4.87304   4.60333   1.000 12.98110 ? 1009 A   A C4     1 
ATOM   297 H  "H5'"  . A   A 1 9  ? -9.46411  9.57888   3.09372   1.000 20.89795 ? 1009 A   A "H5'"  1 
ATOM   298 H  "H5''" . A   A 1 9  ? -9.11334  10.36542  4.41785   1.000 20.89795 ? 1009 A   A "H5''" 1 
ATOM   299 H  "H4'"  . A   A 1 9  ? -9.97621  8.29507   4.94980   1.000 18.64220 ? 1009 A   A "H4'"  1 
ATOM   300 H  "H3'"  . A   A 1 9  ? -7.23201  8.38852   5.65439   1.000 17.20529 ? 1009 A   A "H3'"  1 
ATOM   301 H  "H2'"  . A   A 1 9  ? -7.52854  6.29878   6.60867   1.000 16.67534 ? 1009 A   A "H2'"  1 
ATOM   302 H  "HO2'" . A   A 1 9  ? -9.56296  5.50246   6.74469   1.000 16.73349 ? 1009 A   A "HO2'" 1 
ATOM   303 H  "H1'"  . A   A 1 9  ? -8.70317  5.35105   4.51234   1.000 17.09209 ? 1009 A   A "H1'"  1 
ATOM   304 H  H8     . A   A 1 9  ? -6.21069  7.58653   3.15771   1.000 16.06516 ? 1009 A   A H8     1 
ATOM   305 H  H61    . A   A 1 9  ? -1.99794  3.55943   4.08445   1.000 14.36709 ? 1009 A   A H61    1 
ATOM   306 H  H62    . A   A 1 9  ? -2.30410  4.86635   3.43829   1.000 14.36709 ? 1009 A   A H62    1 
ATOM   307 H  H2     . A   A 1 9  ? -5.66128  2.16965   5.98388   1.000 15.41418 ? 1009 A   A H2     1 
ATOM   308 P  P      . G   A 1 10 ? -7.51706  9.39017   8.09686   1.000 13.99868 ? 1010 G   A P      1 
ATOM   309 O  OP1    . G   A 1 10 ? -8.28286  10.21484  9.06608   1.000 15.26751 ? 1010 G   A OP1    1 
ATOM   310 O  OP2    . G   A 1 10 ? -6.26554  9.92279   7.51637   1.000 15.07453 ? 1010 G   A OP2    1 
ATOM   311 O  "O5'"  . G   A 1 10 ? -7.11306  8.01398   8.77611   1.000 13.25768 ? 1010 G   A "O5'"  1 
ATOM   312 C  "C5'"  . G   A 1 10 ? -8.07404  7.23811   9.46513   1.000 13.52898 ? 1010 G   A "C5'"  1 
ATOM   313 C  "C4'"  . G   A 1 10 ? -7.45871  5.94758   9.91061   1.000 13.66205 ? 1010 G   A "C4'"  1 
ATOM   314 O  "O4'"  . G   A 1 10 ? -6.93470  5.22218   8.76925   1.000 13.36066 ? 1010 G   A "O4'"  1 
ATOM   315 C  "C3'"  . G   A 1 10 ? -6.27233  6.07303   10.84604  1.000 14.06771 ? 1010 G   A "C3'"  1 
ATOM   316 O  "O3'"  . G   A 1 10 ? -6.70226  6.32918   12.16430  1.000 14.84398 ? 1010 G   A "O3'"  1 
ATOM   317 C  "C2'"  . G   A 1 10 ? -5.59113  4.73242   10.66548  1.000 13.81875 ? 1010 G   A "C2'"  1 
ATOM   318 O  "O2'"  . G   A 1 10 ? -6.32579  3.73069   11.36258  1.000 14.45083 ? 1010 G   A "O2'"  1 
ATOM   319 C  "C1'"  . G   A 1 10 ? -5.76752  4.52956   9.16123   1.000 12.89000 ? 1010 G   A "C1'"  1 
ATOM   320 N  N9     . G   A 1 10 ? -4.63741  5.05413   8.38025   1.000 11.95742 ? 1010 G   A N9     1 
ATOM   321 C  C8     . G   A 1 10 ? -4.59781  6.19759   7.61587   1.000 12.21926 ? 1010 G   A C8     1 
ATOM   322 N  N7     . G   A 1 10 ? -3.45929  6.35967   7.00477   1.000 12.07750 ? 1010 G   A N7     1 
ATOM   323 C  C5     . G   A 1 10 ? -2.72841  5.25166   7.37525   1.000 12.05068 ? 1010 G   A C5     1 
ATOM   324 C  C6     . G   A 1 10 ? -1.40639  4.88348   7.02460   1.000 11.41011 ? 1010 G   A C6     1 
ATOM   325 O  O6     . G   A 1 10 ? -0.63764  5.48468   6.26454   1.000 11.70447 ? 1010 G   A O6     1 
ATOM   326 N  N1     . G   A 1 10 ? -1.00853  3.69573   7.62905   1.000 11.09290 ? 1010 G   A N1     1 
ATOM   327 C  C2     . G   A 1 10 ? -1.78437  2.95081   8.49128   1.000 11.30884 ? 1010 G   A C2     1 
ATOM   328 N  N2     . G   A 1 10 ? -1.25272  1.84200   9.01193   1.000 11.89538 ? 1010 G   A N2     1 
ATOM   329 N  N3     . G   A 1 10 ? -3.03018  3.27477   8.81822   1.000 11.45766 ? 1010 G   A N3     1 
ATOM   330 C  C4     . G   A 1 10 ? -3.42426  4.43590   8.22773   1.000 11.73044 ? 1010 G   A C4     1 
ATOM   331 H  "H5'"  . G   A 1 10 ? -8.82358  7.05357   8.87642   1.000 16.21386 ? 1010 G   A "H5'"  1 
ATOM   332 H  "H5''" . G   A 1 10 ? -8.39359  7.72841   10.23790  1.000 16.21386 ? 1010 G   A "H5''" 1 
ATOM   333 H  "H4'"  . G   A 1 10 ? -8.14078  5.40299   10.33342  1.000 16.37355 ? 1010 G   A "H4'"  1 
ATOM   334 H  "H3'"  . G   A 1 10 ? -5.66289  6.76899   10.55486  1.000 16.86033 ? 1010 G   A "H3'"  1 
ATOM   335 H  "H2'"  . G   A 1 10 ? -4.65370  4.73799   10.91568  1.000 16.56158 ? 1010 G   A "H2'"  1 
ATOM   336 H  "HO2'" . G   A 1 10 ? -5.98940  2.97927   11.19615  1.000 17.32008 ? 1010 G   A "HO2'" 1 
ATOM   337 H  "H1'"  . G   A 1 10 ? -5.86963  3.58171   8.98186   1.000 15.44708 ? 1010 G   A "H1'"  1 
ATOM   338 H  H8     . G   A 1 10 ? -5.30887  6.79210   7.54299   1.000 14.64219 ? 1010 G   A H8     1 
ATOM   339 H  H1     . G   A 1 10 ? -0.21887  3.40384   7.45175   1.000 13.29057 ? 1010 G   A H1     1 
ATOM   340 H  H21    . G   A 1 10 ? -0.44814  1.61555   8.81181   1.000 14.25354 ? 1010 G   A H21    1 
ATOM   341 H  H22    . G   A 1 10 ? -1.71620  1.35390   9.54768   1.000 14.25354 ? 1010 G   A H22    1 
ATOM   342 P  P      . C   A 1 11 ? -5.87404  7.29083   13.13808  1.000 15.49578 ? 1011 C   A P      1 
ATOM   343 O  OP1    . C   A 1 11 ? -6.69987  7.48108   14.34811  1.000 17.18034 ? 1011 C   A OP1    1 
ATOM   344 O  OP2    . C   A 1 11 ? -5.46186  8.50020   12.40317  1.000 15.68526 ? 1011 C   A OP2    1 
ATOM   345 O  "O5'"  . C   A 1 11 ? -4.54898  6.47941   13.47310  1.000 15.19382 ? 1011 C   A "O5'"  1 
ATOM   346 C  "C5'"  . C   A 1 11 ? -4.62344  5.25681   14.18370  1.000 14.68888 ? 1011 C   A "C5'"  1 
ATOM   347 C  "C4'"  . C   A 1 11 ? -3.35709  4.46719   14.03077  1.000 14.25104 ? 1011 C   A "C4'"  1 
ATOM   348 O  "O4'"  . C   A 1 11 ? -3.13004  4.17136   12.63704  1.000 14.06026 ? 1011 C   A "O4'"  1 
ATOM   349 C  "C3'"  . C   A 1 11 ? -2.07975  5.15607   14.45966  1.000 13.87979 ? 1011 C   A "C3'"  1 
ATOM   350 O  "O3'"  . C   A 1 11 ? -1.93107  5.13190   15.85444  1.000 14.07401 ? 1011 C   A "O3'"  1 
ATOM   351 C  "C2'"  . C   A 1 11 ? -1.03355  4.34543   13.72719  1.000 13.93853 ? 1011 C   A "C2'"  1 
ATOM   352 O  "O2'"  . C   A 1 11 ? -0.83894  3.09086   14.37079  1.000 14.21578 ? 1011 C   A "O2'"  1 
ATOM   353 C  "C1'"  . C   A 1 11 ? -1.74000  4.12849   12.38966  1.000 13.77046 ? 1011 C   A "C1'"  1 
ATOM   354 N  N1     . C   A 1 11 ? -1.39852  5.16827   11.39104  1.000 12.81479 ? 1011 C   A N1     1 
ATOM   355 C  C2     . C   A 1 11 ? -0.19815  4.99934   10.70643  1.000 12.68689 ? 1011 C   A C2     1 
ATOM   356 O  O2     . C   A 1 11 ? 0.48752   4.01930   11.00550  1.000 13.25154 ? 1011 C   A O2     1 
ATOM   357 N  N3     . C   A 1 11 ? 0.17086   5.89818   9.76078   1.000 12.16171 ? 1011 C   A N3     1 
ATOM   358 C  C4     . C   A 1 11 ? -0.61508  6.94908   9.50771   1.000 12.20537 ? 1011 C   A C4     1 
ATOM   359 N  N4     . C   A 1 11 ? -0.21046  7.80409   8.55974   1.000 12.72755 ? 1011 C   A N4     1 
ATOM   360 C  C5     . C   A 1 11 ? -1.84718  7.15372   10.20003  1.000 12.78055 ? 1011 C   A C5     1 
ATOM   361 C  C6     . C   A 1 11 ? -2.19215  6.24927   11.12073  1.000 12.46001 ? 1011 C   A C6     1 
ATOM   362 H  "H5'"  . C   A 1 11 ? -5.36729  4.73495   13.84492  1.000 17.60574 ? 1011 C   A "H5'"  1 
ATOM   363 H  "H5''" . C   A 1 11 ? -4.77075  5.44318   15.12401  1.000 17.60574 ? 1011 C   A "H5''" 1 
ATOM   364 H  "H4'"  . C   A 1 11 ? -3.44855  3.63607   14.52382  1.000 17.08033 ? 1011 C   A "H4'"  1 
ATOM   365 H  "H3'"  . C   A 1 11 ? -2.05737  6.07164   14.14091  1.000 16.63483 ? 1011 C   A "H3'"  1 
ATOM   366 H  "H2'"  . C   A 1 11 ? -0.19334  4.81917   13.61733  1.000 16.70531 ? 1011 C   A "H2'"  1 
ATOM   367 H  "HO2'" . C   A 1 11 ? -1.15508  2.48286   13.88478  1.000 17.03801 ? 1011 C   A "HO2'" 1 
ATOM   368 H  "H1'"  . C   A 1 11 ? -1.49756  3.26017   12.03251  1.000 16.50364 ? 1011 C   A "H1'"  1 
ATOM   369 H  H41    . C   A 1 11 ? -0.68997  8.49260   8.36898   1.000 15.25214 ? 1011 C   A H41    1 
ATOM   370 H  H42    . C   A 1 11 ? 0.52811   7.66555   8.14252   1.000 15.25214 ? 1011 C   A H42    1 
ATOM   371 H  H5     . C   A 1 11 ? -2.38810  7.88775   10.01728  1.000 15.31574 ? 1011 C   A H5     1 
ATOM   372 H  H6     . C   A 1 11 ? -2.98945  6.35639   11.58848  1.000 14.93110 ? 1011 C   A H6     1 
ATOM   373 P  P      . G   A 1 12 ? -1.18187  6.33850   16.57909  1.000 14.70045 ? 1012 G   A P      1 
ATOM   374 O  OP1    . G   A 1 12 ? -1.28680  6.01875   18.03267  1.000 15.88639 ? 1012 G   A OP1    1 
ATOM   375 O  OP2    . G   A 1 12 ? -1.69575  7.62988   16.08240  1.000 15.58552 ? 1012 G   A OP2    1 
ATOM   376 O  "O5'"  . G   A 1 12 ? 0.32779   6.23086   16.08607  1.000 13.82853 ? 1012 G   A "O5'"  1 
ATOM   377 C  "C5'"  . G   A 1 12 ? 1.11237   5.12943   16.48917  1.000 14.20887 ? 1012 G   A "C5'"  1 
ATOM   378 C  "C4'"  . G   A 1 12 ? 2.44134   5.12447   15.79378  1.000 14.00166 ? 1012 G   A "C4'"  1 
ATOM   379 O  "O4'"  . G   A 1 12 ? 2.24121   5.03779   14.36619  1.000 13.55157 ? 1012 G   A "O4'"  1 
ATOM   380 C  "C3'"  . G   A 1 12 ? 3.30478   6.36136   15.94847  1.000 13.74124 ? 1012 G   A "C3'"  1 
ATOM   381 O  "O3'"  . G   A 1 12 ? 3.96841   6.42267   17.19384  1.000 14.22482 ? 1012 G   A "O3'"  1 
ATOM   382 C  "C2'"  . G   A 1 12 ? 4.25012   6.22905   14.77161  1.000 13.57550 ? 1012 G   A "C2'"  1 
ATOM   383 O  "O2'"  . G   A 1 12 ? 5.24331   5.24782   15.02210  1.000 14.83676 ? 1012 G   A "O2'"  1 
ATOM   384 C  "C1'"  . G   A 1 12 ? 3.30538   5.68966   13.70737  1.000 12.82727 ? 1012 G   A "C1'"  1 
ATOM   385 N  N9     . G   A 1 12 ? 2.76224   6.74256   12.84288  1.000 11.77983 ? 1012 G   A N9     1 
ATOM   386 C  C8     . G   A 1 12 ? 1.54308   7.36900   12.84491  1.000 12.20303 ? 1012 G   A C8     1 
ATOM   387 N  N7     . G   A 1 12 ? 1.41412   8.24050   11.87095  1.000 11.44261 ? 1012 G   A N7     1 
ATOM   388 C  C5     . G   A 1 12 ? 2.61844   8.17807   11.19471  1.000 11.41278 ? 1012 G   A C5     1 
ATOM   389 C  C6     . G   A 1 12 ? 3.06549   8.89686   10.06627  1.000 11.33972 ? 1012 G   A C6     1 
ATOM   390 O  O6     . G   A 1 12 ? 2.47391   9.74020   9.39564   1.000 11.26459 ? 1012 G   A O6     1 
ATOM   391 N  N1     . G   A 1 12 ? 4.35621   8.55109   9.71136   1.000 10.90507 ? 1012 G   A N1     1 
ATOM   392 C  C2     . G   A 1 12 ? 5.13187   7.62283   10.36446  1.000 11.43619 ? 1012 G   A C2     1 
ATOM   393 N  N2     . G   A 1 12 ? 6.36815   7.43661   9.88204   1.000 12.39690 ? 1012 G   A N2     1 
ATOM   394 N  N3     . G   A 1 12 ? 4.72280   6.94072   11.42408  1.000 11.60301 ? 1012 G   A N3     1 
ATOM   395 C  C4     . G   A 1 12 ? 3.47001   7.28235   11.78681  1.000 11.49494 ? 1012 G   A C4     1 
ATOM   396 H  "H5'"  . G   A 1 12 ? 0.63981   4.30848   16.27906  1.000 17.02972 ? 1012 G   A "H5'"  1 
ATOM   397 H  "H5''" . G   A 1 12 ? 1.25542   5.17525   17.44704  1.000 17.02972 ? 1012 G   A "H5''" 1 
ATOM   398 H  "H4'"  . G   A 1 12 ? 2.94296   4.35437   16.10551  1.000 16.78108 ? 1012 G   A "H4'"  1 
ATOM   399 H  "H3'"  . G   A 1 12 ? 2.75620   7.15394   15.84504  1.000 16.46857 ? 1012 G   A "H3'"  1 
ATOM   400 H  "HO3'" . G   A 1 12 ? 3.71359   6.96894   17.77909  1.000 17.04886 ? 1012 G   A "HO3'" 1 
ATOM   401 H  "H2'"  . G   A 1 12 ? 4.64148   7.08122   14.52273  1.000 16.26969 ? 1012 G   A "H2'"  1 
ATOM   402 H  "HO2'" . G   A 1 12 ? 5.73644   5.51116   15.64981  1.000 17.78320 ? 1012 G   A "HO2'" 1 
ATOM   403 H  "H1'"  . G   A 1 12 ? 3.78283   5.04998   13.15486  1.000 15.37180 ? 1012 G   A "H1'"  1 
ATOM   404 H  H8     . G   A 1 12 ? 0.87608   7.19509   13.46991  1.000 14.62272 ? 1012 G   A H8     1 
ATOM   405 H  H1     . G   A 1 12 ? 4.70094   8.94741   9.03004   1.000 13.06516 ? 1012 G   A H1     1 
ATOM   406 H  H21    . G   A 1 12 ? 6.63247   7.87920   9.19426   1.000 14.85536 ? 1012 G   A H21    1 
ATOM   407 H  H22    . G   A 1 12 ? 6.89712   6.87320   10.26113  1.000 14.85536 ? 1012 G   A H22    1 
HETATM 408 NA NA     . NA  B 2 .  ? -1.43505  -5.93066  -4.20821  0.347 14.15739 ? 1101 NA  A NA     1 
HETATM 409 MG MG     A MG  C 3 .  ? 2.71022   -2.98400  -2.42530  0.545 27.10662 ? 1102 MG  A MG     1 
HETATM 410 NA NA     . NA  D 2 .  ? -3.82332  13.95652  -3.00087  1.000 52.12425 ? 1103 NA  A NA     1 
HETATM 411 O  O      . HOH E 4 .  ? -8.78951  2.80115   1.38779   1.000 42.60832 ? 1201 HOH A O      1 
HETATM 412 O  O      . HOH E 4 .  ? 1.39295   2.12937   13.73537  1.000 33.08715 ? 1202 HOH A O      1 
HETATM 413 O  O      . HOH E 4 .  ? 6.44191   -1.36952  -0.89752  0.793 33.71037 ? 1203 HOH A O      1 
HETATM 414 O  O      . HOH E 4 .  ? 1.93690   -14.21270 1.15466   0.631 26.83226 ? 1204 HOH A O      1 
HETATM 415 O  O      . HOH E 4 .  ? 9.35839   4.03671   -3.31348  0.535 31.51832 ? 1205 HOH A O      1 
HETATM 416 O  O      . HOH E 4 .  ? -5.07068  1.53591   10.88538  1.000 31.18736 ? 1206 HOH A O      1 
HETATM 417 O  O      . HOH E 4 .  ? -7.52446  10.54866  11.54629  1.000 39.10745 ? 1207 HOH A O      1 
HETATM 418 O  O      . HOH E 4 .  ? -3.43466  9.90280   11.52841  0.882 22.06436 ? 1208 HOH A O      1 
HETATM 419 O  O      A HOH E 4 .  ? 3.91102   0.02825   -2.41013  0.837 30.90545 ? 1209 HOH A O      1 
HETATM 420 O  O      . HOH E 4 .  ? 9.91422   -7.86597  -0.93579  1.000 36.16386 ? 1210 HOH A O      1 
HETATM 421 O  O      . HOH E 4 .  ? -3.19439  6.08247   19.84070  0.955 52.22338 ? 1211 HOH A O      1 
HETATM 422 O  O      . HOH E 4 .  ? -0.82631  7.46042   4.52622   0.997 34.57436 ? 1212 HOH A O      1 
HETATM 423 O  O      . HOH E 4 .  ? 0.16140   5.49536   0.80081   1.000 46.04432 ? 1213 HOH A O      1 
HETATM 424 O  O      . HOH E 4 .  ? -0.19486  12.77332  -3.99649  0.811 31.90725 ? 1214 HOH A O      1 
HETATM 425 O  O      . HOH E 4 .  ? -9.08649  3.71355   6.60260   0.827 19.61605 ? 1215 HOH A O      1 
HETATM 426 O  O      . HOH E 4 .  ? 2.54988   8.09816   18.69633  1.000 20.14498 ? 1216 HOH A O      1 
HETATM 427 O  O      . HOH E 4 .  ? -2.07446  -8.93844  -8.35135  0.865 25.29392 ? 1217 HOH A O      1 
HETATM 428 O  O      . HOH E 4 .  ? -0.96619  11.97866  -1.41989  0.923 51.41196 ? 1218 HOH A O      1 
HETATM 429 O  O      . HOH E 4 .  ? -8.09040  6.43719   -4.97092  0.906 16.88983 ? 1219 HOH A O      1 
HETATM 430 O  O      . HOH E 4 .  ? 8.57077   0.10921   -9.78434  1.000 22.18124 ? 1220 HOH A O      1 
HETATM 431 O  O      . HOH E 4 .  ? 0.28215   11.29240  9.30826   1.000 27.29017 ? 1221 HOH A O      1 
HETATM 432 O  O      . HOH E 4 .  ? -3.26801  9.67276   1.12818   0.895 30.35567 ? 1222 HOH A O      1 
HETATM 433 O  O      . HOH E 4 .  ? 2.16526   -16.78403 -5.80676  0.950 17.20078 ? 1223 HOH A O      1 
HETATM 434 O  O      . HOH E 4 .  ? 0.52830   6.64994   19.92426  1.000 15.66099 ? 1224 HOH A O      1 
HETATM 435 O  O      . HOH E 4 .  ? -8.97502  12.78158  8.59081   0.898 29.50399 ? 1225 HOH A O      1 
HETATM 436 O  O      . HOH E 4 .  ? -5.38611  11.99547  6.01752   0.680 39.03527 ? 1226 HOH A O      1 
HETATM 437 O  O      . HOH E 4 .  ? -6.94127  12.65198  -3.94833  0.798 28.32018 ? 1227 HOH A O      1 
HETATM 438 O  O      . HOH E 4 .  ? 10.04782  -3.65558  -0.15229  1.000 36.96620 ? 1228 HOH A O      1 
HETATM 439 O  O      . HOH E 4 .  ? 2.26673   3.11744   -10.41591 0.955 24.50748 ? 1229 HOH A O      1 
HETATM 440 O  O      . HOH E 4 .  ? 7.23626   5.94739   16.74261  1.000 19.61105 ? 1230 HOH A O      1 
HETATM 441 O  O      . HOH E 4 .  ? -7.68124  13.35038  4.39719   0.948 30.65563 ? 1231 HOH A O      1 
HETATM 442 O  O      . HOH E 4 .  ? -8.49022  3.90553   13.02299  0.856 30.12318 ? 1232 HOH A O      1 
HETATM 443 O  O      . HOH E 4 .  ? -2.24132  2.04650   16.47840  0.916 24.60072 ? 1233 HOH A O      1 
HETATM 444 O  O      . HOH E 4 .  ? 0.96450   -16.92913 -1.14175  1.000 25.85782 ? 1234 HOH A O      1 
HETATM 445 O  O      . HOH E 4 .  ? -0.65276  10.03519  12.14945  1.000 18.21849 ? 1235 HOH A O      1 
HETATM 446 O  O      . HOH E 4 .  ? -1.48642  -13.40756 1.35583   0.739 30.97832 ? 1236 HOH A O      1 
HETATM 447 O  O      . HOH E 4 .  ? 2.68357   -5.00549  -3.90556  1.000 23.91609 ? 1237 HOH A O      1 
HETATM 448 O  O      A HOH E 4 .  ? 3.81708   -1.57151  -3.54562  0.847 28.89267 ? 1238 HOH A O      1 
HETATM 449 O  O      . HOH E 4 .  ? -1.72532  -10.40465 -5.61243  1.000 33.65703 ? 1239 HOH A O      1 
HETATM 450 O  O      . HOH E 4 .  ? 3.89960   -6.64601  -2.38429  1.000 19.53616 ? 1240 HOH A O      1 
HETATM 451 O  O      . HOH E 4 .  ? -2.92109  5.72762   -8.74581  1.000 19.70103 ? 1241 HOH A O      1 
HETATM 452 O  O      . HOH E 4 .  ? -2.44970  7.62224   2.52749   1.000 24.93269 ? 1242 HOH A O      1 
HETATM 453 O  O      . HOH E 4 .  ? 6.86554   5.49089   -9.36765  0.792 38.89546 ? 1243 HOH A O      1 
HETATM 454 O  O      . HOH E 4 .  ? -2.21295  3.47082   18.62175  0.971 22.74323 ? 1244 HOH A O      1 
HETATM 455 O  O      . HOH E 4 .  ? -4.17812  8.86397   16.31070  0.990 41.61296 ? 1245 HOH A O      1 
HETATM 456 O  O      . HOH E 4 .  ? 6.51140   -12.23387 -7.59858  0.857 25.22257 ? 1246 HOH A O      1 
HETATM 457 O  O      . HOH E 4 .  ? 1.33012   2.79917   -0.86974  1.000 27.64920 ? 1247 HOH A O      1 
HETATM 458 O  O      . HOH E 4 .  ? -0.48301  9.89914   15.00205  0.855 30.43597 ? 1248 HOH A O      1 
HETATM 459 O  O      . HOH E 4 .  ? 3.34458   9.27478   -2.33835  0.884 29.15752 ? 1249 HOH A O      1 
HETATM 460 O  O      . HOH E 4 .  ? -6.07211  7.05795   17.04311  0.845 31.31676 ? 1250 HOH A O      1 
HETATM 461 O  O      . HOH E 4 .  ? 9.67485   -8.97133  -8.30602  0.849 25.70773 ? 1251 HOH A O      1 
HETATM 462 O  O      . HOH E 4 .  ? -4.01488  10.64396  9.02118   0.799 30.75144 ? 1252 HOH A O      1 
HETATM 463 O  O      . HOH E 4 .  ? 0.23799   -4.82819  -5.38410  1.000 23.58233 ? 1253 HOH A O      1 
HETATM 464 O  O      . HOH E 4 .  ? 5.45731   9.11658   -4.32681  0.744 43.61548 ? 1254 HOH A O      1 
HETATM 465 O  O      . HOH E 4 .  ? 3.25597   11.28542  -6.25964  0.688 32.87527 ? 1255 HOH A O      1 
HETATM 466 O  O      . HOH E 4 .  ? -2.81161  8.69162   5.55226   0.978 36.73617 ? 1256 HOH A O      1 
HETATM 467 O  O      . HOH E 4 .  ? 2.18314   5.77000   -2.98808  1.000 19.68923 ? 1257 HOH A O      1 
HETATM 468 O  O      . HOH E 4 .  ? 6.62593   -7.34593  0.14028   0.987 44.66850 ? 1258 HOH A O      1 
HETATM 469 O  O      . HOH E 4 .  ? 2.94414   2.35520   -3.20277  1.000 22.63349 ? 1259 HOH A O      1 
HETATM 470 O  O      . HOH E 4 .  ? 11.01610  0.69681   -6.21729  1.000 22.27798 ? 1260 HOH A O      1 
HETATM 471 O  O      . HOH E 4 .  ? 4.76851   2.46462   14.43455  1.000 29.91400 ? 1261 HOH A O      1 
HETATM 472 O  O      . HOH E 4 .  ? 7.49138   -13.35095 -2.52345  0.631 26.08299 ? 1262 HOH A O      1 
HETATM 473 O  O      . HOH E 4 .  ? -1.71025  10.18617  7.84096   0.976 24.19444 ? 1263 HOH A O      1 
HETATM 474 O  O      . HOH E 4 .  ? -9.31447  6.18974   14.34448  1.000 40.27871 ? 1264 HOH A O      1 
HETATM 475 O  O      . HOH E 4 .  ? 1.03532   -9.21472  -3.01883  1.000 20.66567 ? 1265 HOH A O      1 
HETATM 476 O  O      . HOH E 4 .  ? 6.45777   0.05064   -11.36259 1.000 20.70736 ? 1266 HOH A O      1 
HETATM 477 O  O      . HOH E 4 .  ? 8.27743   -5.60972  -9.33330  1.000 36.26374 ? 1267 HOH A O      1 
HETATM 478 O  O      . HOH E 4 .  ? 8.25638   6.36152   -3.51855  0.924 51.87618 ? 1268 HOH A O      1 
HETATM 479 O  O      . HOH E 4 .  ? -0.83220  8.22949   -1.69424  0.722 18.02882 ? 1269 HOH A O      1 
HETATM 480 O  O      . HOH E 4 .  ? -7.50996  3.89459   -5.45529  0.50  28.91108 ? 1270 HOH A O      1 
HETATM 481 O  O      . HOH E 4 .  ? 5.51467   4.27208   -1.31756  0.897 35.71193 ? 1271 HOH A O      1 
HETATM 482 O  O      . HOH E 4 .  ? -2.49181  0.51024   11.39513  0.958 30.54908 ? 1272 HOH A O      1 
HETATM 483 O  O      . HOH E 4 .  ? 4.60437   -3.44969  -1.69235  0.838 28.06055 ? 1273 HOH A O      1 
HETATM 484 O  O      . HOH E 4 .  ? -0.98905  -7.81818  -5.29538  1.000 36.47959 ? 1274 HOH A O      1 
HETATM 485 O  O      . HOH E 4 .  ? -4.56547  -10.48044 -9.17061  0.843 34.45348 ? 1275 HOH A O      1 
HETATM 486 O  O      . HOH E 4 .  ? -5.49105  5.13219   -8.22643  0.704 24.53673 ? 1276 HOH A O      1 
HETATM 487 O  O      . HOH E 4 .  ? 7.76187   2.22433   -0.36969  0.774 36.93806 ? 1277 HOH A O      1 
HETATM 488 O  O      . HOH E 4 .  ? 7.58731   -3.25907  -10.72602 0.929 24.24358 ? 1278 HOH A O      1 
HETATM 489 O  O      . HOH E 4 .  ? 8.55845   6.04736   11.59697  0.732 29.10908 ? 1279 HOH A O      1 
HETATM 490 O  O      . HOH E 4 .  ? 7.76770   -10.54921 -9.13783  0.926 23.63413 ? 1280 HOH A O      1 
HETATM 491 O  O      . HOH E 4 .  ? -10.15667 4.69155   -1.18607  0.837 38.56884 ? 1281 HOH A O      1 
HETATM 492 O  O      . HOH E 4 .  ? 3.11548   -0.33800  -13.53294 1.000 20.66685 ? 1282 HOH A O      1 
HETATM 493 O  O      . HOH E 4 .  ? -10.01734 6.52457   -2.93211  0.931 22.74462 ? 1283 HOH A O      1 
HETATM 494 O  O      . HOH E 4 .  ? 4.79586   -16.26292 -5.75925  0.757 39.09690 ? 1284 HOH A O      1 
HETATM 495 O  O      . HOH E 4 .  ? -9.32710  2.42581   8.91341   1.000 41.70866 ? 1285 HOH A O      1 
HETATM 496 O  O      . HOH E 4 .  ? 4.04379   1.97767   -12.28511 0.905 46.00300 ? 1286 HOH A O      1 
HETATM 497 O  O      A HOH E 4 .  ? 0.80709   0.33381   0.33082   1.000 47.25334 ? 1287 HOH A O      1 
HETATM 498 O  O      . HOH E 4 .  ? 9.10641   -0.91947  -0.14464  1.000 42.65531 ? 1288 HOH A O      1 
HETATM 499 O  O      . HOH E 4 .  ? 6.39482   -13.90301 -9.74713  0.660 31.49336 ? 1289 HOH A O      1 
HETATM 500 O  O      . HOH E 4 .  ? 7.01619   -4.79087  1.66627   0.50  34.94217 ? 1290 HOH A O      1 
HETATM 501 O  O      . HOH E 4 .  ? 4.86177   -14.34630 0.59501   1.000 53.12882 ? 1291 HOH A O      1 
HETATM 502 O  O      . HOH E 4 .  ? 4.42577   9.41305   20.09624  1.000 36.72008 ? 1292 HOH A O      1 
HETATM 503 O  O      . HOH E 4 .  ? -3.91745  -13.00788 0.57779   1.000 40.64876 ? 1293 HOH A O      1 
HETATM 504 O  O      A HOH E 4 .  ? 3.79033   0.04699   0.29032   1.000 42.86945 ? 1294 HOH A O      1 
HETATM 505 O  O      . HOH E 4 .  ? 10.23774  -1.29523  -11.32119 1.000 40.54166 ? 1295 HOH A O      1 
HETATM 506 O  O      . HOH E 4 .  ? 3.14520   5.81438   -0.29134  1.000 38.13988 ? 1296 HOH A O      1 
HETATM 507 O  O      . HOH E 4 .  ? -6.26472  14.27498  8.55028   1.000 48.93313 ? 1297 HOH A O      1 
HETATM 508 O  O      . HOH E 4 .  ? 2.75928   6.70816   -12.22128 0.965 40.16655 ? 1298 HOH A O      1 
HETATM 509 O  O      . HOH E 4 .  ? 2.91105   13.14112  -8.11444  0.487 28.31433 ? 1299 HOH A O      1 
HETATM 510 O  O      . HOH E 4 .  ? 0.04224   -6.60501  -2.64227  1.000 41.32901 ? 1300 HOH A O      1 
HETATM 511 O  O      . HOH E 4 .  ? -1.06603  10.38107  2.68823   0.782 34.34010 ? 1301 HOH A O      1 
HETATM 512 O  O      . HOH E 4 .  ? -10.87810 15.39017  2.95556   0.855 36.14333 ? 1302 HOH A O      1 
HETATM 513 O  O      . HOH E 4 .  ? 9.84354   6.05963   15.72795  1.000 41.41216 ? 1303 HOH A O      1 
HETATM 514 O  O      . HOH E 4 .  ? -9.24013  0.53176   3.17211   0.973 44.15072 ? 1304 HOH A O      1 
HETATM 515 O  O      . HOH E 4 .  ? 9.63037   -1.66042  -13.77129 0.726 31.43101 ? 1305 HOH A O      1 
# 
loop_
_atom_site_anisotrop.id 
_atom_site_anisotrop.type_symbol 
_atom_site_anisotrop.pdbx_label_atom_id 
_atom_site_anisotrop.pdbx_label_alt_id 
_atom_site_anisotrop.pdbx_label_comp_id 
_atom_site_anisotrop.pdbx_label_asym_id 
_atom_site_anisotrop.pdbx_label_seq_id 
_atom_site_anisotrop.pdbx_PDB_ins_code 
_atom_site_anisotrop.U[1][1] 
_atom_site_anisotrop.U[2][2] 
_atom_site_anisotrop.U[3][3] 
_atom_site_anisotrop.U[1][2] 
_atom_site_anisotrop.U[1][3] 
_atom_site_anisotrop.U[2][3] 
_atom_site_anisotrop.pdbx_auth_seq_id 
_atom_site_anisotrop.pdbx_auth_comp_id 
_atom_site_anisotrop.pdbx_auth_asym_id 
_atom_site_anisotrop.pdbx_auth_atom_id 
1   O  "O5'" A C   A 1  ? 0.22500 0.18207 0.24379 -0.03317 0.01476  -0.00706 1001 C   A "O5'" 
2   O  "O5'" B C   A 1  ? 0.23293 0.12745 0.19539 -0.06230 -0.01086 0.01257  1001 C   A "O5'" 
3   C  "C5'" A C   A 1  ? 0.21670 0.15843 0.23293 -0.04637 0.00542  -0.01060 1001 C   A "C5'" 
4   C  "C5'" B C   A 1  ? 0.23251 0.12695 0.20247 -0.06375 -0.01073 0.00571  1001 C   A "C5'" 
5   C  "C4'" A C   A 1  ? 0.19815 0.12435 0.21180 -0.06330 -0.01035 -0.01742 1001 C   A "C4'" 
6   C  "C4'" B C   A 1  ? 0.22495 0.12168 0.20084 -0.06957 -0.01446 0.00144  1001 C   A "C4'" 
7   O  "O4'" A C   A 1  ? 0.17633 0.10961 0.20135 -0.06461 -0.01083 -0.01718 1001 C   A "O4'" 
8   O  "O4'" B C   A 1  ? 0.21314 0.11911 0.19865 -0.07125 -0.01298 0.00338  1001 C   A "O4'" 
9   C  "C3'" A C   A 1  ? 0.20495 0.11769 0.19796 -0.06417 -0.02568 -0.02658 1001 C   A "C3'" 
10  C  "C3'" B C   A 1  ? 0.23028 0.12477 0.19833 -0.06762 -0.02106 -0.00597 1001 C   A "C3'" 
11  O  "O3'" A C   A 1  ? 0.22654 0.13659 0.19798 -0.06981 -0.02933 -0.02246 1001 C   A "O3'" 
12  O  "O3'" B C   A 1  ? 0.23775 0.13224 0.20113 -0.07360 -0.02309 -0.00983 1001 C   A "O3'" 
13  C  "C2'" A C   A 1  ? 0.18544 0.10852 0.19670 -0.05823 -0.02200 -0.01459 1001 C   A "C2'" 
14  C  "C2'" B C   A 1  ? 0.22457 0.12528 0.19851 -0.06077 -0.02005 -0.00038 1001 C   A "C2'" 
15  O  "O2'" A C   A 1  ? 0.17912 0.13363 0.20455 -0.06022 -0.01687 0.01320  1001 C   A "O2'" 
16  O  "O2'" B C   A 1  ? 0.22420 0.13985 0.20292 -0.05841 -0.01780 0.01108  1001 C   A "O2'" 
17  C  "C1'" A C   A 1  ? 0.17476 0.09602 0.18968 -0.05986 -0.02115 -0.01963 1001 C   A "C1'" 
18  C  "C1'" B C   A 1  ? 0.21672 0.11957 0.19466 -0.06313 -0.01896 -0.00015 1001 C   A "C1'" 
19  N  N1    A C   A 1  ? 0.16399 0.09848 0.18459 -0.05056 -0.02470 -0.01712 1001 C   A N1    
20  N  N1    B C   A 1  ? 0.21278 0.12696 0.19190 -0.05457 -0.02217 -0.00025 1001 C   A N1    
21  C  C2    A C   A 1  ? 0.15122 0.08547 0.18446 -0.05019 -0.02929 -0.01452 1001 C   A C2    
22  C  C2    B C   A 1  ? 0.20898 0.12348 0.19089 -0.05145 -0.02319 0.00264  1001 C   A C2    
23  O  O2    A C   A 1  ? 0.15918 0.09357 0.19410 -0.04377 -0.02422 -0.00186 1001 C   A O2    
24  O  O2    B C   A 1  ? 0.21487 0.12779 0.19407 -0.04657 -0.02268 0.00636  1001 C   A O2    
25  N  N3    A C   A 1  ? 0.14079 0.08473 0.17765 -0.04473 -0.03330 -0.02100 1001 C   A N3    
26  N  N3    B C   A 1  ? 0.20427 0.12179 0.18918 -0.05011 -0.02407 0.00141  1001 C   A N3    
27  C  C4    A C   A 1  ? 0.14610 0.09683 0.19264 -0.04555 -0.02842 -0.01805 1001 C   A C4    
28  C  C4    B C   A 1  ? 0.20471 0.13059 0.19514 -0.04932 -0.02252 -0.00032 1001 C   A C4    
29  N  N4    A C   A 1  ? 0.13829 0.10950 0.20135 -0.04279 -0.02353 -0.01327 1001 C   A N4    
30  N  N4    B C   A 1  ? 0.20110 0.13627 0.19961 -0.04810 -0.02030 0.00129  1001 C   A N4    
31  C  C5    A C   A 1  ? 0.15921 0.10254 0.18813 -0.04739 -0.02805 -0.01840 1001 C   A C5    
32  C  C5    B C   A 1  ? 0.20863 0.13260 0.19379 -0.05097 -0.02434 -0.00312 1001 C   A C5    
33  C  C6    A C   A 1  ? 0.16032 0.11240 0.18698 -0.04819 -0.02684 -0.01896 1001 C   A C6    
34  C  C6    B C   A 1  ? 0.21012 0.13404 0.19371 -0.05217 -0.02397 -0.00320 1001 C   A C6    
59  P  P     . G   A 2  ? 0.25224 0.13777 0.20863 -0.07190 -0.02510 -0.01899 1002 G   A P     
60  O  OP1   . G   A 2  ? 0.24964 0.17052 0.20846 -0.08010 -0.02190 -0.02875 1002 G   A OP1   
61  O  OP2   . G   A 2  ? 0.26373 0.13399 0.22737 -0.06866 -0.02246 -0.01381 1002 G   A OP2   
62  O  "O5'" . G   A 2  ? 0.25256 0.13355 0.20892 -0.07469 -0.03683 -0.01015 1002 G   A "O5'" 
63  C  "C5'" . G   A 2  ? 0.25041 0.14809 0.22587 -0.07317 -0.03629 0.00142  1002 G   A "C5'" 
64  C  "C4'" . G   A 2  ? 0.24920 0.14608 0.22866 -0.07596 -0.04522 0.00257  1002 G   A "C4'" 
65  O  "O4'" . G   A 2  ? 0.24883 0.13542 0.23118 -0.07203 -0.03934 -0.00148 1002 G   A "O4'" 
66  C  "C3'" . G   A 2  ? 0.24423 0.15945 0.22975 -0.08558 -0.05094 0.01073  1002 G   A "C3'" 
67  O  "O3'" . G   A 2  ? 0.25184 0.16825 0.21782 -0.09743 -0.06006 0.01886  1002 G   A "O3'" 
68  C  "C2'" . G   A 2  ? 0.23460 0.15703 0.23965 -0.08030 -0.04478 0.01144  1002 G   A "C2'" 
69  O  "O2'" . G   A 2  ? 0.24262 0.18308 0.25364 -0.07498 -0.04461 0.01919  1002 G   A "O2'" 
70  C  "C1'" . G   A 2  ? 0.23267 0.13814 0.22749 -0.08012 -0.03593 0.00456  1002 G   A "C1'" 
71  N  N9    . G   A 2  ? 0.21930 0.13295 0.20468 -0.07657 -0.03679 -0.01500 1002 G   A N9    
72  C  C8    . G   A 2  ? 0.21815 0.12490 0.21003 -0.07038 -0.02514 -0.01549 1002 G   A C8    
73  N  N7    . G   A 2  ? 0.21039 0.10335 0.21201 -0.07283 -0.01452 -0.01241 1002 G   A N7    
74  C  C5    . G   A 2  ? 0.18956 0.10361 0.20167 -0.06984 -0.01995 -0.02235 1002 G   A C5    
75  C  C6    . G   A 2  ? 0.19572 0.09330 0.20313 -0.05672 -0.02099 -0.02496 1002 G   A C6    
76  O  O6    . G   A 2  ? 0.17544 0.10766 0.20564 -0.05963 -0.01585 -0.02172 1002 G   A O6    
77  N  N1    . G   A 2  ? 0.19579 0.09573 0.20456 -0.05734 -0.01498 -0.01899 1002 G   A N1    
78  C  C2    . G   A 2  ? 0.19948 0.08985 0.20430 -0.05725 -0.01799 -0.02333 1002 G   A C2    
79  N  N2    . G   A 2  ? 0.18612 0.10704 0.20670 -0.05924 -0.01525 -0.01510 1002 G   A N2    
80  N  N3    . G   A 2  ? 0.21366 0.10034 0.20027 -0.05501 -0.02080 -0.02363 1002 G   A N3    
81  C  C4    . G   A 2  ? 0.20636 0.11000 0.19732 -0.07304 -0.02798 -0.01962 1002 G   A C4    
93  P  P     . C   A 3  ? 0.25752 0.18033 0.21663 -0.10946 -0.06241 0.01338  1003 C   A P     
94  O  OP1   . C   A 3  ? 0.26739 0.21410 0.21323 -0.10798 -0.06988 0.00963  1003 C   A OP1   
95  O  OP2   . C   A 3  ? 0.26451 0.17934 0.23136 -0.11357 -0.05312 0.00679  1003 C   A OP2   
96  O  "O5'" . C   A 3  ? 0.22113 0.17923 0.20904 -0.09446 -0.06479 0.02410  1003 C   A "O5'" 
97  C  "C5'" . C   A 3  ? 0.20911 0.16555 0.21205 -0.07266 -0.05943 0.01239  1003 C   A "C5'" 
98  C  "C4'" . C   A 3  ? 0.17281 0.15100 0.21175 -0.07373 -0.05972 -0.00224 1003 C   A "C4'" 
99  O  "O4'" . C   A 3  ? 0.16810 0.13788 0.21250 -0.05760 -0.05201 0.00074  1003 C   A "O4'" 
100 C  "C3'" . C   A 3  ? 0.16364 0.15091 0.20455 -0.07163 -0.05599 -0.00475 1003 C   A "C3'" 
101 O  "O3'" . C   A 3  ? 0.17005 0.17241 0.20595 -0.07985 -0.05167 -0.00990 1003 C   A "O3'" 
102 C  "C2'" . C   A 3  ? 0.15973 0.13499 0.20259 -0.05683 -0.05244 -0.00460 1003 C   A "C2'" 
103 O  "O2'" . C   A 3  ? 0.15197 0.13107 0.20855 -0.04462 -0.05307 -0.00652 1003 C   A "O2'" 
104 C  "C1'" . C   A 3  ? 0.16830 0.12569 0.20520 -0.05087 -0.04485 0.00327  1003 C   A "C1'" 
105 N  N1    . C   A 3  ? 0.17122 0.12181 0.18808 -0.05392 -0.04860 -0.00222 1003 C   A N1    
106 C  C2    . C   A 3  ? 0.16724 0.09468 0.18725 -0.04461 -0.04851 -0.01056 1003 C   A C2    
107 O  O2    . C   A 3  ? 0.16043 0.11401 0.19581 -0.04308 -0.04430 -0.00608 1003 C   A O2    
108 N  N3    . C   A 3  ? 0.17328 0.09887 0.18308 -0.03434 -0.04705 -0.00899 1003 C   A N3    
109 C  C4    . C   A 3  ? 0.16724 0.11083 0.19446 -0.04937 -0.03744 -0.00911 1003 C   A C4    
110 N  N4    . C   A 3  ? 0.16717 0.10356 0.19855 -0.04746 -0.03146 -0.01366 1003 C   A N4    
111 C  C5    . C   A 3  ? 0.18795 0.12149 0.19650 -0.04472 -0.03711 -0.00621 1003 C   A C5    
112 C  C6    . C   A 3  ? 0.19069 0.12509 0.19273 -0.04702 -0.04181 0.00173  1003 C   A C6    
124 P  P     . G   A 4  ? 0.18820 0.18636 0.19271 -0.07689 -0.04847 -0.01835 1004 G   A P     
125 O  OP1   . G   A 4  ? 0.18737 0.23215 0.19976 -0.07685 -0.05408 -0.00907 1004 G   A OP1   
126 O  OP2   . G   A 4  ? 0.20988 0.19043 0.20702 -0.06483 -0.02973 -0.01594 1004 G   A OP2   
127 O  "O5'" . G   A 4  ? 0.17365 0.16538 0.21422 -0.06414 -0.02984 -0.02129 1004 G   A "O5'" 
128 C  "C5'" . G   A 4  ? 0.15673 0.15853 0.21859 -0.05582 -0.03242 -0.02976 1004 G   A "C5'" 
129 C  "C4'" . G   A 4  ? 0.15438 0.12742 0.22080 -0.03878 -0.03284 -0.04456 1004 G   A "C4'" 
130 O  "O4'" . G   A 4  ? 0.14956 0.11486 0.21896 -0.02039 -0.03668 -0.03973 1004 G   A "O4'" 
131 C  "C3'" . G   A 4  ? 0.15474 0.12566 0.22555 -0.04209 -0.03020 -0.05678 1004 G   A "C3'" 
132 O  "O3'" . G   A 4  ? 0.18012 0.14652 0.24224 -0.04343 -0.03379 -0.07798 1004 G   A "O3'" 
133 C  "C2'" . G   A 4  ? 0.13182 0.13982 0.21926 -0.03463 -0.02141 -0.03464 1004 G   A "C2'" 
134 O  "O2'" . G   A 4  ? 0.13406 0.14468 0.22509 -0.03951 -0.01692 -0.03782 1004 G   A "O2'" 
135 C  "C1'" . G   A 4  ? 0.13789 0.12544 0.21740 -0.02063 -0.02879 -0.03038 1004 G   A "C1'" 
136 N  N9    . G   A 4  ? 0.13966 0.11554 0.20474 -0.02608 -0.04086 -0.03653 1004 G   A N9    
137 C  C8    . G   A 4  ? 0.14257 0.12050 0.20243 -0.02944 -0.04124 -0.01888 1004 G   A C8    
138 N  N7    . G   A 4  ? 0.14616 0.13080 0.20117 -0.02936 -0.04196 -0.02123 1004 G   A N7    
139 C  C5    . G   A 4  ? 0.14922 0.11040 0.19978 -0.02309 -0.03541 -0.02830 1004 G   A C5    
140 C  C6    . G   A 4  ? 0.14893 0.09826 0.19887 -0.02038 -0.03556 -0.03012 1004 G   A C6    
141 O  O6    . G   A 4  ? 0.14493 0.12304 0.18730 -0.02370 -0.03873 -0.02901 1004 G   A O6    
142 N  N1    . G   A 4  ? 0.14499 0.09031 0.20260 -0.01660 -0.03541 -0.02560 1004 G   A N1    
143 C  C2    . G   A 4  ? 0.15515 0.10763 0.19962 -0.02120 -0.03271 -0.02795 1004 G   A C2    
144 N  N2    . G   A 4  ? 0.16143 0.13721 0.19733 -0.02373 -0.02821 -0.01992 1004 G   A N2    
145 N  N3    . G   A 4  ? 0.14867 0.09585 0.20270 -0.02170 -0.03250 -0.03921 1004 G   A N3    
146 C  C4    . G   A 4  ? 0.14504 0.09251 0.20243 -0.02048 -0.03816 -0.04013 1004 G   A C4    
158 P  P     . A   A 5  ? 0.21422 0.16876 0.26684 -0.03134 -0.02449 -0.08743 1005 A   A P     
159 O  OP1   . A   A 5  ? 0.23162 0.19984 0.27313 -0.03783 -0.03142 -0.08060 1005 A   A OP1   
160 O  OP2   . A   A 5  ? 0.22793 0.21574 0.26879 -0.01721 -0.00405 -0.07771 1005 A   A OP2   
161 O  "O5'" . A   A 5  ? 0.20775 0.13900 0.28159 -0.02046 -0.01623 -0.06506 1005 A   A "O5'" 
162 C  "C5'" . A   A 5  ? 0.21062 0.12946 0.29231 -0.01061 -0.01440 -0.05302 1005 A   A "C5'" 
163 C  "C4'" . A   A 5  ? 0.20455 0.13257 0.29947 -0.01899 -0.01688 -0.04954 1005 A   A "C4'" 
164 O  "O4'" . A   A 5  ? 0.20404 0.13032 0.30012 -0.01934 -0.01463 -0.05539 1005 A   A "O4'" 
165 C  "C3'" . A   A 5  ? 0.20399 0.12217 0.30365 -0.02444 -0.02676 -0.05981 1005 A   A "C3'" 
166 O  "O3'" . A   A 5  ? 0.20419 0.11698 0.30970 -0.02457 -0.03078 -0.06022 1005 A   A "O3'" 
167 C  "C2'" . A   A 5  ? 0.21757 0.12774 0.29889 -0.01672 -0.02062 -0.05271 1005 A   A "C2'" 
168 O  "O2'" . A   A 5  ? 0.23372 0.14869 0.30384 -0.02046 -0.01195 -0.03068 1005 A   A "O2'" 
169 C  "C1'" . A   A 5  ? 0.21011 0.11767 0.29181 -0.01192 -0.02040 -0.06361 1005 A   A "C1'" 
170 N  N9    . A   A 5  ? 0.19970 0.11177 0.28007 -0.01264 -0.02229 -0.07363 1005 A   A N9    
171 C  C8    . A   A 5  ? 0.18092 0.13457 0.27619 -0.00611 -0.02124 -0.07009 1005 A   A C8    
172 N  N7    . A   A 5  ? 0.17593 0.15176 0.26929 -0.01054 -0.02532 -0.06506 1005 A   A N7    
173 C  C5    . A   A 5  ? 0.18505 0.14230 0.26939 -0.00834 -0.02781 -0.06997 1005 A   A C5    
174 C  C6    . A   A 5  ? 0.19097 0.13107 0.26384 -0.01055 -0.03434 -0.08170 1005 A   A C6    
175 N  N6    . A   A 5  ? 0.19386 0.15375 0.25659 -0.00607 -0.03030 -0.07389 1005 A   A N6    
176 N  N1    . A   A 5  ? 0.19845 0.14577 0.27135 -0.01440 -0.03618 -0.08234 1005 A   A N1    
177 C  C2    . A   A 5  ? 0.20009 0.14093 0.27236 -0.01620 -0.03305 -0.08006 1005 A   A C2    
178 N  N3    . A   A 5  ? 0.20288 0.12178 0.27784 -0.00940 -0.02299 -0.07133 1005 A   A N3    
179 C  C4    . A   A 5  ? 0.19346 0.11291 0.27633 -0.01229 -0.02627 -0.07625 1005 A   A C4    
191 P  P     . O2Z A 6  ? 0.19022 0.11116 0.31299 -0.02919 -0.04033 -0.05220 1006 O2Z A P     
192 O  OP1   . O2Z A 6  ? 0.19136 0.17201 0.32770 -0.03642 -0.04129 -0.04667 1006 O2Z A OP1   
193 O  OP2   . O2Z A 6  ? 0.21851 0.12148 0.30996 -0.04103 -0.04684 -0.03839 1006 O2Z A OP2   
194 O  "O5'" . O2Z A 6  ? 0.18153 0.10825 0.29400 -0.03106 -0.03489 -0.03136 1006 O2Z A "O5'" 
195 C  "C5'" . O2Z A 6  ? 0.18740 0.11858 0.27782 -0.02945 -0.02359 -0.00733 1006 O2Z A "C5'" 
196 C  "C4'" . O2Z A 6  ? 0.19204 0.11699 0.26242 -0.02963 -0.01704 0.00022  1006 O2Z A "C4'" 
197 O  "O4'" . O2Z A 6  ? 0.19701 0.12023 0.24742 -0.03054 -0.01953 -0.00310 1006 O2Z A "O4'" 
198 C  "C3'" . O2Z A 6  ? 0.20171 0.09076 0.25734 -0.02994 -0.01305 0.00696  1006 O2Z A "C3'" 
199 O  "O3'" . O2Z A 6  ? 0.19253 0.09807 0.26206 -0.03210 -0.01807 0.01478  1006 O2Z A "O3'" 
200 C  "C2'" . O2Z A 6  ? 0.20683 0.12219 0.24457 -0.02419 -0.01600 0.01262  1006 O2Z A "C2'" 
201 C  "C1'" . O2Z A 6  ? 0.19381 0.12693 0.23534 -0.02644 -0.01805 0.00615  1006 O2Z A "C1'" 
202 N  N9    . O2Z A 6  ? 0.19099 0.11490 0.22415 -0.03817 -0.02288 -0.02093 1006 O2Z A N9    
203 C  C8    . O2Z A 6  ? 0.19933 0.11369 0.22212 -0.03597 -0.02625 -0.02928 1006 O2Z A C8    
204 N  N7    . O2Z A 6  ? 0.19206 0.09740 0.22314 -0.04558 -0.02661 -0.03172 1006 O2Z A N7    
205 C  C5    . O2Z A 6  ? 0.17064 0.11072 0.22167 -0.04884 -0.02450 -0.03485 1006 O2Z A C5    
206 C  C6    . O2Z A 6  ? 0.18180 0.11466 0.21988 -0.04432 -0.02002 -0.03167 1006 O2Z A C6    
207 N  N6    . O2Z A 6  ? 0.19405 0.12086 0.22676 -0.04129 -0.02131 -0.02674 1006 O2Z A N6    
208 N  N1    . O2Z A 6  ? 0.18002 0.10128 0.21352 -0.04520 -0.01929 -0.04475 1006 O2Z A N1    
209 C  C2    . O2Z A 6  ? 0.17455 0.11759 0.21084 -0.04330 -0.01440 -0.03837 1006 O2Z A C2    
210 N  N3    . O2Z A 6  ? 0.17731 0.11220 0.20254 -0.04538 -0.02108 -0.03346 1006 O2Z A N3    
211 C  C4    . O2Z A 6  ? 0.17959 0.10735 0.21358 -0.03989 -0.02459 -0.02855 1006 O2Z A C4    
212 O  "O2'" . O2Z A 6  ? 0.21588 0.15434 0.24632 -0.02621 -0.01658 0.02236  1006 O2Z A "O2'" 
213 N  N26   . O2Z A 6  ? 0.16969 0.13141 0.22180 -0.04109 -0.00899 -0.03184 1006 O2Z A N26   
214 N  N25   . O2Z A 6  ? 0.19566 0.19881 0.23652 -0.03807 -0.02127 0.00556  1006 O2Z A N25   
215 P  P     . U   A 7  ? 0.18500 0.10288 0.27456 -0.03377 -0.02716 0.00094  1007 U   A P     
216 O  OP1   . U   A 7  ? 0.19947 0.11150 0.28408 -0.04452 -0.02224 0.00350  1007 U   A OP1   
217 O  OP2   . U   A 7  ? 0.21419 0.11689 0.26453 -0.02674 -0.03464 0.00976  1007 U   A OP2   
218 O  "O5'" . U   A 7  ? 0.17040 0.10521 0.25867 -0.02774 -0.02581 0.01011  1007 U   A "O5'" 
219 C  "C5'" . U   A 7  ? 0.17334 0.12186 0.24626 -0.01780 -0.02215 0.01533  1007 U   A "C5'" 
220 C  "C4'" . U   A 7  ? 0.18262 0.11903 0.24044 -0.01370 -0.02100 0.00508  1007 U   A "C4'" 
221 O  "O4'" . U   A 7  ? 0.17497 0.10345 0.23458 -0.01149 -0.01776 -0.01165 1007 U   A "O4'" 
222 C  "C3'" . U   A 7  ? 0.19593 0.09674 0.23720 -0.00779 -0.02775 -0.00360 1007 U   A "C3'" 
223 O  "O3'" . U   A 7  ? 0.23002 0.08664 0.24800 -0.00761 -0.02919 -0.01501 1007 U   A "O3'" 
224 C  "C2'" . U   A 7  ? 0.18051 0.10962 0.22755 -0.00873 -0.03213 -0.01519 1007 U   A "C2'" 
225 O  "O2'" . U   A 7  ? 0.17896 0.11933 0.22996 -0.01645 -0.04237 -0.02010 1007 U   A "O2'" 
226 C  "C1'" . U   A 7  ? 0.17166 0.09961 0.22304 -0.00996 -0.02357 -0.01020 1007 U   A "C1'" 
227 N  N1    . U   A 7  ? 0.16980 0.08582 0.20547 -0.01458 -0.03039 -0.02837 1007 U   A N1    
228 C  C2    . U   A 7  ? 0.17410 0.09081 0.19615 -0.03223 -0.03840 -0.03360 1007 U   A C2    
229 O  O2    . U   A 7  ? 0.18584 0.11687 0.19439 -0.02913 -0.02897 -0.00925 1007 U   A O2    
230 N  N3    . U   A 7  ? 0.18762 0.08764 0.20251 -0.02570 -0.02771 -0.03007 1007 U   A N3    
231 C  C4    . U   A 7  ? 0.18994 0.08368 0.21890 -0.02282 -0.01685 -0.01722 1007 U   A C4    
232 O  O4    . U   A 7  ? 0.19803 0.08416 0.23674 -0.01445 -0.00936 -0.00848 1007 U   A O4    
233 C  C5    . U   A 7  ? 0.18090 0.08608 0.22218 -0.02833 -0.00714 -0.00699 1007 U   A C5    
234 C  C6    . U   A 7  ? 0.17034 0.08733 0.21239 -0.02077 -0.01497 -0.02361 1007 U   A C6    
245 P  P     . U   A 8  ? 0.24371 0.12378 0.26075 -0.01401 -0.03139 -0.04343 1008 U   A P     
246 O  OP1   . U   A 8  ? 0.26928 0.12545 0.27687 -0.01021 -0.02378 -0.04115 1008 U   A OP1   
247 O  OP2   . U   A 8  ? 0.22288 0.16416 0.26849 -0.03153 -0.04099 -0.04455 1008 U   A OP2   
248 O  "O5'" . U   A 8  ? 0.22026 0.15007 0.24392 -0.01275 -0.02713 -0.05545 1008 U   A "O5'" 
249 C  "C5'" . U   A 8  ? 0.22514 0.18976 0.23818 -0.01179 -0.02777 -0.04526 1008 U   A "C5'" 
250 C  "C4'" . U   A 8  ? 0.24243 0.19121 0.23697 -0.00229 -0.02504 -0.04649 1008 U   A "C4'" 
251 O  "O4'" . U   A 8  ? 0.22228 0.18844 0.22442 -0.01118 -0.03390 -0.04880 1008 U   A "O4'" 
252 C  "C3'" . U   A 8  ? 0.26458 0.19843 0.24336 0.01134  -0.01823 -0.04633 1008 U   A "C3'" 
253 O  "O3'" . U   A 8  ? 0.29290 0.21537 0.24533 0.01997  -0.01732 -0.04672 1008 U   A "O3'" 
254 C  "C2'" . U   A 8  ? 0.24182 0.22432 0.24501 0.00320  -0.01732 -0.03556 1008 U   A "C2'" 
255 O  "O2'" . U   A 8  ? 0.23387 0.28174 0.26567 0.00907  -0.00411 -0.01642 1008 U   A "O2'" 
256 C  "C1'" . U   A 8  ? 0.23530 0.18044 0.22299 -0.01120 -0.03472 -0.04443 1008 U   A "C1'" 
257 N  N1    . U   A 8  ? 0.23773 0.14812 0.21091 -0.01868 -0.04101 -0.05007 1008 U   A N1    
258 C  C2    . U   A 8  ? 0.24136 0.14245 0.21404 -0.02576 -0.04037 -0.04569 1008 U   A C2    
259 O  O2    . U   A 8  ? 0.24413 0.15044 0.22517 -0.02621 -0.02743 -0.03473 1008 U   A O2    
260 N  N3    . U   A 8  ? 0.25486 0.11779 0.20426 -0.01826 -0.04197 -0.04671 1008 U   A N3    
261 C  C4    . U   A 8  ? 0.25329 0.13146 0.19954 -0.01071 -0.04398 -0.03875 1008 U   A C4    
262 O  O4    . U   A 8  ? 0.25840 0.14404 0.19932 0.00896  -0.03963 -0.02508 1008 U   A O4    
263 C  C5    . U   A 8  ? 0.24773 0.13548 0.20074 -0.02057 -0.04345 -0.04149 1008 U   A C5    
264 C  C6    . U   A 8  ? 0.23845 0.14139 0.19923 -0.02339 -0.05081 -0.05576 1008 U   A C6    
275 P  P     . A   A 9  ? 0.32920 0.18108 0.25436 0.03353  -0.01157 -0.04354 1009 A   A P     
276 O  OP1   . A   A 9  ? 0.35461 0.17330 0.26921 0.04706  0.00647  -0.01637 1009 A   A OP1   
277 O  OP2   . A   A 9  ? 0.32704 0.20870 0.26547 0.02537  -0.00237 -0.04046 1009 A   A OP2   
278 O  "O5'" . A   A 9  ? 0.28240 0.20309 0.24747 0.03768  -0.01460 -0.02897 1009 A   A "O5'" 
279 C  "C5'" . A   A 9  ? 0.23329 0.19044 0.23862 0.03249  -0.02441 -0.03987 1009 A   A "C5'" 
280 C  "C4'" . A   A 9  ? 0.18421 0.17678 0.22994 0.01817  -0.03921 -0.04482 1009 A   A "C4'" 
281 O  "O4'" . A   A 9  ? 0.17032 0.18446 0.22459 0.02140  -0.04679 -0.04198 1009 A   A "O4'" 
282 C  "C3'" . A   A 9  ? 0.15619 0.16211 0.22714 0.00157  -0.04548 -0.04074 1009 A   A "C3'" 
283 O  "O3'" . A   A 9  ? 0.13902 0.15371 0.22770 -0.00695 -0.04856 -0.03618 1009 A   A "O3'" 
284 C  "C2'" . A   A 9  ? 0.13693 0.16258 0.22914 -0.00311 -0.04486 -0.03667 1009 A   A "C2'" 
285 O  "O2'" . A   A 9  ? 0.12788 0.16985 0.23277 -0.02259 -0.04082 -0.02967 1009 A   A "O2'" 
286 C  "C1'" . A   A 9  ? 0.14854 0.16922 0.22408 0.00507  -0.04629 -0.03797 1009 A   A "C1'" 
287 N  N9    . A   A 9  ? 0.16471 0.13584 0.21563 0.00239  -0.04463 -0.03771 1009 A   A N9    
288 C  C8    . A   A 9  ? 0.16443 0.13392 0.21099 -0.00055 -0.04713 -0.03051 1009 A   A C8    
289 N  N7    . A   A 9  ? 0.17761 0.12081 0.20867 0.00541  -0.04144 -0.02321 1009 A   A N7    
290 C  C5    . A   A 9  ? 0.17702 0.10101 0.20173 -0.00638 -0.04864 -0.03010 1009 A   A C5    
291 C  C6    . A   A 9  ? 0.16321 0.08361 0.20124 -0.01330 -0.05335 -0.02740 1009 A   A C6    
292 N  N6    . A   A 9  ? 0.15630 0.09038 0.20888 -0.00341 -0.05353 -0.02047 1009 A   A N6    
293 N  N1    . A   A 9  ? 0.15981 0.10473 0.19847 -0.01394 -0.05238 -0.01407 1009 A   A N1    
294 C  C2    . A   A 9  ? 0.16895 0.11448 0.20529 -0.01777 -0.04905 -0.02199 1009 A   A C2    
295 N  N3    . A   A 9  ? 0.16122 0.13392 0.20980 -0.01426 -0.04678 -0.02517 1009 A   A N3    
296 C  C4    . A   A 9  ? 0.16204 0.12688 0.20431 -0.00722 -0.05274 -0.03445 1009 A   A C4    
308 P  P     . G   A 10 ? 0.14461 0.14518 0.24211 -0.02066 -0.04181 -0.03949 1010 G   A P     
309 O  OP1   . G   A 10 ? 0.17765 0.15102 0.25142 -0.02110 -0.03547 -0.05103 1010 G   A OP1   
310 O  OP2   . G   A 10 ? 0.13767 0.18416 0.25094 -0.03557 -0.03897 -0.01949 1010 G   A OP2   
311 O  "O5'" . G   A 10 ? 0.13689 0.13838 0.22845 -0.02522 -0.04419 -0.03012 1010 G   A "O5'" 
312 C  "C5'" . G   A 10 ? 0.14605 0.15496 0.21303 -0.01880 -0.04602 -0.02856 1010 G   A "C5'" 
313 C  "C4'" . G   A 10 ? 0.14004 0.17111 0.20794 -0.02515 -0.04725 -0.02703 1010 G   A "C4'" 
314 O  "O4'" . G   A 10 ? 0.15025 0.14946 0.20794 -0.02671 -0.04701 -0.02748 1010 G   A "O4'" 
315 C  "C3'" . G   A 10 ? 0.14603 0.18427 0.20422 -0.02951 -0.04938 -0.02902 1010 G   A "C3'" 
316 O  "O3'" . G   A 10 ? 0.16423 0.20158 0.19819 -0.02099 -0.04973 -0.02957 1010 G   A "O3'" 
317 C  "C2'" . G   A 10 ? 0.14150 0.17743 0.20612 -0.04023 -0.04337 -0.01934 1010 G   A "C2'" 
318 O  "O2'" . G   A 10 ? 0.15652 0.18178 0.21076 -0.04217 -0.03270 -0.01024 1010 G   A "O2'" 
319 C  "C1'" . G   A 10 ? 0.13825 0.15388 0.19762 -0.03777 -0.05150 -0.02355 1010 G   A "C1'" 
320 N  N9    . G   A 10 ? 0.13804 0.13033 0.18595 -0.03418 -0.05476 -0.03052 1010 G   A N9    
321 C  C8    . G   A 10 ? 0.14315 0.12913 0.19199 -0.02822 -0.04752 -0.02450 1010 G   A C8    
322 N  N7    . G   A 10 ? 0.14102 0.13012 0.18773 -0.02396 -0.05031 -0.01952 1010 G   A N7    
323 C  C5    . G   A 10 ? 0.14360 0.12494 0.18932 -0.02298 -0.04353 -0.01764 1010 G   A C5    
324 C  C6    . G   A 10 ? 0.14539 0.09797 0.19018 -0.02939 -0.04006 -0.02046 1010 G   A C6    
325 O  O6    . G   A 10 ? 0.14174 0.10651 0.19647 -0.02997 -0.03730 -0.00837 1010 G   A O6    
326 N  N1    . G   A 10 ? 0.14952 0.08850 0.18346 -0.02551 -0.03512 -0.01795 1010 G   A N1    
327 C  C2    . G   A 10 ? 0.15077 0.09956 0.17935 -0.02857 -0.03487 -0.01606 1010 G   A C2    
328 N  N2    . G   A 10 ? 0.16360 0.10696 0.18140 -0.03503 -0.02989 0.00582  1010 G   A N2    
329 N  N3    . G   A 10 ? 0.13659 0.11892 0.17983 -0.03638 -0.03606 -0.02211 1010 G   A N3    
330 C  C4    . G   A 10 ? 0.14133 0.12212 0.18224 -0.02407 -0.04655 -0.03064 1010 G   A C4    
342 P  P     . C   A 11 ? 0.19298 0.19601 0.19977 -0.01116 -0.04416 -0.03797 1011 C   A P     
343 O  OP1   . C   A 11 ? 0.23682 0.21831 0.19764 0.00209  -0.04149 -0.05768 1011 C   A OP1   
344 O  OP2   . C   A 11 ? 0.20663 0.17292 0.21641 -0.00596 -0.04049 -0.04279 1011 C   A OP2   
345 O  "O5'" . C   A 11 ? 0.16559 0.20551 0.20619 -0.03432 -0.03477 -0.00554 1011 C   A "O5'" 
346 C  "C5'" . C   A 11 ? 0.15252 0.19742 0.20817 -0.04554 -0.03044 0.00788  1011 C   A "C5'" 
347 C  "C4'" . C   A 11 ? 0.15135 0.18434 0.20579 -0.05287 -0.02910 0.01052  1011 C   A "C4'" 
348 O  "O4'" . C   A 11 ? 0.15373 0.18008 0.20042 -0.05701 -0.03616 0.01143  1011 C   A "O4'" 
349 C  "C3'" . C   A 11 ? 0.16172 0.17269 0.19296 -0.05690 -0.03846 0.00231  1011 C   A "C3'" 
350 O  "O3'" . C   A 11 ? 0.17963 0.17570 0.17942 -0.05381 -0.03808 0.00901  1011 C   A "O3'" 
351 C  "C2'" . C   A 11 ? 0.16547 0.15734 0.20680 -0.05381 -0.03402 0.01385  1011 C   A "C2'" 
352 O  "O2'" . C   A 11 ? 0.16841 0.15210 0.21962 -0.05937 -0.03729 0.02030  1011 C   A "O2'" 
353 C  "C1'" . C   A 11 ? 0.15461 0.17059 0.19802 -0.05795 -0.03771 0.00760  1011 C   A "C1'" 
354 N  N1    . C   A 11 ? 0.15001 0.14852 0.18837 -0.06300 -0.04064 -0.00401 1011 C   A N1    
355 C  C2    . C   A 11 ? 0.15864 0.13572 0.18767 -0.05537 -0.04413 -0.01112 1011 C   A C2    
356 O  O2    . C   A 11 ? 0.17116 0.13251 0.19983 -0.04898 -0.02521 0.00024  1011 C   A O2    
357 N  N3    . C   A 11 ? 0.15704 0.11403 0.19102 -0.06113 -0.04397 -0.01972 1011 C   A N3    
358 C  C4    . C   A 11 ? 0.16193 0.11031 0.19150 -0.05631 -0.04391 -0.01849 1011 C   A C4    
359 N  N4    . C   A 11 ? 0.17945 0.10372 0.20042 -0.04750 -0.04023 -0.01160 1011 C   A N4    
360 C  C5    . C   A 11 ? 0.16174 0.13449 0.18938 -0.05208 -0.04122 -0.01195 1011 C   A C5    
361 C  C6    . C   A 11 ? 0.15745 0.13505 0.18092 -0.05584 -0.04908 -0.02090 1011 C   A C6    
373 P  P     . G   A 12 ? 0.19238 0.17234 0.19383 -0.03803 -0.03508 0.00749  1012 G   A P     
374 O  OP1   . G   A 12 ? 0.19761 0.20651 0.19948 -0.03537 -0.03561 0.00111  1012 G   A OP1   
375 O  OP2   . G   A 12 ? 0.22806 0.15715 0.20698 -0.02860 -0.03551 -0.00675 1012 G   A OP2   
376 O  "O5'" . G   A 12 ? 0.17158 0.16182 0.19202 -0.05433 -0.03882 0.01111  1012 G   A "O5'" 
377 C  "C5'" . G   A 12 ? 0.17576 0.16054 0.20357 -0.04952 -0.03364 0.01847  1012 G   A "C5'" 
378 C  "C4'" . G   A 12 ? 0.17626 0.14609 0.20965 -0.06279 -0.03443 0.00957  1012 G   A "C4'" 
379 O  "O4'" . G   A 12 ? 0.18074 0.12483 0.20933 -0.06856 -0.03211 0.00194  1012 G   A "O4'" 
380 C  "C3'" . G   A 12 ? 0.17446 0.13957 0.20807 -0.06244 -0.03828 0.01309  1012 G   A "C3'" 
381 O  "O3'" . G   A 12 ? 0.17689 0.16469 0.19890 -0.06079 -0.05064 0.00956  1012 G   A "O3'" 
382 C  "C2'" . G   A 12 ? 0.17441 0.12226 0.21914 -0.05653 -0.02246 0.02073  1012 G   A "C2'" 
383 O  "O2'" . G   A 12 ? 0.19611 0.13270 0.23492 -0.04646 -0.01683 0.02527  1012 G   A "O2'" 
384 C  "C1'" . G   A 12 ? 0.16717 0.11554 0.20467 -0.06282 -0.02842 0.01336  1012 G   A "C1'" 
385 N  N9    . G   A 12 ? 0.14598 0.10590 0.19570 -0.06219 -0.02852 0.00009  1012 G   A N9    
386 C  C8    . G   A 12 ? 0.15388 0.11084 0.19896 -0.05347 -0.03447 -0.01144 1012 G   A C8    
387 N  N7    . G   A 12 ? 0.13678 0.09953 0.19845 -0.05358 -0.03426 -0.01216 1012 G   A N7    
388 C  C5    . G   A 12 ? 0.14003 0.10221 0.19139 -0.04897 -0.03399 -0.01712 1012 G   A C5    
389 C  C6    . G   A 12 ? 0.14072 0.09738 0.19276 -0.03213 -0.03105 -0.01514 1012 G   A C6    
390 O  O6    . G   A 12 ? 0.15010 0.08995 0.18795 -0.02368 -0.02855 -0.01241 1012 G   A O6    
391 N  N1    . G   A 12 ? 0.13326 0.08339 0.19769 -0.03486 -0.02510 -0.01176 1012 G   A N1    
392 C  C2    . G   A 12 ? 0.14079 0.09433 0.19940 -0.04170 -0.02448 -0.00576 1012 G   A C2    
393 N  N2    . G   A 12 ? 0.15674 0.11358 0.20070 -0.02811 -0.02424 0.00282  1012 G   A N2    
394 N  N3    . G   A 12 ? 0.14272 0.10581 0.19232 -0.04755 -0.03276 -0.01346 1012 G   A N3    
395 C  C4    . G   A 12 ? 0.13911 0.10214 0.19551 -0.05226 -0.02536 -0.00702 1012 G   A C4    
408 NA NA    . NA  B .  ? 0.17705 0.11999 0.24088 0.02550  -0.01984 0.00502  1101 NA  A NA    
409 MG MG    A MG  C .  ? 0.37008 0.19203 0.46783 -0.02078 -0.16673 -0.06654 1102 MG  A MG    
410 NA NA    . NA  D .  ? 0.62192 0.67442 0.68414 -0.03371 0.02062  0.01064  1103 NA  A NA    
411 O  O     . HOH E .  ? 0.35519 0.77757 0.48616 -0.05708 0.11088  0.23896  1201 HOH A O     
412 O  O     . HOH E .  ? 0.40988 0.24707 0.60021 -0.02634 0.08511  0.16107  1202 HOH A O     
413 O  O     . HOH E .  ? 0.42098 0.43902 0.42084 -0.01802 0.04583  0.14420  1203 HOH A O     
414 O  O     . HOH E .  ? 0.43722 0.32513 0.25715 0.08475  -0.08498 0.01169  1204 HOH A O     
415 O  O     . HOH E .  ? 0.35574 0.38150 0.46032 -0.13289 -0.08044 0.00698  1205 HOH A O     
416 O  O     . HOH E .  ? 0.53444 0.22110 0.42944 0.12441  -0.06295 0.03151  1206 HOH A O     
417 O  O     . HOH E .  ? 0.93412 0.27694 0.27484 0.13050  -0.03931 -0.01015 1207 HOH A O     
418 O  O     . HOH E .  ? 0.18756 0.18606 0.46471 -0.01102 -0.04360 -0.03145 1208 HOH A O     
419 O  O     A HOH E .  ? 0.34003 0.45318 0.38105 0.02231  -0.01087 -0.01611 1209 HOH A O     
420 O  O     . HOH E .  ? 0.27072 0.40070 0.70265 -0.09026 -0.13838 0.25545  1210 HOH A O     
421 O  O     . HOH E .  ? 0.54834 0.75386 0.68205 -0.10551 0.28346  -0.03702 1211 HOH A O     
422 O  O     . HOH E .  ? 0.38567 0.38242 0.54556 -0.10466 -0.11986 0.25110  1212 HOH A O     
423 O  O     . HOH E .  ? 0.38303 0.52599 0.84046 -0.14376 -0.13258 -0.06355 1213 HOH A O     
424 O  O     . HOH E .  ? 0.60818 0.23538 0.36877 0.10046  -0.01638 -0.06797 1214 HOH A O     
425 O  O     . HOH E .  ? 0.19774 0.14027 0.40732 -0.04453 -0.05370 -0.02831 1215 HOH A O     
426 O  O     . HOH E .  ? 0.35709 0.18368 0.22465 -0.08198 -0.05767 -0.00462 1216 HOH A O     
427 O  O     . HOH E .  ? 0.25220 0.29004 0.41882 0.03586  0.04938  0.08164  1217 HOH A O     
428 O  O     . HOH E .  ? 0.57878 0.73535 0.63929 -0.05638 -0.01109 -0.01983 1218 HOH A O     
429 O  O     . HOH E .  ? 0.17138 0.15177 0.31858 -0.05534 0.00647  -0.04346 1219 HOH A O     
430 O  O     . HOH E .  ? 0.24226 0.32468 0.27585 -0.07172 -0.00586 0.01382  1220 HOH A O     
431 O  O     . HOH E .  ? 0.21059 0.24253 0.58380 0.04288  -0.13507 -0.09608 1221 HOH A O     
432 O  O     . HOH E .  ? 0.61557 0.19290 0.34492 -0.01570 0.04070  -0.08172 1222 HOH A O     
433 O  O     . HOH E .  ? 0.21404 0.14967 0.28985 -0.01467 -0.05250 -0.00233 1223 HOH A O     
434 O  O     . HOH E .  ? 0.21670 0.15974 0.21860 -0.01579 -0.06113 -0.02295 1224 HOH A O     
435 O  O     . HOH E .  ? 0.42848 0.23662 0.45591 0.00834  -0.15463 -0.13331 1225 HOH A O     
436 O  O     . HOH E .  ? 0.23121 0.58323 0.66872 -0.12455 -0.00922 -0.05139 1226 HOH A O     
437 O  O     . HOH E .  ? 0.53498 0.15729 0.38377 0.02055  -0.11513 -0.03820 1227 HOH A O     
438 O  O     . HOH E .  ? 0.35289 0.64350 0.40816 0.02820  -0.10616 -0.25338 1228 HOH A O     
439 O  O     . HOH E .  ? 0.42724 0.17811 0.32583 -0.08770 0.00396  -0.01563 1229 HOH A O     
440 O  O     . HOH E .  ? 0.22579 0.21649 0.30286 -0.05927 -0.03462 0.05482  1230 HOH A O     
441 O  O     . HOH E .  ? 0.50525 0.23199 0.42754 -0.07467 -0.03811 -0.14978 1231 HOH A O     
442 O  O     . HOH E .  ? 0.30533 0.42587 0.41334 -0.20192 0.06447  -0.04665 1232 HOH A O     
443 O  O     . HOH E .  ? 0.29317 0.21882 0.42272 0.01133  0.05012  0.11817  1233 HOH A O     
444 O  O     . HOH E .  ? 0.43297 0.22727 0.32223 -0.10045 -0.10733 0.03553  1234 HOH A O     
445 O  O     . HOH E .  ? 0.19525 0.15354 0.34344 0.00770  -0.03077 -0.02984 1235 HOH A O     
446 O  O     . HOH E .  ? 0.52811 0.14436 0.50456 0.05599  0.01038  0.01227  1236 HOH A O     
447 O  O     . HOH E .  ? 0.24085 0.43741 0.23045 -0.01301 -0.00203 0.01832  1237 HOH A O     
448 O  O     A HOH E .  ? 0.40386 0.38845 0.30548 0.06531  -0.00355 -0.05116 1238 HOH A O     
449 O  O     . HOH E .  ? 0.30723 0.37150 0.60009 -0.12210 0.07915  -0.21511 1239 HOH A O     
450 O  O     . HOH E .  ? 0.22335 0.19623 0.32271 -0.08312 -0.03937 0.05681  1240 HOH A O     
451 O  O     . HOH E .  ? 0.21458 0.19312 0.34085 -0.03241 -0.05887 0.01080  1241 HOH A O     
452 O  O     . HOH E .  ? 0.32651 0.37442 0.24640 -0.10506 -0.02655 -0.03148 1242 HOH A O     
453 O  O     . HOH E .  ? 0.36004 0.77563 0.34217 0.00822  0.03122  0.24979  1243 HOH A O     
454 O  O     . HOH E .  ? 0.21040 0.27632 0.37742 -0.02959 -0.00407 0.00678  1244 HOH A O     
455 O  O     . HOH E .  ? 0.48423 0.42373 0.67313 -0.02037 -0.05569 -0.28781 1245 HOH A O     
456 O  O     . HOH E .  ? 0.39622 0.25305 0.30907 -0.02137 0.11501  -0.05806 1246 HOH A O     
457 O  O     . HOH E .  ? 0.20941 0.36737 0.47376 0.00220  -0.02590 0.16748  1247 HOH A O     
458 O  O     . HOH E .  ? 0.21626 0.51260 0.42758 0.01343  -0.03507 -0.06396 1248 HOH A O     
459 O  O     . HOH E .  ? 0.46694 0.26812 0.37280 -0.07825 -0.06298 -0.12577 1249 HOH A O     
460 O  O     . HOH E .  ? 0.42166 0.43271 0.33553 0.02993  0.02495  -0.03262 1250 HOH A O     
461 O  O     . HOH E .  ? 0.24072 0.30231 0.43375 -0.00700 -0.05891 -0.16469 1251 HOH A O     
462 O  O     . HOH E .  ? 0.18593 0.55701 0.42547 -0.09095 -0.04265 -0.07649 1252 HOH A O     
463 O  O     . HOH E .  ? 0.29411 0.34485 0.25708 0.09860  -0.05602 -0.02467 1253 HOH A O     
464 O  O     . HOH E .  ? 0.72371 0.34186 0.59163 -0.11787 -0.05692 -0.21013 1254 HOH A O     
465 O  O     . HOH E .  ? 0.33763 0.41048 0.50100 -0.09748 0.04687  0.04152  1255 HOH A O     
466 O  O     . HOH E .  ? 0.74777 0.22933 0.41871 -0.03509 -0.16914 0.06703  1256 HOH A O     
467 O  O     . HOH E .  ? 0.24071 0.18722 0.32016 -0.06157 -0.03363 -0.00324 1257 HOH A O     
468 O  O     . HOH E .  ? 0.66782 0.69032 0.33905 -0.22038 -0.06307 0.18149  1258 HOH A O     
469 O  O     . HOH E .  ? 0.26884 0.22430 0.36684 0.01737  -0.09026 -0.00659 1259 HOH A O     
470 O  O     . HOH E .  ? 0.21674 0.26202 0.36771 -0.11181 -0.01151 -0.04188 1260 HOH A O     
471 O  O     . HOH E .  ? 0.60993 0.18438 0.34230 -0.08177 0.09098  -0.04341 1261 HOH A O     
472 O  O     . HOH E .  ? 0.31250 0.15280 0.52574 0.03691  -0.08161 0.02625  1262 HOH A O     
473 O  O     . HOH E .  ? 0.28749 0.16801 0.46378 -0.05642 -0.16323 0.06391  1263 HOH A O     
474 O  O     . HOH E .  ? 0.47927 0.61310 0.43804 -0.14706 0.10038  -0.25029 1264 HOH A O     
475 O  O     . HOH E .  ? 0.33567 0.16264 0.28689 -0.10423 -0.08304 0.00609  1265 HOH A O     
476 O  O     . HOH E .  ? 0.19105 0.28650 0.30923 -0.04498 -0.02846 0.03335  1266 HOH A O     
477 O  O     . HOH E .  ? 0.52602 0.42373 0.42810 0.03493  -0.19823 -0.10944 1267 HOH A O     
478 O  O     . HOH E .  ? 0.60759 0.66549 0.69798 -0.23278 -0.19303 -0.11227 1268 HOH A O     
479 O  O     . HOH E .  ? 0.29696 0.15090 0.23716 -0.05908 -0.05776 0.00256  1269 HOH A O     
480 O  O     . HOH E .  ? 0.36795 0.23249 0.49804 0.06923  -0.21224 -0.12904 1270 HOH A O     
481 O  O     . HOH E .  ? 0.58742 0.48271 0.28675 -0.04723 -0.17788 -0.06157 1271 HOH A O     
482 O  O     . HOH E .  ? 0.40897 0.29225 0.45951 -0.00444 0.16729  0.03947  1272 HOH A O     
483 O  O     . HOH E .  ? 0.49612 0.31006 0.26000 0.06408  -0.06581 -0.10878 1273 HOH A O     
484 O  O     . HOH E .  ? 0.38629 0.41952 0.58025 -0.08296 0.19288  0.10752  1274 HOH A O     
485 O  O     . HOH E .  ? 0.33989 0.37104 0.59814 0.15874  0.03600  0.11995  1275 HOH A O     
486 O  O     . HOH E .  ? 0.18800 0.47022 0.27405 -0.07488 -0.05888 0.09197  1276 HOH A O     
487 O  O     . HOH E .  ? 0.41206 0.45049 0.54091 0.06206  -0.00607 -0.26245 1277 HOH A O     
488 O  O     . HOH E .  ? 0.28694 0.25771 0.37649 -0.04077 0.02160  0.01941  1278 HOH A O     
489 O  O     . HOH E .  ? 0.31053 0.33217 0.46332 0.10712  -0.14162 0.02715  1279 HOH A O     
490 O  O     . HOH E .  ? 0.17901 0.23496 0.48401 -0.04039 0.00847  -0.14570 1280 HOH A O     
491 O  O     . HOH E .  ? 0.36409 0.69604 0.40530 -0.23797 -0.10516 0.23262  1281 HOH A O     
492 O  O     . HOH E .  ? 0.23297 0.21073 0.34153 -0.03079 0.00430  -0.00113 1282 HOH A O     
493 O  O     . HOH E .  ? 0.22739 0.35660 0.28020 -0.08910 -0.00759 -0.04857 1283 HOH A O     
494 O  O     . HOH E .  ? 0.29007 0.28698 0.90845 0.04009  -0.16552 -0.16004 1284 HOH A O     
495 O  O     . HOH E .  ? 0.33518 0.74402 0.50554 -0.17810 -0.03860 -0.19263 1285 HOH A O     
496 O  O     . HOH E .  ? 0.95704 0.39328 0.39758 0.07302  0.08805  -0.09959 1286 HOH A O     
497 O  O     A HOH E .  ? 0.47311 0.63658 0.68573 0.11818  0.18789  0.20997  1287 HOH A O     
498 O  O     . HOH E .  ? 0.55345 0.58539 0.48186 -0.05796 -0.03749 0.01009  1288 HOH A O     
499 O  O     . HOH E .  ? 0.45985 0.36359 0.37316 -0.01757 -0.02582 -0.04776 1289 HOH A O     
500 O  O     . HOH E .  ? 0.46871 0.36064 0.49830 -0.05600 -0.02955 -0.04074 1290 HOH A O     
501 O  O     . HOH E .  ? 0.87948 0.71670 0.42248 0.14458  -0.07915 0.22966  1291 HOH A O     
502 O  O     . HOH E .  ? 0.64547 0.24242 0.50731 -0.06072 -0.23472 -0.03689 1292 HOH A O     
503 O  O     . HOH E .  ? 0.48769 0.49058 0.56620 0.03302  0.07450  -0.02406 1293 HOH A O     
504 O  O     A HOH E .  ? 0.74870 0.41702 0.46311 0.00115  -0.03265 0.05845  1294 HOH A O     
505 O  O     . HOH E .  ? 0.56521 0.73632 0.23887 -0.04838 0.05902  -0.12662 1295 HOH A O     
506 O  O     . HOH E .  ? 0.62794 0.57461 0.24659 0.12230  -0.11060 -0.01811 1296 HOH A O     
507 O  O     . HOH E .  ? 0.63964 0.52501 0.69458 0.00510  -0.03066 -0.09311 1297 HOH A O     
508 O  O     . HOH E .  ? 0.52607 0.42004 0.58004 0.03043  -0.06625 0.01109  1298 HOH A O     
509 O  O     . HOH E .  ? 0.40978 0.26092 0.40511 0.08119  -0.04294 0.08635  1299 HOH A O     
510 O  O     . HOH E .  ? 0.50529 0.39982 0.66520 -0.05962 0.01573  0.05890  1300 HOH A O     
511 O  O     . HOH E .  ? 0.40277 0.47191 0.43009 -0.07725 -0.07384 -0.06119 1301 HOH A O     
512 O  O     . HOH E .  ? 0.42958 0.36419 0.57952 -0.03325 0.10705  -0.00542 1302 HOH A O     
513 O  O     . HOH E .  ? 0.55772 0.29825 0.71751 -0.12596 0.10855  0.13034  1303 HOH A O     
514 O  O     . HOH E .  ? 0.29244 0.76066 0.62444 0.10179  -0.04875 -0.13288 1304 HOH A O     
515 O  O     . HOH E .  ? 0.44653 0.39356 0.35414 0.03604  -0.02707 -0.00159 1305 HOH A O     
# 
